data_5AA4
#
_entry.id   5AA4
#
_cell.length_a   66.116
_cell.length_b   136.774
_cell.length_c   138.098
_cell.angle_alpha   90.00
_cell.angle_beta   92.34
_cell.angle_gamma   90.00
#
_symmetry.space_group_name_H-M   'P 1 21 1'
#
loop_
_entity.id
_entity.type
_entity.pdbx_description
1 polymer 'MEMBRANE-BOUND LYTIC MUREIN TRANSGLYCOSYLASE F'
2 polymer 'MEMBRANE-BOUND LYTIC MUREIN TRANSGLYCOSYLASE F'
3 non-polymer [6-[[(2~{R})-1-azanyl-1-oxidanylidene-propan-2-yl]amino]-6-oxidanylidene-5-[[(4~{R})-5-oxidanyl-5-oxidanylidene-4-[[(2~{S})-2-[[(2~{R})-2-oxidanylpropanoyl]amino]propanoyl]amino]pentanoyl]amino]hexyl]azanium
4 water water
#
loop_
_entity_poly.entity_id
_entity_poly.type
_entity_poly.pdbx_seq_one_letter_code
_entity_poly.pdbx_strand_id
1 'polypeptide(L)'
;QKEGVLRVITRNSPATYFQDRNGETGFEYELAKRFAERLGVELKIETADNLDDLYAQLSREGGPALAAAGLTPGREDDAS
VRYSHTYLDVTPQIIYRNGQQRPTRPEDLVGKRIMVLKGSSHAEQLAELKKQYPELKYEESDAVEVVDLLRMVDVGDIDL
TLVDSNELAMNQVYFPNVRVAFDFGEARGLAWALPGGDDDSLMNEVNAFLDQAKKEGLLQRLKDRYYGHVDVLGYVGAYT
FAQHLQQRLPRYESHFKQSGKQKDTDWRLLAAIGYQESLWQPGATSKTGVRGLMMLTNRTAQAMGVSNRLDPKQSIQGGS
KYFVQIRSELPESIKEPDRSWFALAAYNIGGAHLEDARKMAEKEGLNPNKWLDVKKMLPRLAQKQWYAKTRYGYARGGET
VHFVQNVRRYYDILTWVTQPQMEGSQIAESGLHLPGVNKTRPEEDSGDEKL
;
A,C
2 'polypeptide(L)'
;QKEGVLRVITRNSPATYFQDRNGETGFEYELAKRFAERLGVELKIETADNLDDLYAQLSREGGPALAAAGLTPGREDDAS
VRYSHTYLDVTPQIIYRNGQQRPTRPEDLVGKRIMVLKGSSHAEQLAELKKQYPELKYEESDAVEVVDLLRMVDVGDIDL
TLVDSNELAMNQVYFPNVRVAFDFGEARGLAWALPGGDDDSLMNEVNAFLDQAKKEGLLQRLKDRYYGHVDVLGYVGAYT
FTQHLQQRLPRYESHFKQSGKQKDTDWRLLAAIGYQESLWQPGATSKTGVRGLMMLTNRTAQAMGVSNRLDPKQSIQGGS
KYFVQIRSELPESIKEPDRSWFALAAYNIGGAHLEDARKMAEKEGLNPNKWLDVKKMLPRLAQKQWYAKTRYGYARGGET
VHFVQNVRRYYDILTWVTQPQMEGSQIAESGLHLPGVNKTRPEEDSGDEKL
;
B,D
#
loop_
_chem_comp.id
_chem_comp.type
_chem_comp.name
_chem_comp.formula
6X4 non-polymer [6-[[(2~{R})-1-azanyl-1-oxidanylidene-propan-2-yl]amino]-6-oxidanylidene-5-[[(4~{R})-5-oxidanyl-5-oxidanylidene-4-[[(2~{S})-2-[[(2~{R})-2-oxidanylpropanoyl]amino]propanoyl]amino]pentanoyl]amino]hexyl]azanium 'C20 H37 N6 O8 1'
#
# COMPACT_ATOMS: atom_id res chain seq x y z
N GLU A 3 -42.23 -27.56 46.41
CA GLU A 3 -41.21 -28.60 46.37
C GLU A 3 -40.70 -28.84 44.94
N GLY A 4 -41.14 -28.02 43.99
CA GLY A 4 -41.07 -28.36 42.58
C GLY A 4 -39.90 -27.83 41.74
N VAL A 5 -38.67 -28.09 42.19
CA VAL A 5 -37.47 -27.57 41.52
C VAL A 5 -36.31 -28.58 41.55
N LEU A 6 -36.01 -29.20 40.40
CA LEU A 6 -34.84 -30.10 40.23
C LEU A 6 -33.51 -29.34 40.02
N ARG A 7 -32.60 -29.48 40.99
CA ARG A 7 -31.26 -28.92 40.86
C ARG A 7 -30.33 -29.95 40.26
N VAL A 8 -29.79 -29.62 39.08
CA VAL A 8 -28.85 -30.46 38.36
C VAL A 8 -27.50 -29.72 38.25
N ILE A 9 -26.42 -30.36 38.71
CA ILE A 9 -25.10 -29.79 38.63
C ILE A 9 -24.39 -30.33 37.38
N THR A 10 -23.68 -29.46 36.65
CA THR A 10 -23.01 -29.86 35.41
C THR A 10 -21.74 -29.05 35.19
N ARG A 11 -21.12 -29.37 34.06
CA ARG A 11 -19.98 -28.60 33.59
C ARG A 11 -20.49 -27.61 32.53
N ASN A 12 -19.90 -26.42 32.57
CA ASN A 12 -20.07 -25.43 31.49
C ASN A 12 -19.08 -25.81 30.42
N SER A 13 -19.56 -26.42 29.35
CA SER A 13 -18.67 -26.91 28.30
C SER A 13 -19.59 -27.25 27.12
N PRO A 14 -19.03 -27.33 25.92
CA PRO A 14 -19.89 -27.56 24.74
C PRO A 14 -20.55 -28.93 24.68
N ALA A 15 -19.94 -29.86 25.36
CA ALA A 15 -20.44 -31.22 25.37
C ALA A 15 -21.57 -31.40 26.41
N THR A 16 -21.75 -30.43 27.30
CA THR A 16 -22.68 -30.64 28.42
C THR A 16 -23.74 -29.55 28.55
N TYR A 17 -23.32 -28.33 28.89
CA TYR A 17 -24.24 -27.22 29.11
C TYR A 17 -23.58 -25.88 28.77
N PHE A 18 -24.29 -25.02 28.04
CA PHE A 18 -23.78 -23.72 27.75
C PHE A 18 -24.87 -22.81 27.20
N GLN A 19 -24.59 -21.51 27.16
CA GLN A 19 -25.51 -20.56 26.53
C GLN A 19 -25.09 -20.12 25.12
N ASP A 20 -25.98 -20.29 24.16
CA ASP A 20 -25.80 -19.70 22.83
C ASP A 20 -26.72 -18.51 22.65
N ARG A 21 -26.99 -18.11 21.41
CA ARG A 21 -27.77 -16.90 21.15
C ARG A 21 -29.24 -17.10 21.47
N ASN A 22 -29.67 -18.35 21.48
CA ASN A 22 -31.06 -18.67 21.81
C ASN A 22 -31.34 -18.99 23.28
N GLY A 23 -30.32 -18.96 24.15
CA GLY A 23 -30.45 -19.42 25.52
C GLY A 23 -29.67 -20.71 25.79
N GLU A 24 -30.18 -21.50 26.73
CA GLU A 24 -29.45 -22.66 27.23
C GLU A 24 -29.50 -23.77 26.26
N THR A 25 -28.46 -24.59 26.22
CA THR A 25 -28.39 -25.66 25.26
C THR A 25 -27.30 -26.67 25.72
N GLY A 26 -27.08 -27.71 24.92
CA GLY A 26 -26.13 -28.77 25.24
C GLY A 26 -26.79 -30.13 25.44
N PHE A 27 -26.06 -31.22 25.15
CA PHE A 27 -26.58 -32.59 25.31
C PHE A 27 -27.18 -32.84 26.70
N GLU A 28 -26.38 -32.67 27.73
CA GLU A 28 -26.80 -32.85 29.10
C GLU A 28 -27.91 -31.89 29.44
N TYR A 29 -27.84 -30.66 28.95
CA TYR A 29 -28.89 -29.76 29.31
C TYR A 29 -30.28 -30.22 28.86
N GLU A 30 -30.35 -30.81 27.67
CA GLU A 30 -31.64 -31.15 27.09
C GLU A 30 -32.20 -32.40 27.80
N LEU A 31 -31.35 -33.43 27.89
CA LEU A 31 -31.64 -34.68 28.58
C LEU A 31 -32.18 -34.36 29.98
N ALA A 32 -31.55 -33.39 30.67
CA ALA A 32 -31.96 -32.98 32.00
C ALA A 32 -33.25 -32.18 31.96
N LYS A 33 -33.55 -31.60 30.81
CA LYS A 33 -34.75 -30.78 30.68
C LYS A 33 -35.93 -31.68 30.34
N ARG A 34 -35.77 -32.55 29.34
CA ARG A 34 -36.80 -33.52 29.04
C ARG A 34 -37.11 -34.43 30.28
N PHE A 35 -36.20 -34.49 31.25
CA PHE A 35 -36.45 -35.24 32.48
C PHE A 35 -37.19 -34.39 33.50
N ALA A 36 -36.78 -33.15 33.69
CA ALA A 36 -37.52 -32.35 34.65
C ALA A 36 -38.94 -32.05 34.13
N GLU A 37 -39.15 -32.18 32.84
CA GLU A 37 -40.47 -32.00 32.28
C GLU A 37 -41.32 -33.23 32.66
N ARG A 38 -40.73 -34.40 32.44
CA ARG A 38 -41.31 -35.69 32.80
C ARG A 38 -41.57 -35.85 34.33
N LEU A 39 -41.08 -34.92 35.14
CA LEU A 39 -41.31 -34.86 36.59
C LEU A 39 -42.23 -33.72 36.99
N GLY A 40 -42.63 -32.90 36.03
CA GLY A 40 -43.37 -31.67 36.30
C GLY A 40 -42.74 -30.67 37.25
N VAL A 41 -41.43 -30.46 37.13
CA VAL A 41 -40.77 -29.45 37.95
C VAL A 41 -39.95 -28.49 37.11
N GLU A 42 -39.52 -27.41 37.76
CA GLU A 42 -38.60 -26.44 37.19
C GLU A 42 -37.17 -26.98 37.22
N LEU A 43 -36.44 -26.86 36.11
CA LEU A 43 -35.02 -27.21 36.07
C LEU A 43 -34.11 -26.04 36.47
N LYS A 44 -33.32 -26.24 37.52
CA LYS A 44 -32.28 -25.31 37.87
C LYS A 44 -30.90 -25.92 37.62
N ILE A 45 -30.19 -25.35 36.64
CA ILE A 45 -28.85 -25.76 36.32
C ILE A 45 -27.90 -25.06 37.24
N GLU A 46 -26.97 -25.83 37.78
CA GLU A 46 -25.88 -25.25 38.54
C GLU A 46 -24.59 -25.76 37.92
N THR A 47 -23.60 -24.89 37.84
CA THR A 47 -22.37 -25.27 37.14
C THR A 47 -21.19 -25.33 38.11
N ALA A 48 -20.41 -26.38 38.01
CA ALA A 48 -19.31 -26.57 38.96
C ALA A 48 -18.01 -25.92 38.46
N ASP A 49 -17.09 -25.60 39.37
CA ASP A 49 -15.84 -24.96 38.99
C ASP A 49 -14.88 -25.97 38.32
N ASN A 50 -14.94 -27.21 38.74
CA ASN A 50 -14.05 -28.23 38.19
C ASN A 50 -14.61 -29.57 38.60
N LEU A 51 -14.00 -30.68 38.20
CA LEU A 51 -14.58 -31.95 38.58
C LEU A 51 -14.56 -32.26 40.07
N ASP A 52 -13.57 -31.82 40.84
CA ASP A 52 -13.50 -32.18 42.26
C ASP A 52 -14.65 -31.51 42.97
N ASP A 53 -14.87 -30.27 42.55
CA ASP A 53 -15.90 -29.43 43.12
C ASP A 53 -17.31 -29.90 42.78
N LEU A 54 -17.48 -30.47 41.59
CA LEU A 54 -18.74 -31.10 41.23
C LEU A 54 -19.07 -32.22 42.26
N TYR A 55 -18.15 -33.14 42.48
CA TYR A 55 -18.40 -34.23 43.40
C TYR A 55 -18.54 -33.65 44.82
N ALA A 56 -17.84 -32.57 45.13
CA ALA A 56 -17.97 -32.04 46.49
C ALA A 56 -19.40 -31.51 46.69
N GLN A 57 -19.91 -30.74 45.73
CA GLN A 57 -21.23 -30.12 45.87
C GLN A 57 -22.32 -31.23 45.91
N LEU A 58 -22.11 -32.33 45.18
CA LEU A 58 -23.08 -33.43 45.10
C LEU A 58 -23.29 -34.18 46.43
N SER A 59 -22.32 -34.06 47.31
CA SER A 59 -22.18 -34.93 48.45
C SER A 59 -22.31 -34.17 49.77
N ARG A 60 -22.38 -32.85 49.66
CA ARG A 60 -22.58 -32.02 50.82
C ARG A 60 -24.10 -31.91 50.92
N GLU A 61 -24.59 -31.67 52.13
CA GLU A 61 -25.98 -31.39 52.34
C GLU A 61 -26.13 -29.88 52.31
N GLY A 62 -27.24 -29.34 51.82
CA GLY A 62 -28.21 -30.01 50.97
C GLY A 62 -27.94 -29.51 49.58
N GLY A 63 -27.20 -30.32 48.83
CA GLY A 63 -26.79 -29.92 47.51
C GLY A 63 -27.73 -30.44 46.45
N PRO A 64 -27.28 -30.42 45.19
CA PRO A 64 -28.08 -30.77 44.03
C PRO A 64 -28.53 -32.23 43.97
N ALA A 65 -29.63 -32.46 43.28
CA ALA A 65 -30.22 -33.79 43.09
C ALA A 65 -29.28 -34.71 42.37
N LEU A 66 -28.70 -34.22 41.28
CA LEU A 66 -27.89 -35.06 40.46
C LEU A 66 -26.88 -34.27 39.64
N ALA A 67 -25.88 -35.00 39.19
CA ALA A 67 -24.87 -34.50 38.34
C ALA A 67 -25.05 -35.14 36.97
N ALA A 68 -25.18 -34.29 35.94
CA ALA A 68 -25.24 -34.73 34.55
C ALA A 68 -24.16 -34.00 33.74
N ALA A 69 -23.08 -34.69 33.39
CA ALA A 69 -21.83 -34.01 33.09
C ALA A 69 -20.84 -34.91 32.37
N GLY A 70 -21.37 -35.87 31.62
CA GLY A 70 -20.55 -36.81 30.91
C GLY A 70 -19.66 -37.63 31.82
N LEU A 71 -20.20 -38.13 32.92
CA LEU A 71 -19.39 -38.81 33.92
C LEU A 71 -19.20 -40.30 33.67
N THR A 72 -18.01 -40.81 33.92
CA THR A 72 -17.76 -42.23 33.82
C THR A 72 -18.01 -42.86 35.21
N PRO A 73 -18.91 -43.85 35.29
CA PRO A 73 -19.17 -44.37 36.65
C PRO A 73 -17.92 -44.92 37.34
N GLY A 74 -17.84 -44.66 38.64
CA GLY A 74 -16.82 -45.22 39.48
C GLY A 74 -17.30 -46.53 40.05
N ARG A 75 -16.61 -47.00 41.09
CA ARG A 75 -16.87 -48.27 41.75
C ARG A 75 -18.32 -48.52 42.19
N GLU A 76 -18.84 -49.70 41.93
CA GLU A 76 -20.18 -50.05 42.37
C GLU A 76 -20.27 -50.37 43.89
N ASP A 77 -19.18 -50.87 44.48
CA ASP A 77 -19.16 -51.10 45.93
C ASP A 77 -18.76 -49.85 46.73
N ASP A 78 -18.62 -48.71 46.06
CA ASP A 78 -18.60 -47.42 46.75
C ASP A 78 -20.00 -46.85 46.63
N ALA A 79 -20.67 -46.70 47.76
CA ALA A 79 -22.09 -46.35 47.76
C ALA A 79 -22.32 -44.87 48.07
N SER A 80 -21.24 -44.13 48.30
CA SER A 80 -21.22 -42.66 48.51
C SER A 80 -21.72 -41.86 47.31
N VAL A 81 -21.48 -42.40 46.13
CA VAL A 81 -21.97 -41.85 44.92
C VAL A 81 -22.56 -43.01 44.17
N ARG A 82 -23.77 -42.83 43.64
CA ARG A 82 -24.37 -43.87 42.82
C ARG A 82 -24.72 -43.42 41.39
N TYR A 83 -24.38 -44.23 40.42
CA TYR A 83 -24.57 -43.94 39.02
C TYR A 83 -25.81 -44.61 38.34
N SER A 84 -26.52 -43.80 37.56
CA SER A 84 -27.68 -44.26 36.82
C SER A 84 -27.33 -45.28 35.76
N HIS A 85 -28.30 -45.70 34.99
CA HIS A 85 -27.97 -46.55 33.85
C HIS A 85 -27.20 -45.67 32.85
N THR A 86 -26.46 -46.27 31.96
CA THR A 86 -25.67 -45.48 31.03
C THR A 86 -26.48 -45.03 29.79
N TYR A 87 -26.17 -43.85 29.27
CA TYR A 87 -26.95 -43.26 28.22
C TYR A 87 -26.14 -42.93 26.99
N LEU A 88 -24.85 -43.26 26.98
CA LEU A 88 -23.98 -42.93 25.86
C LEU A 88 -22.67 -43.65 26.04
N ASP A 89 -22.18 -44.27 24.98
CA ASP A 89 -20.99 -45.07 25.07
C ASP A 89 -19.82 -44.33 24.42
N VAL A 90 -18.67 -44.38 25.07
CA VAL A 90 -17.53 -43.62 24.61
C VAL A 90 -16.32 -44.46 24.87
N THR A 91 -15.21 -44.15 24.22
CA THR A 91 -13.96 -44.84 24.45
C THR A 91 -12.92 -43.76 24.68
N PRO A 92 -12.10 -43.84 25.77
CA PRO A 92 -11.05 -42.82 25.93
C PRO A 92 -10.05 -42.91 24.79
N GLN A 93 -9.51 -41.78 24.36
CA GLN A 93 -8.55 -41.79 23.26
C GLN A 93 -7.35 -40.88 23.50
N ILE A 94 -6.17 -41.40 23.27
CA ILE A 94 -5.00 -40.55 23.18
C ILE A 94 -5.04 -39.70 21.93
N ILE A 95 -4.73 -38.44 22.12
CA ILE A 95 -4.76 -37.44 21.06
C ILE A 95 -3.39 -36.81 20.90
N TYR A 96 -2.91 -36.77 19.66
CA TYR A 96 -1.64 -36.13 19.35
C TYR A 96 -1.87 -35.16 18.22
N ARG A 97 -0.79 -34.48 17.85
CA ARG A 97 -0.81 -33.47 16.81
C ARG A 97 -0.28 -34.00 15.48
N ASN A 98 -0.90 -33.57 14.38
CA ASN A 98 -0.46 -33.97 13.04
C ASN A 98 0.93 -33.40 12.80
N GLY A 99 1.83 -34.23 12.28
CA GLY A 99 3.22 -33.85 12.04
C GLY A 99 4.10 -34.05 13.24
N GLN A 100 3.71 -34.96 14.12
CA GLN A 100 4.55 -35.33 15.25
C GLN A 100 4.56 -36.83 15.34
N GLN A 101 5.44 -37.39 16.15
CA GLN A 101 5.54 -38.84 16.24
C GLN A 101 4.28 -39.40 16.91
N ARG A 102 3.46 -40.04 16.09
CA ARG A 102 2.27 -40.70 16.56
C ARG A 102 2.58 -41.85 17.54
N PRO A 103 2.25 -41.67 18.82
CA PRO A 103 2.50 -42.79 19.72
C PRO A 103 1.60 -43.99 19.38
N THR A 104 2.12 -45.20 19.50
CA THR A 104 1.38 -46.40 19.07
C THR A 104 0.92 -47.24 20.26
N ARG A 105 1.54 -47.06 21.41
CA ARG A 105 1.18 -47.80 22.63
C ARG A 105 1.51 -47.01 23.90
N PRO A 106 0.77 -47.30 24.99
CA PRO A 106 0.95 -46.65 26.29
C PRO A 106 2.38 -46.25 26.66
N GLU A 107 3.42 -46.98 26.22
CA GLU A 107 4.82 -46.64 26.61
C GLU A 107 5.31 -45.38 25.95
N ASP A 108 4.75 -45.08 24.78
CA ASP A 108 5.22 -43.98 23.98
C ASP A 108 4.85 -42.64 24.57
N LEU A 109 4.05 -42.64 25.64
CA LEU A 109 3.62 -41.41 26.31
C LEU A 109 4.74 -40.88 27.22
N VAL A 110 5.70 -41.74 27.52
CA VAL A 110 6.83 -41.29 28.33
C VAL A 110 7.63 -40.25 27.56
N GLY A 111 8.02 -39.19 28.24
CA GLY A 111 8.80 -38.14 27.62
C GLY A 111 8.02 -37.06 26.88
N LYS A 112 6.70 -37.24 26.75
CA LYS A 112 5.89 -36.21 26.12
C LYS A 112 5.27 -35.32 27.16
N ARG A 113 4.92 -34.09 26.75
CA ARG A 113 4.16 -33.22 27.64
C ARG A 113 2.68 -33.53 27.49
N ILE A 114 2.07 -33.91 28.60
CA ILE A 114 0.71 -34.45 28.65
C ILE A 114 -0.11 -33.67 29.62
N MET A 115 -1.35 -33.34 29.25
CA MET A 115 -2.22 -32.63 30.18
C MET A 115 -3.61 -33.24 30.19
N VAL A 116 -4.24 -33.33 31.39
CA VAL A 116 -5.63 -33.82 31.54
C VAL A 116 -6.33 -32.96 32.59
N LEU A 117 -7.66 -33.02 32.62
CA LEU A 117 -8.42 -32.37 33.68
C LEU A 117 -8.12 -33.06 34.98
N LYS A 118 -7.88 -32.25 35.98
CA LYS A 118 -7.75 -32.68 37.31
C LYS A 118 -9.09 -33.22 37.85
N GLY A 119 -9.02 -34.35 38.55
CA GLY A 119 -10.18 -35.02 39.15
C GLY A 119 -10.92 -35.95 38.22
N SER A 120 -10.31 -36.27 37.07
CA SER A 120 -11.02 -36.95 36.02
C SER A 120 -10.71 -38.44 35.91
N SER A 121 -11.66 -39.18 35.35
CA SER A 121 -11.48 -40.58 34.94
C SER A 121 -10.12 -40.71 34.30
N HIS A 122 -9.78 -39.71 33.51
CA HIS A 122 -8.64 -39.81 32.61
C HIS A 122 -7.32 -39.60 33.33
N ALA A 123 -7.31 -38.78 34.36
CA ALA A 123 -6.14 -38.65 35.22
C ALA A 123 -5.88 -39.98 35.98
N GLU A 124 -6.95 -40.69 36.36
CA GLU A 124 -6.81 -41.98 37.05
C GLU A 124 -6.22 -43.00 36.12
N GLN A 125 -6.62 -42.99 34.86
CA GLN A 125 -6.05 -43.91 33.90
C GLN A 125 -4.53 -43.73 33.82
N LEU A 126 -4.07 -42.48 33.86
CA LEU A 126 -2.63 -42.23 33.76
C LEU A 126 -1.89 -42.58 35.07
N ALA A 127 -2.48 -42.22 36.20
CA ALA A 127 -2.01 -42.64 37.52
C ALA A 127 -1.70 -44.15 37.56
N GLU A 128 -2.62 -44.93 37.01
CA GLU A 128 -2.49 -46.36 36.93
C GLU A 128 -1.34 -46.74 36.03
N LEU A 129 -1.32 -46.15 34.83
CA LEU A 129 -0.29 -46.42 33.86
C LEU A 129 1.11 -46.12 34.40
N LYS A 130 1.19 -45.18 35.33
CA LYS A 130 2.46 -44.72 35.92
C LYS A 130 3.02 -45.66 37.01
N LYS A 131 2.18 -46.57 37.47
CA LYS A 131 2.70 -47.62 38.32
C LYS A 131 3.42 -48.60 37.41
N GLN A 132 2.81 -48.88 36.26
CA GLN A 132 3.45 -49.70 35.25
C GLN A 132 4.62 -49.00 34.53
N TYR A 133 4.70 -47.65 34.57
CA TYR A 133 5.85 -46.92 33.98
C TYR A 133 6.14 -45.66 34.73
N PRO A 134 6.97 -45.77 35.76
CA PRO A 134 7.25 -44.59 36.57
C PRO A 134 7.89 -43.45 35.79
N GLU A 135 8.38 -43.69 34.58
CA GLU A 135 8.98 -42.59 33.83
C GLU A 135 7.89 -41.60 33.32
N LEU A 136 6.65 -42.06 33.29
CA LEU A 136 5.55 -41.25 32.77
C LEU A 136 5.37 -40.01 33.59
N LYS A 137 5.19 -38.89 32.93
CA LYS A 137 4.89 -37.65 33.59
C LYS A 137 3.64 -37.10 32.90
N TYR A 138 2.76 -36.46 33.66
CA TYR A 138 1.62 -35.78 33.05
C TYR A 138 1.16 -34.67 33.96
N GLU A 139 0.50 -33.66 33.43
CA GLU A 139 0.04 -32.52 34.22
C GLU A 139 -1.50 -32.50 34.40
N GLU A 140 -1.97 -31.94 35.51
CA GLU A 140 -3.38 -31.88 35.86
C GLU A 140 -3.77 -30.46 36.14
N SER A 141 -4.95 -30.08 35.70
CA SER A 141 -5.40 -28.73 35.91
C SER A 141 -6.91 -28.63 36.06
N ASP A 142 -7.31 -27.76 36.99
CA ASP A 142 -8.68 -27.32 37.20
C ASP A 142 -9.09 -26.08 36.39
N ALA A 143 -8.15 -25.43 35.74
CA ALA A 143 -8.46 -24.24 34.99
C ALA A 143 -8.50 -24.57 33.50
N VAL A 144 -8.72 -25.83 33.16
CA VAL A 144 -9.05 -26.16 31.78
C VAL A 144 -10.23 -27.11 31.65
N GLU A 145 -10.86 -27.03 30.50
CA GLU A 145 -11.90 -27.95 30.04
C GLU A 145 -11.36 -28.70 28.87
N VAL A 146 -12.06 -29.75 28.45
CA VAL A 146 -11.62 -30.62 27.35
C VAL A 146 -11.36 -29.80 26.07
N VAL A 147 -12.18 -28.81 25.78
CA VAL A 147 -11.90 -27.91 24.67
C VAL A 147 -10.52 -27.19 24.74
N ASP A 148 -10.03 -26.81 25.93
CA ASP A 148 -8.70 -26.27 26.11
C ASP A 148 -7.61 -27.28 25.75
N LEU A 149 -7.75 -28.53 26.21
CA LEU A 149 -6.77 -29.55 25.94
C LEU A 149 -6.60 -29.74 24.43
N LEU A 150 -7.70 -29.84 23.69
CA LEU A 150 -7.62 -30.12 22.25
C LEU A 150 -6.95 -28.92 21.56
N ARG A 151 -7.32 -27.73 22.01
CA ARG A 151 -6.71 -26.49 21.48
C ARG A 151 -5.19 -26.54 21.72
N MET A 152 -4.81 -26.90 22.93
CA MET A 152 -3.39 -26.89 23.28
C MET A 152 -2.63 -27.92 22.39
N VAL A 153 -3.23 -29.07 22.13
CA VAL A 153 -2.65 -30.03 21.17
C VAL A 153 -2.63 -29.44 19.73
N ASP A 154 -3.79 -29.05 19.23
CA ASP A 154 -3.89 -28.33 17.96
C ASP A 154 -2.75 -27.30 17.73
N VAL A 155 -2.48 -26.40 18.70
CA VAL A 155 -1.54 -25.31 18.46
C VAL A 155 -0.13 -25.68 18.90
N GLY A 156 0.04 -26.84 19.52
CA GLY A 156 1.35 -27.33 19.90
C GLY A 156 1.88 -26.90 21.26
N ASP A 157 1.04 -26.36 22.12
CA ASP A 157 1.42 -26.08 23.50
C ASP A 157 1.60 -27.36 24.37
N ILE A 158 1.04 -28.51 23.96
CA ILE A 158 1.32 -29.81 24.62
C ILE A 158 1.31 -30.84 23.55
N ASP A 159 1.88 -32.00 23.83
CA ASP A 159 2.08 -33.00 22.79
C ASP A 159 0.89 -33.95 22.70
N LEU A 160 0.35 -34.34 23.86
CA LEU A 160 -0.69 -35.37 23.93
C LEU A 160 -1.78 -35.02 24.95
N THR A 161 -2.99 -35.48 24.72
CA THR A 161 -3.96 -35.49 25.81
C THR A 161 -4.77 -36.76 25.77
N LEU A 162 -5.66 -36.93 26.75
CA LEU A 162 -6.51 -38.12 26.86
C LEU A 162 -7.95 -37.73 27.13
N VAL A 163 -8.88 -38.04 26.22
CA VAL A 163 -10.29 -37.64 26.39
C VAL A 163 -11.30 -38.68 25.91
N ASP A 164 -12.55 -38.54 26.33
CA ASP A 164 -13.61 -39.39 25.79
C ASP A 164 -13.86 -39.09 24.29
N SER A 165 -14.20 -40.14 23.54
CA SER A 165 -14.30 -40.04 22.06
C SER A 165 -15.41 -39.10 21.61
N ASN A 166 -16.46 -38.98 22.41
CA ASN A 166 -17.54 -38.05 22.11
C ASN A 166 -17.14 -36.57 22.15
N GLU A 167 -16.11 -36.31 22.94
CA GLU A 167 -15.57 -34.99 23.08
C GLU A 167 -14.83 -34.67 21.80
N LEU A 168 -14.14 -35.68 21.29
CA LEU A 168 -13.49 -35.59 20.00
C LEU A 168 -14.53 -35.43 18.86
N ALA A 169 -15.65 -36.14 18.91
CA ALA A 169 -16.62 -36.01 17.80
C ALA A 169 -17.16 -34.57 17.74
N MET A 170 -17.45 -34.04 18.89
CA MET A 170 -17.95 -32.72 19.07
C MET A 170 -16.99 -31.67 18.53
N ASN A 171 -15.70 -31.82 18.82
CA ASN A 171 -14.75 -30.71 18.64
C ASN A 171 -13.77 -30.88 17.48
N GLN A 172 -13.62 -32.09 16.98
CA GLN A 172 -12.61 -32.40 15.94
C GLN A 172 -12.59 -31.33 14.87
N VAL A 173 -13.76 -31.00 14.34
CA VAL A 173 -13.86 -30.11 13.20
C VAL A 173 -13.25 -28.71 13.48
N TYR A 174 -13.17 -28.32 14.73
CA TYR A 174 -12.64 -27.01 15.08
C TYR A 174 -11.16 -27.03 15.44
N PHE A 175 -10.53 -28.18 15.40
CA PHE A 175 -9.09 -28.31 15.68
C PHE A 175 -8.52 -29.22 14.60
N PRO A 176 -8.15 -28.64 13.46
CA PRO A 176 -7.74 -29.44 12.29
C PRO A 176 -6.50 -30.27 12.52
N ASN A 177 -5.63 -29.84 13.44
CA ASN A 177 -4.36 -30.53 13.61
C ASN A 177 -4.44 -31.75 14.52
N VAL A 178 -5.56 -32.01 15.16
CA VAL A 178 -5.57 -33.15 16.11
C VAL A 178 -6.01 -34.49 15.55
N ARG A 179 -5.51 -35.54 16.20
CA ARG A 179 -5.58 -36.88 15.64
C ARG A 179 -5.64 -37.95 16.72
N VAL A 180 -6.42 -39.00 16.50
CA VAL A 180 -6.43 -40.11 17.43
C VAL A 180 -5.15 -40.93 17.29
N ALA A 181 -4.45 -41.18 18.40
CA ALA A 181 -3.30 -42.08 18.36
C ALA A 181 -3.73 -43.54 18.60
N PHE A 182 -4.43 -43.81 19.69
CA PHE A 182 -5.04 -45.12 19.89
C PHE A 182 -6.15 -45.03 20.95
N ASP A 183 -7.08 -45.99 20.92
CA ASP A 183 -8.07 -46.12 21.99
C ASP A 183 -7.29 -46.60 23.20
N PHE A 184 -7.69 -46.18 24.37
CA PHE A 184 -6.90 -46.45 25.56
C PHE A 184 -7.89 -46.71 26.66
N GLY A 185 -8.35 -47.95 26.67
CA GLY A 185 -9.36 -48.43 27.61
C GLY A 185 -10.50 -49.06 26.82
N GLU A 186 -11.33 -49.84 27.49
CA GLU A 186 -12.51 -50.37 26.84
C GLU A 186 -13.59 -49.31 26.68
N ALA A 187 -14.46 -49.46 25.69
CA ALA A 187 -15.67 -48.64 25.63
C ALA A 187 -16.44 -48.73 26.96
N ARG A 188 -17.09 -47.65 27.36
CA ARG A 188 -17.92 -47.68 28.54
C ARG A 188 -18.98 -46.59 28.37
N GLY A 189 -19.96 -46.64 29.25
CA GLY A 189 -21.12 -45.81 29.14
C GLY A 189 -21.10 -44.76 30.24
N LEU A 190 -21.45 -43.55 29.85
CA LEU A 190 -21.55 -42.44 30.75
C LEU A 190 -22.87 -42.52 31.51
N ALA A 191 -22.92 -41.88 32.66
CA ALA A 191 -24.08 -42.00 33.51
C ALA A 191 -24.19 -40.78 34.41
N TRP A 192 -25.43 -40.50 34.83
CA TRP A 192 -25.67 -39.48 35.82
C TRP A 192 -25.29 -40.01 37.22
N ALA A 193 -24.91 -39.05 38.07
CA ALA A 193 -24.38 -39.36 39.39
C ALA A 193 -25.30 -38.75 40.41
N LEU A 194 -25.76 -39.55 41.38
CA LEU A 194 -26.58 -39.01 42.46
C LEU A 194 -25.81 -39.32 43.72
N PRO A 195 -25.94 -38.50 44.75
CA PRO A 195 -25.36 -38.95 46.02
C PRO A 195 -26.06 -40.20 46.58
N GLY A 196 -25.32 -41.05 47.29
CA GLY A 196 -25.94 -42.15 48.03
C GLY A 196 -26.63 -41.62 49.28
N GLY A 197 -27.72 -42.23 49.71
CA GLY A 197 -28.24 -43.43 49.11
C GLY A 197 -29.46 -44.09 49.75
N ASP A 198 -29.98 -43.59 50.88
CA ASP A 198 -31.03 -44.37 51.58
C ASP A 198 -32.41 -44.41 50.90
N ASP A 199 -32.79 -43.32 50.20
CA ASP A 199 -34.03 -43.29 49.43
C ASP A 199 -33.71 -43.44 47.95
N ASP A 200 -34.46 -44.32 47.30
CA ASP A 200 -34.35 -44.61 45.86
C ASP A 200 -35.46 -44.03 44.99
N SER A 201 -36.28 -43.16 45.57
CA SER A 201 -37.28 -42.39 44.83
C SER A 201 -36.70 -41.82 43.51
N LEU A 202 -35.72 -40.94 43.65
CA LEU A 202 -35.14 -40.24 42.51
C LEU A 202 -34.44 -41.16 41.51
N MET A 203 -33.65 -42.10 42.03
CA MET A 203 -32.80 -42.91 41.17
C MET A 203 -33.66 -43.78 40.33
N ASN A 204 -34.78 -44.23 40.90
CA ASN A 204 -35.65 -45.10 40.13
C ASN A 204 -36.36 -44.32 39.06
N GLU A 205 -36.73 -43.09 39.35
CA GLU A 205 -37.30 -42.25 38.32
C GLU A 205 -36.26 -41.96 37.21
N VAL A 206 -35.02 -41.58 37.58
CA VAL A 206 -33.96 -41.35 36.60
C VAL A 206 -33.81 -42.53 35.63
N ASN A 207 -33.69 -43.74 36.15
CA ASN A 207 -33.50 -44.88 35.26
C ASN A 207 -34.72 -45.27 34.37
N ALA A 208 -35.92 -44.95 34.83
CA ALA A 208 -37.11 -45.25 34.06
C ALA A 208 -37.05 -44.35 32.83
N PHE A 209 -36.75 -43.08 33.11
CA PHE A 209 -36.54 -42.10 32.07
C PHE A 209 -35.45 -42.53 31.07
N LEU A 210 -34.25 -42.85 31.56
CA LEU A 210 -33.14 -43.12 30.66
C LEU A 210 -33.36 -44.37 29.85
N ASP A 211 -34.15 -45.29 30.41
CA ASP A 211 -34.56 -46.48 29.68
C ASP A 211 -35.61 -46.11 28.64
N GLN A 212 -36.59 -45.30 29.00
CA GLN A 212 -37.62 -44.93 28.04
C GLN A 212 -36.99 -44.14 26.87
N ALA A 213 -36.01 -43.30 27.17
CA ALA A 213 -35.40 -42.45 26.16
C ALA A 213 -34.57 -43.28 25.20
N LYS A 214 -34.38 -44.55 25.54
CA LYS A 214 -33.70 -45.53 24.68
C LYS A 214 -34.38 -46.89 24.94
N LYS A 215 -35.33 -47.35 24.13
CA LYS A 215 -35.70 -46.89 22.79
C LYS A 215 -36.94 -46.01 22.78
N GLU A 216 -37.16 -45.32 21.66
CA GLU A 216 -37.95 -44.09 21.55
C GLU A 216 -37.03 -43.10 20.83
N GLY A 217 -35.75 -43.47 20.73
CA GLY A 217 -34.79 -42.77 19.90
C GLY A 217 -34.21 -41.50 20.49
N LEU A 218 -34.73 -41.06 21.63
CA LEU A 218 -34.35 -39.77 22.19
C LEU A 218 -32.85 -39.60 22.30
N LEU A 219 -32.17 -40.60 22.81
CA LEU A 219 -30.73 -40.51 22.92
C LEU A 219 -30.04 -40.39 21.56
N GLN A 220 -30.42 -41.22 20.58
CA GLN A 220 -29.81 -41.15 19.26
C GLN A 220 -30.16 -39.82 18.58
N ARG A 221 -31.34 -39.31 18.89
CA ARG A 221 -31.72 -37.99 18.41
C ARG A 221 -30.61 -37.01 18.78
N LEU A 222 -30.37 -36.92 20.10
CA LEU A 222 -29.38 -36.02 20.67
C LEU A 222 -27.98 -36.29 20.19
N LYS A 223 -27.60 -37.56 20.19
CA LYS A 223 -26.25 -37.95 19.79
C LYS A 223 -25.97 -37.40 18.38
N ASP A 224 -26.99 -37.23 17.57
CA ASP A 224 -26.80 -36.85 16.17
C ASP A 224 -26.84 -35.34 15.98
N ARG A 225 -27.75 -34.67 16.68
CA ARG A 225 -27.77 -33.22 16.68
C ARG A 225 -26.37 -32.68 16.96
N TYR A 226 -25.72 -33.22 17.98
CA TYR A 226 -24.49 -32.62 18.48
C TYR A 226 -23.20 -33.24 17.84
N TYR A 227 -23.09 -34.57 17.66
CA TYR A 227 -21.87 -35.17 17.05
C TYR A 227 -21.47 -34.61 15.66
N GLY A 228 -20.17 -34.33 15.48
CA GLY A 228 -19.58 -34.01 14.19
C GLY A 228 -20.03 -32.69 13.56
N HIS A 229 -20.99 -32.05 14.19
CA HIS A 229 -21.68 -30.93 13.56
C HIS A 229 -20.78 -29.73 13.27
N VAL A 230 -21.04 -29.05 12.14
CA VAL A 230 -20.11 -28.03 11.63
C VAL A 230 -20.32 -26.64 12.26
N ASP A 231 -21.55 -26.09 12.27
CA ASP A 231 -21.91 -24.79 12.91
C ASP A 231 -21.82 -23.58 11.95
N VAL A 232 -20.61 -23.11 11.64
CA VAL A 232 -20.34 -22.03 10.65
C VAL A 232 -19.63 -22.53 9.37
N LEU A 233 -20.29 -22.40 8.21
CA LEU A 233 -19.71 -22.91 6.95
C LEU A 233 -18.37 -22.27 6.57
N GLY A 234 -17.48 -23.06 5.99
CA GLY A 234 -16.22 -22.53 5.48
C GLY A 234 -16.39 -21.66 4.23
N TYR A 235 -15.42 -20.76 4.04
CA TYR A 235 -15.40 -19.93 2.88
C TYR A 235 -15.34 -20.84 1.65
N VAL A 236 -16.17 -20.56 0.67
CA VAL A 236 -16.27 -21.43 -0.51
C VAL A 236 -15.28 -21.14 -1.64
N GLY A 237 -14.63 -19.98 -1.60
CA GLY A 237 -13.66 -19.61 -2.60
C GLY A 237 -14.28 -18.86 -3.74
N ALA A 238 -13.45 -18.16 -4.52
CA ALA A 238 -14.00 -17.31 -5.56
C ALA A 238 -14.63 -18.11 -6.69
N TYR A 239 -14.14 -19.30 -6.99
CA TYR A 239 -14.75 -20.08 -8.07
C TYR A 239 -16.23 -20.43 -7.75
N THR A 240 -16.52 -20.88 -6.54
CA THR A 240 -17.88 -21.31 -6.29
C THR A 240 -18.83 -20.10 -6.13
N PHE A 241 -18.30 -19.04 -5.52
CA PHE A 241 -19.11 -17.85 -5.27
C PHE A 241 -19.44 -17.28 -6.61
N ALA A 242 -18.47 -17.56 -7.47
CA ALA A 242 -18.32 -17.01 -8.79
C ALA A 242 -19.60 -16.57 -9.44
N GLN A 243 -20.55 -17.35 -9.94
CA GLN A 243 -20.88 -18.79 -10.12
C GLN A 243 -22.28 -18.97 -9.51
N HIS A 244 -22.38 -19.04 -8.18
CA HIS A 244 -23.65 -18.83 -7.48
C HIS A 244 -24.12 -17.38 -7.66
N LEU A 245 -23.18 -16.48 -7.79
CA LEU A 245 -23.54 -15.16 -8.32
C LEU A 245 -24.34 -15.23 -9.63
N GLN A 246 -23.99 -16.17 -10.49
CA GLN A 246 -24.64 -16.31 -11.82
C GLN A 246 -25.88 -17.21 -11.71
N GLN A 247 -25.74 -18.36 -11.04
CA GLN A 247 -26.80 -19.35 -10.97
C GLN A 247 -27.95 -19.05 -9.93
N ARG A 248 -27.64 -18.40 -8.79
CA ARG A 248 -28.59 -18.28 -7.68
C ARG A 248 -29.02 -16.87 -7.34
N LEU A 249 -28.07 -15.91 -7.22
CA LEU A 249 -28.41 -14.56 -6.80
C LEU A 249 -29.54 -13.90 -7.59
N PRO A 250 -29.61 -14.13 -8.91
CA PRO A 250 -30.67 -13.39 -9.64
C PRO A 250 -32.11 -13.77 -9.25
N ARG A 251 -32.29 -14.99 -8.78
CA ARG A 251 -33.55 -15.37 -8.15
C ARG A 251 -33.95 -14.56 -6.89
N TYR A 252 -33.01 -13.89 -6.21
CA TYR A 252 -33.27 -13.38 -4.86
C TYR A 252 -32.87 -11.93 -4.69
N GLU A 253 -32.18 -11.42 -5.70
CA GLU A 253 -31.61 -10.06 -5.63
C GLU A 253 -32.64 -9.03 -5.36
N SER A 254 -33.77 -9.13 -6.04
CA SER A 254 -34.88 -8.18 -5.82
C SER A 254 -35.41 -8.17 -4.40
N HIS A 255 -35.49 -9.33 -3.77
CA HIS A 255 -35.91 -9.41 -2.37
C HIS A 255 -34.85 -8.75 -1.50
N PHE A 256 -33.58 -8.98 -1.80
CA PHE A 256 -32.54 -8.31 -0.99
C PHE A 256 -32.62 -6.83 -1.22
N LYS A 257 -32.85 -6.43 -2.45
CA LYS A 257 -32.93 -5.01 -2.73
C LYS A 257 -34.15 -4.36 -2.02
N GLN A 258 -35.32 -4.98 -2.08
CA GLN A 258 -36.49 -4.42 -1.38
C GLN A 258 -36.29 -4.36 0.18
N SER A 259 -35.78 -5.41 0.81
CA SER A 259 -35.48 -5.34 2.25
C SER A 259 -34.44 -4.27 2.52
N GLY A 260 -33.45 -4.17 1.64
CA GLY A 260 -32.55 -3.02 1.71
C GLY A 260 -33.23 -1.67 1.76
N LYS A 261 -34.16 -1.40 0.84
CA LYS A 261 -34.82 -0.08 0.87
C LYS A 261 -35.60 0.06 2.18
N GLN A 262 -36.41 -0.95 2.51
CA GLN A 262 -37.32 -0.89 3.67
C GLN A 262 -36.62 -0.58 4.96
N LYS A 263 -35.40 -1.03 5.08
CA LYS A 263 -34.70 -0.95 6.33
C LYS A 263 -33.54 -0.01 6.29
N ASP A 264 -33.45 0.71 5.17
CA ASP A 264 -32.42 1.73 4.95
C ASP A 264 -31.09 1.14 5.27
N THR A 265 -30.64 0.26 4.40
CA THR A 265 -29.40 -0.42 4.62
C THR A 265 -28.87 -1.08 3.33
N ASP A 266 -27.57 -1.34 3.31
CA ASP A 266 -26.91 -1.87 2.12
C ASP A 266 -27.36 -3.31 1.86
N TRP A 267 -28.00 -3.50 0.73
CA TRP A 267 -28.56 -4.79 0.33
C TRP A 267 -27.51 -5.83 0.11
N ARG A 268 -26.28 -5.39 -0.16
CA ARG A 268 -25.22 -6.34 -0.45
C ARG A 268 -24.77 -7.02 0.84
N LEU A 269 -24.78 -6.30 1.96
CA LEU A 269 -24.45 -6.98 3.19
C LEU A 269 -25.56 -8.01 3.59
N LEU A 270 -26.83 -7.71 3.29
CA LEU A 270 -27.93 -8.69 3.54
C LEU A 270 -27.67 -9.93 2.76
N ALA A 271 -27.26 -9.74 1.51
CA ALA A 271 -27.08 -10.82 0.58
C ALA A 271 -25.87 -11.66 0.98
N ALA A 272 -24.86 -11.00 1.55
CA ALA A 272 -23.70 -11.68 2.05
C ALA A 272 -24.03 -12.58 3.22
N ILE A 273 -24.77 -12.06 4.20
CA ILE A 273 -25.31 -12.91 5.28
C ILE A 273 -26.03 -14.14 4.75
N GLY A 274 -27.00 -13.92 3.86
CA GLY A 274 -27.73 -15.00 3.21
C GLY A 274 -26.81 -16.01 2.58
N TYR A 275 -25.69 -15.53 2.04
CA TYR A 275 -24.80 -16.46 1.35
C TYR A 275 -24.10 -17.36 2.37
N GLN A 276 -23.43 -16.76 3.35
CA GLN A 276 -22.85 -17.52 4.49
C GLN A 276 -23.84 -18.43 5.18
N GLU A 277 -25.08 -17.99 5.32
CA GLU A 277 -26.07 -18.80 6.05
C GLU A 277 -26.48 -20.03 5.21
N SER A 278 -26.89 -19.83 3.95
CA SER A 278 -27.43 -20.95 3.14
C SER A 278 -26.89 -21.15 1.72
N LEU A 279 -25.89 -20.40 1.36
CA LEU A 279 -25.42 -20.30 -0.02
C LEU A 279 -26.60 -19.99 -0.94
N TRP A 280 -27.49 -19.16 -0.45
CA TRP A 280 -28.69 -18.75 -1.18
C TRP A 280 -29.56 -19.94 -1.60
N GLN A 281 -29.86 -20.82 -0.65
CA GLN A 281 -30.74 -21.97 -0.91
C GLN A 281 -31.96 -21.88 0.01
N PRO A 282 -33.15 -21.59 -0.55
CA PRO A 282 -34.27 -21.35 0.38
C PRO A 282 -34.78 -22.61 1.12
N GLY A 283 -34.42 -23.81 0.69
CA GLY A 283 -34.81 -25.05 1.35
C GLY A 283 -33.78 -25.62 2.27
N ALA A 284 -32.75 -24.84 2.64
CA ALA A 284 -31.71 -25.34 3.55
C ALA A 284 -32.20 -25.49 4.98
N THR A 285 -31.64 -26.49 5.66
CA THR A 285 -31.86 -26.81 7.08
C THR A 285 -30.71 -27.42 7.81
N SER A 286 -30.85 -27.43 9.13
CA SER A 286 -29.91 -28.04 10.01
C SER A 286 -30.67 -28.82 11.09
N LYS A 287 -30.06 -29.87 11.63
CA LYS A 287 -30.54 -30.52 12.84
C LYS A 287 -30.63 -29.55 14.04
N THR A 288 -29.91 -28.43 13.99
CA THR A 288 -29.95 -27.41 15.03
C THR A 288 -31.23 -26.57 15.07
N GLY A 289 -32.08 -26.73 14.07
CA GLY A 289 -33.39 -26.08 14.05
C GLY A 289 -33.46 -24.74 13.34
N VAL A 290 -32.49 -24.40 12.50
CA VAL A 290 -32.64 -23.26 11.67
C VAL A 290 -33.05 -23.74 10.29
N ARG A 291 -33.65 -22.84 9.54
CA ARG A 291 -34.18 -23.19 8.23
C ARG A 291 -34.42 -21.95 7.35
N GLY A 292 -34.33 -22.17 6.05
CA GLY A 292 -34.61 -21.16 5.05
C GLY A 292 -33.37 -20.38 4.59
N LEU A 293 -33.58 -19.36 3.78
CA LEU A 293 -32.50 -18.68 3.10
C LEU A 293 -31.58 -17.96 4.13
N MET A 294 -32.18 -17.25 5.09
CA MET A 294 -31.48 -16.67 6.22
C MET A 294 -31.35 -17.58 7.49
N MET A 295 -31.77 -18.84 7.43
CA MET A 295 -31.54 -19.79 8.58
C MET A 295 -32.06 -19.27 9.95
N LEU A 296 -33.33 -18.98 9.95
CA LEU A 296 -34.05 -18.54 11.11
C LEU A 296 -34.51 -19.74 11.91
N THR A 297 -34.43 -19.61 13.22
CA THR A 297 -35.16 -20.45 14.15
C THR A 297 -36.66 -20.18 14.04
N ASN A 298 -37.48 -21.16 14.48
CA ASN A 298 -38.94 -20.98 14.55
C ASN A 298 -39.28 -19.72 15.30
N ARG A 299 -38.62 -19.59 16.42
CA ARG A 299 -38.87 -18.50 17.32
C ARG A 299 -38.53 -17.15 16.74
N THR A 300 -37.38 -17.08 16.11
CA THR A 300 -36.97 -15.83 15.53
C THR A 300 -37.85 -15.55 14.34
N ALA A 301 -38.16 -16.59 13.60
CA ALA A 301 -39.08 -16.44 12.45
C ALA A 301 -40.43 -15.85 12.87
N GLN A 302 -41.03 -16.42 13.91
CA GLN A 302 -42.29 -15.88 14.44
C GLN A 302 -42.13 -14.45 14.94
N ALA A 303 -41.11 -14.21 15.72
CA ALA A 303 -40.87 -12.84 16.15
C ALA A 303 -40.64 -11.87 14.97
N MET A 304 -40.24 -12.33 13.80
CA MET A 304 -40.05 -11.36 12.72
C MET A 304 -41.19 -11.29 11.70
N GLY A 305 -42.32 -11.95 11.93
CA GLY A 305 -43.41 -11.85 10.97
C GLY A 305 -43.36 -12.90 9.86
N VAL A 306 -42.49 -13.89 10.07
CA VAL A 306 -42.25 -14.91 9.08
C VAL A 306 -43.13 -16.12 9.38
N SER A 307 -43.98 -16.43 8.43
CA SER A 307 -45.01 -17.42 8.63
C SER A 307 -44.67 -18.69 7.84
N ASN A 308 -43.74 -18.54 6.89
CA ASN A 308 -43.21 -19.66 6.15
C ASN A 308 -41.70 -19.51 5.91
N ARG A 309 -40.91 -20.22 6.72
CA ARG A 309 -39.47 -20.10 6.70
C ARG A 309 -38.85 -20.51 5.37
N LEU A 310 -39.58 -21.26 4.58
CA LEU A 310 -39.12 -21.81 3.30
C LEU A 310 -39.37 -20.85 2.15
N ASP A 311 -40.15 -19.81 2.38
CA ASP A 311 -40.39 -18.73 1.43
C ASP A 311 -39.20 -17.70 1.39
N PRO A 312 -38.53 -17.60 0.25
CA PRO A 312 -37.30 -16.81 0.20
C PRO A 312 -37.50 -15.34 0.55
N LYS A 313 -38.57 -14.77 0.05
CA LYS A 313 -38.86 -13.37 0.30
C LYS A 313 -39.10 -13.10 1.77
N GLN A 314 -39.92 -13.94 2.39
CA GLN A 314 -40.18 -13.83 3.81
C GLN A 314 -38.90 -14.07 4.62
N SER A 315 -38.11 -15.08 4.24
CA SER A 315 -36.91 -15.45 5.02
C SER A 315 -35.91 -14.29 4.98
N ILE A 316 -35.70 -13.78 3.77
CA ILE A 316 -34.86 -12.60 3.52
C ILE A 316 -35.37 -11.38 4.26
N GLN A 317 -36.68 -11.13 4.27
CA GLN A 317 -37.26 -10.02 5.00
C GLN A 317 -37.04 -10.16 6.50
N GLY A 318 -37.22 -11.37 7.06
CA GLY A 318 -37.08 -11.53 8.50
C GLY A 318 -35.69 -11.56 9.05
N GLY A 319 -34.77 -12.22 8.33
CA GLY A 319 -33.38 -12.30 8.74
C GLY A 319 -32.73 -10.92 8.69
N SER A 320 -33.21 -10.13 7.74
CA SER A 320 -32.68 -8.80 7.54
C SER A 320 -33.16 -7.90 8.67
N LYS A 321 -34.47 -7.97 8.94
CA LYS A 321 -35.08 -7.29 10.09
C LYS A 321 -34.31 -7.65 11.37
N TYR A 322 -34.09 -8.95 11.59
CA TYR A 322 -33.33 -9.40 12.74
C TYR A 322 -31.94 -8.81 12.78
N PHE A 323 -31.19 -8.86 11.68
CA PHE A 323 -29.83 -8.26 11.67
C PHE A 323 -29.92 -6.76 11.97
N VAL A 324 -30.89 -6.07 11.38
CA VAL A 324 -30.89 -4.63 11.53
C VAL A 324 -31.27 -4.21 12.94
N GLN A 325 -32.22 -4.92 13.56
CA GLN A 325 -32.60 -4.64 14.92
C GLN A 325 -31.44 -4.93 15.83
N ILE A 326 -30.72 -6.03 15.60
CA ILE A 326 -29.56 -6.30 16.47
C ILE A 326 -28.56 -5.15 16.39
N ARG A 327 -28.33 -4.64 15.19
CA ARG A 327 -27.39 -3.53 15.04
C ARG A 327 -27.88 -2.27 15.76
N SER A 328 -29.18 -2.01 15.70
CA SER A 328 -29.73 -0.79 16.34
C SER A 328 -29.63 -0.83 17.86
N GLU A 329 -29.64 -2.02 18.44
CA GLU A 329 -29.65 -2.17 19.91
C GLU A 329 -28.28 -2.11 20.56
N LEU A 330 -27.22 -2.25 19.77
CA LEU A 330 -25.88 -2.12 20.29
C LEU A 330 -25.71 -0.76 21.02
N PRO A 331 -24.82 -0.69 22.00
CA PRO A 331 -24.47 0.60 22.60
C PRO A 331 -24.14 1.71 21.58
N GLU A 332 -24.67 2.89 21.86
CA GLU A 332 -24.44 4.08 21.01
C GLU A 332 -22.95 4.36 20.78
N SER A 333 -22.09 3.97 21.70
CA SER A 333 -20.67 4.26 21.51
C SER A 333 -20.02 3.50 20.38
N ILE A 334 -20.71 2.48 19.83
CA ILE A 334 -20.17 1.75 18.70
C ILE A 334 -20.66 2.40 17.42
N LYS A 335 -19.71 2.92 16.65
CA LYS A 335 -19.96 3.74 15.46
C LYS A 335 -19.67 2.92 14.26
N GLU A 336 -20.25 3.33 13.16
CA GLU A 336 -20.05 2.63 11.90
C GLU A 336 -18.65 2.98 11.45
N PRO A 337 -17.97 2.08 10.70
CA PRO A 337 -18.47 0.78 10.18
C PRO A 337 -18.38 -0.36 11.22
N ASP A 338 -17.62 -0.17 12.29
CA ASP A 338 -17.51 -1.21 13.31
C ASP A 338 -18.85 -1.74 13.78
N ARG A 339 -19.87 -0.86 13.80
CA ARG A 339 -21.18 -1.19 14.34
C ARG A 339 -21.83 -2.35 13.55
N SER A 340 -21.68 -2.32 12.24
CA SER A 340 -22.15 -3.40 11.47
C SER A 340 -21.39 -4.71 11.76
N TRP A 341 -20.10 -4.62 12.02
CA TRP A 341 -19.34 -5.84 12.28
C TRP A 341 -19.67 -6.40 13.66
N PHE A 342 -19.90 -5.54 14.63
CA PHE A 342 -20.42 -6.01 15.89
C PHE A 342 -21.82 -6.62 15.69
N ALA A 343 -22.64 -6.06 14.81
CA ALA A 343 -24.01 -6.54 14.65
C ALA A 343 -23.90 -7.98 14.09
N LEU A 344 -22.96 -8.24 13.20
CA LEU A 344 -22.76 -9.60 12.68
C LEU A 344 -22.28 -10.55 13.74
N ALA A 345 -21.42 -10.04 14.64
CA ALA A 345 -20.90 -10.89 15.66
C ALA A 345 -22.06 -11.31 16.57
N ALA A 346 -22.95 -10.37 16.91
CA ALA A 346 -24.06 -10.68 17.84
C ALA A 346 -25.06 -11.61 17.17
N TYR A 347 -25.31 -11.37 15.89
CA TYR A 347 -26.15 -12.24 15.08
C TYR A 347 -25.78 -13.71 15.23
N ASN A 348 -24.48 -13.97 15.41
CA ASN A 348 -24.02 -15.32 15.47
C ASN A 348 -23.85 -15.81 16.92
N ILE A 349 -23.28 -15.00 17.78
CA ILE A 349 -22.88 -15.52 19.08
C ILE A 349 -23.84 -15.06 20.15
N GLY A 350 -24.67 -14.09 19.80
CA GLY A 350 -25.58 -13.44 20.71
C GLY A 350 -25.04 -12.23 21.43
N GLY A 351 -25.92 -11.29 21.73
CA GLY A 351 -25.45 -10.06 22.37
C GLY A 351 -24.79 -10.26 23.74
N ALA A 352 -25.17 -11.26 24.49
CA ALA A 352 -24.67 -11.41 25.88
C ALA A 352 -23.18 -11.77 25.86
N HIS A 353 -22.86 -12.84 25.13
CA HIS A 353 -21.46 -13.22 24.89
C HIS A 353 -20.64 -12.04 24.29
N LEU A 354 -21.26 -11.30 23.39
CA LEU A 354 -20.59 -10.14 22.78
C LEU A 354 -20.27 -9.07 23.82
N GLU A 355 -21.19 -8.82 24.75
CA GLU A 355 -20.96 -7.85 25.83
C GLU A 355 -19.84 -8.31 26.80
N ASP A 356 -19.80 -9.59 27.15
CA ASP A 356 -18.66 -10.14 27.89
C ASP A 356 -17.32 -9.93 27.19
N ALA A 357 -17.30 -10.16 25.89
CA ALA A 357 -16.10 -9.89 25.13
C ALA A 357 -15.72 -8.39 25.18
N ARG A 358 -16.70 -7.49 25.18
CA ARG A 358 -16.41 -6.05 25.26
C ARG A 358 -15.90 -5.65 26.66
N LYS A 359 -16.45 -6.28 27.71
CA LYS A 359 -16.00 -6.03 29.08
C LYS A 359 -14.57 -6.51 29.22
N MET A 360 -14.32 -7.71 28.68
CA MET A 360 -12.99 -8.32 28.69
C MET A 360 -11.95 -7.46 28.01
N ALA A 361 -12.34 -6.88 26.88
CA ALA A 361 -11.46 -6.04 26.11
C ALA A 361 -11.03 -4.76 26.86
N GLU A 362 -12.02 -4.18 27.53
CA GLU A 362 -11.80 -3.01 28.34
C GLU A 362 -10.77 -3.37 29.41
N LYS A 363 -11.06 -4.38 30.23
CA LYS A 363 -10.11 -4.76 31.28
C LYS A 363 -8.71 -5.04 30.75
N GLU A 364 -8.59 -5.39 29.47
CA GLU A 364 -7.30 -5.67 28.86
C GLU A 364 -6.61 -4.40 28.37
N GLY A 365 -7.21 -3.26 28.68
CA GLY A 365 -6.71 -2.00 28.16
C GLY A 365 -6.94 -1.76 26.67
N LEU A 366 -7.89 -2.48 26.08
CA LEU A 366 -8.27 -2.28 24.67
C LEU A 366 -9.53 -1.42 24.48
N ASN A 367 -9.83 -1.06 23.24
CA ASN A 367 -11.01 -0.26 22.97
C ASN A 367 -12.24 -1.16 22.70
N PRO A 368 -13.27 -1.10 23.58
CA PRO A 368 -14.48 -1.94 23.47
C PRO A 368 -15.44 -1.49 22.36
N ASN A 369 -15.16 -0.36 21.70
CA ASN A 369 -15.95 0.09 20.54
C ASN A 369 -15.31 -0.19 19.19
N LYS A 370 -14.19 -0.89 19.21
CA LYS A 370 -13.47 -1.21 18.00
C LYS A 370 -13.46 -2.72 17.66
N TRP A 371 -13.84 -3.03 16.44
CA TRP A 371 -14.00 -4.41 16.05
C TRP A 371 -12.64 -5.13 16.11
N LEU A 372 -11.56 -4.46 15.71
CA LEU A 372 -10.24 -5.12 15.65
C LEU A 372 -9.75 -5.51 17.04
N ASP A 373 -10.25 -4.85 18.07
CA ASP A 373 -9.86 -5.16 19.42
C ASP A 373 -10.72 -6.29 20.03
N VAL A 374 -12.02 -6.18 19.85
CA VAL A 374 -12.95 -7.11 20.49
C VAL A 374 -12.88 -8.48 19.80
N LYS A 375 -12.58 -8.50 18.52
CA LYS A 375 -12.44 -9.76 17.81
C LYS A 375 -11.22 -10.56 18.31
N LYS A 376 -10.34 -9.89 19.03
CA LYS A 376 -9.19 -10.56 19.64
C LYS A 376 -9.63 -11.24 20.95
N MET A 377 -10.68 -10.73 21.57
CA MET A 377 -11.17 -11.30 22.82
C MET A 377 -12.09 -12.51 22.61
N LEU A 378 -12.79 -12.52 21.47
CA LEU A 378 -13.86 -13.46 21.24
C LEU A 378 -13.37 -14.92 21.35
N PRO A 379 -12.21 -15.30 20.78
CA PRO A 379 -11.74 -16.70 20.94
C PRO A 379 -11.35 -17.13 22.32
N ARG A 380 -11.22 -16.18 23.23
CA ARG A 380 -10.91 -16.51 24.60
C ARG A 380 -12.13 -17.07 25.36
N LEU A 381 -13.32 -16.84 24.77
CA LEU A 381 -14.53 -17.36 25.38
C LEU A 381 -14.59 -18.90 25.30
N ALA A 382 -13.63 -19.52 24.60
CA ALA A 382 -13.49 -20.95 24.48
C ALA A 382 -12.39 -21.53 25.37
N GLN A 383 -11.81 -20.66 26.15
CA GLN A 383 -10.75 -20.98 27.08
C GLN A 383 -11.20 -20.79 28.52
N LYS A 384 -11.26 -21.89 29.29
CA LYS A 384 -11.81 -21.83 30.67
C LYS A 384 -11.21 -20.80 31.62
N GLN A 385 -9.89 -20.66 31.59
CA GLN A 385 -9.20 -19.66 32.35
C GLN A 385 -9.85 -18.31 32.14
N TRP A 386 -10.38 -18.06 30.93
CA TRP A 386 -11.01 -16.77 30.61
C TRP A 386 -12.52 -16.82 30.74
N TYR A 387 -13.21 -17.84 30.25
CA TYR A 387 -14.67 -17.71 30.26
C TYR A 387 -15.31 -17.96 31.62
N ALA A 388 -14.57 -18.58 32.52
CA ALA A 388 -15.04 -18.77 33.88
C ALA A 388 -15.11 -17.44 34.64
N LYS A 389 -14.28 -16.48 34.26
CA LYS A 389 -14.36 -15.11 34.79
C LYS A 389 -15.41 -14.23 34.10
N THR A 390 -16.22 -14.80 33.19
CA THR A 390 -17.26 -13.99 32.49
C THR A 390 -18.65 -14.31 33.01
N ARG A 391 -19.64 -13.46 32.71
CA ARG A 391 -20.99 -13.73 33.21
C ARG A 391 -21.71 -14.89 32.49
N TYR A 392 -21.50 -15.06 31.19
CA TYR A 392 -22.25 -16.09 30.46
C TYR A 392 -21.43 -17.29 30.06
N GLY A 393 -20.15 -17.30 30.42
CA GLY A 393 -19.35 -18.52 30.30
C GLY A 393 -18.95 -18.82 28.87
N TYR A 394 -18.91 -20.12 28.56
CA TYR A 394 -18.32 -20.59 27.32
C TYR A 394 -19.14 -20.13 26.07
N ALA A 395 -18.43 -19.83 25.00
CA ALA A 395 -18.96 -19.73 23.67
C ALA A 395 -17.81 -20.01 22.73
N ARG A 396 -18.14 -20.54 21.55
CA ARG A 396 -17.12 -20.91 20.57
C ARG A 396 -16.75 -19.63 19.77
N GLY A 397 -16.14 -18.71 20.45
CA GLY A 397 -15.90 -17.39 19.90
C GLY A 397 -15.08 -17.28 18.64
N GLY A 398 -14.24 -18.27 18.39
CA GLY A 398 -13.40 -18.29 17.22
C GLY A 398 -14.26 -18.53 15.99
N GLU A 399 -15.40 -19.17 16.18
CA GLU A 399 -16.28 -19.42 15.06
C GLU A 399 -17.09 -18.20 14.78
N THR A 400 -17.37 -17.38 15.81
CA THR A 400 -17.97 -16.08 15.58
C THR A 400 -17.10 -15.18 14.67
N VAL A 401 -15.79 -15.16 14.93
CA VAL A 401 -14.84 -14.37 14.19
C VAL A 401 -14.83 -14.82 12.74
N HIS A 402 -14.78 -16.14 12.54
CA HIS A 402 -14.82 -16.75 11.21
C HIS A 402 -16.15 -16.35 10.48
N PHE A 403 -17.25 -16.26 11.22
CA PHE A 403 -18.50 -15.90 10.58
C PHE A 403 -18.34 -14.48 10.05
N VAL A 404 -17.96 -13.55 10.90
CA VAL A 404 -17.84 -12.16 10.48
C VAL A 404 -16.86 -11.97 9.32
N GLN A 405 -15.72 -12.63 9.36
CA GLN A 405 -14.74 -12.46 8.33
C GLN A 405 -15.36 -12.97 7.01
N ASN A 406 -16.00 -14.14 7.03
CA ASN A 406 -16.56 -14.67 5.81
C ASN A 406 -17.66 -13.79 5.23
N VAL A 407 -18.53 -13.23 6.06
CA VAL A 407 -19.59 -12.41 5.52
C VAL A 407 -18.96 -11.13 4.89
N ARG A 408 -17.93 -10.59 5.51
CA ARG A 408 -17.23 -9.41 4.96
C ARG A 408 -16.51 -9.73 3.65
N ARG A 409 -16.02 -10.95 3.50
CA ARG A 409 -15.40 -11.31 2.23
C ARG A 409 -16.45 -11.35 1.12
N TYR A 410 -17.61 -11.99 1.31
CA TYR A 410 -18.67 -12.00 0.33
C TYR A 410 -19.21 -10.60 0.07
N TYR A 411 -19.32 -9.81 1.10
CA TYR A 411 -19.79 -8.45 0.99
C TYR A 411 -18.83 -7.65 0.06
N ASP A 412 -17.51 -7.81 0.27
CA ASP A 412 -16.48 -7.09 -0.51
C ASP A 412 -16.50 -7.50 -1.97
N ILE A 413 -16.70 -8.76 -2.24
CA ILE A 413 -16.84 -9.17 -3.63
C ILE A 413 -18.09 -8.62 -4.31
N LEU A 414 -19.23 -8.70 -3.61
CA LEU A 414 -20.46 -8.16 -4.09
C LEU A 414 -20.37 -6.68 -4.32
N THR A 415 -19.74 -5.98 -3.39
CA THR A 415 -19.48 -4.56 -3.57
C THR A 415 -18.68 -4.32 -4.87
N TRP A 416 -17.64 -5.14 -5.12
CA TRP A 416 -16.78 -5.00 -6.30
C TRP A 416 -17.53 -5.25 -7.64
N VAL A 417 -18.31 -6.32 -7.76
CA VAL A 417 -19.00 -6.61 -9.01
C VAL A 417 -20.27 -5.79 -9.22
N THR A 418 -20.52 -4.82 -8.33
CA THR A 418 -21.72 -3.98 -8.34
C THR A 418 -21.38 -2.49 -8.47
N GLN A 419 -20.10 -2.18 -8.44
CA GLN A 419 -19.58 -0.88 -8.88
C GLN A 419 -19.88 -0.63 -10.39
N PRO A 420 -19.67 0.60 -10.88
CA PRO A 420 -19.44 1.80 -10.08
C PRO A 420 -20.71 2.62 -10.05
N GLU B 3 42.74 -30.06 27.24
CA GLU B 3 43.39 -31.09 28.04
C GLU B 3 42.96 -31.03 29.51
N GLY B 4 42.06 -31.91 29.90
CA GLY B 4 41.47 -31.89 31.24
C GLY B 4 40.18 -31.08 31.19
N VAL B 5 39.09 -31.59 31.76
CA VAL B 5 37.75 -31.05 31.50
C VAL B 5 36.76 -31.00 32.66
N LEU B 6 36.19 -29.82 32.85
CA LEU B 6 35.09 -29.60 33.79
C LEU B 6 33.66 -29.63 33.16
N ARG B 7 32.89 -30.64 33.53
CA ARG B 7 31.49 -30.71 33.13
C ARG B 7 30.65 -29.92 34.11
N VAL B 8 29.81 -29.02 33.58
CA VAL B 8 28.93 -28.19 34.36
C VAL B 8 27.48 -28.34 33.83
N ILE B 9 26.49 -28.65 34.70
CA ILE B 9 25.15 -28.78 34.20
C ILE B 9 24.34 -27.54 34.60
N THR B 10 23.46 -27.07 33.69
CA THR B 10 22.72 -25.85 33.95
C THR B 10 21.38 -25.86 33.21
N ARG B 11 20.63 -24.78 33.36
CA ARG B 11 19.39 -24.54 32.64
C ARG B 11 19.64 -23.69 31.37
N ASN B 12 18.90 -23.94 30.32
CA ASN B 12 18.91 -23.14 29.10
C ASN B 12 17.92 -22.07 29.40
N SER B 13 18.41 -20.89 29.84
CA SER B 13 17.56 -19.79 30.24
C SER B 13 18.34 -18.44 30.31
N PRO B 14 17.62 -17.35 30.23
CA PRO B 14 18.23 -16.02 30.18
C PRO B 14 19.09 -15.67 31.43
N ALA B 15 18.68 -16.09 32.63
CA ALA B 15 19.45 -15.84 33.87
C ALA B 15 20.68 -16.77 34.03
N THR B 16 20.81 -17.80 33.21
CA THR B 16 21.85 -18.79 33.42
C THR B 16 22.81 -18.98 32.25
N TYR B 17 22.28 -19.56 31.16
CA TYR B 17 23.10 -19.98 30.03
C TYR B 17 22.24 -20.07 28.79
N PHE B 18 22.69 -19.41 27.72
CA PHE B 18 22.07 -19.48 26.40
C PHE B 18 23.01 -18.96 25.29
N GLN B 19 22.58 -19.19 24.05
CA GLN B 19 23.26 -18.72 22.84
C GLN B 19 22.66 -17.39 22.38
N ASP B 20 23.50 -16.39 22.19
CA ASP B 20 23.06 -15.14 21.56
C ASP B 20 23.85 -15.02 20.25
N ARG B 21 23.71 -13.88 19.57
CA ARG B 21 24.30 -13.70 18.25
C ARG B 21 25.82 -13.85 18.31
N ASN B 22 26.42 -13.70 19.47
CA ASN B 22 27.87 -13.82 19.65
C ASN B 22 28.40 -15.15 20.19
N GLY B 23 27.51 -16.14 20.37
CA GLY B 23 27.89 -17.39 20.99
C GLY B 23 27.32 -17.59 22.38
N GLU B 24 28.06 -18.26 23.23
CA GLU B 24 27.60 -18.61 24.58
C GLU B 24 27.71 -17.46 25.50
N THR B 25 26.75 -17.35 26.41
CA THR B 25 26.63 -16.19 27.30
C THR B 25 25.72 -16.61 28.48
N GLY B 26 25.45 -15.69 29.39
CA GLY B 26 24.69 -15.97 30.61
C GLY B 26 25.53 -15.81 31.89
N PHE B 27 24.89 -15.35 32.96
CA PHE B 27 25.57 -15.20 34.26
C PHE B 27 26.30 -16.49 34.74
N GLU B 28 25.62 -17.64 34.74
CA GLU B 28 26.22 -18.84 35.29
C GLU B 28 27.30 -19.29 34.35
N TYR B 29 27.09 -19.08 33.07
CA TYR B 29 28.11 -19.47 32.09
C TYR B 29 29.41 -18.65 32.31
N GLU B 30 29.29 -17.34 32.48
CA GLU B 30 30.50 -16.52 32.62
C GLU B 30 31.24 -16.90 33.95
N LEU B 31 30.49 -17.08 35.03
CA LEU B 31 31.05 -17.50 36.32
C LEU B 31 31.71 -18.86 36.12
N ALA B 32 31.04 -19.76 35.41
CA ALA B 32 31.59 -21.08 35.28
C ALA B 32 32.82 -21.10 34.38
N LYS B 33 32.83 -20.33 33.32
CA LYS B 33 33.98 -20.29 32.40
C LYS B 33 35.23 -19.73 33.10
N ARG B 34 35.06 -18.75 33.98
CA ARG B 34 36.18 -18.24 34.78
C ARG B 34 36.72 -19.29 35.75
N PHE B 35 35.82 -20.07 36.38
CA PHE B 35 36.27 -21.07 37.34
C PHE B 35 37.13 -22.02 36.55
N ALA B 36 36.65 -22.35 35.35
CA ALA B 36 37.35 -23.25 34.46
C ALA B 36 38.75 -22.72 34.12
N GLU B 37 38.84 -21.42 33.84
CA GLU B 37 40.09 -20.80 33.44
C GLU B 37 41.06 -20.92 34.63
N ARG B 38 40.54 -20.62 35.82
CA ARG B 38 41.34 -20.70 37.04
C ARG B 38 41.86 -22.11 37.33
N LEU B 39 41.17 -23.14 36.89
CA LEU B 39 41.66 -24.53 37.05
C LEU B 39 42.54 -24.96 35.86
N GLY B 40 42.59 -24.10 34.85
CA GLY B 40 43.12 -24.45 33.55
C GLY B 40 42.54 -25.71 32.95
N VAL B 41 41.24 -25.70 32.69
CA VAL B 41 40.59 -26.84 32.05
C VAL B 41 39.53 -26.33 31.10
N GLU B 42 39.14 -27.14 30.13
CA GLU B 42 38.12 -26.76 29.15
C GLU B 42 36.72 -26.93 29.78
N LEU B 43 35.87 -25.92 29.65
CA LEU B 43 34.50 -25.97 30.13
C LEU B 43 33.54 -26.64 29.14
N LYS B 44 32.94 -27.77 29.52
CA LYS B 44 31.87 -28.37 28.74
C LYS B 44 30.49 -28.15 29.42
N ILE B 45 29.62 -27.34 28.83
CA ILE B 45 28.32 -27.04 29.40
C ILE B 45 27.27 -28.07 29.03
N GLU B 46 26.49 -28.55 30.00
CA GLU B 46 25.39 -29.46 29.70
C GLU B 46 24.13 -28.82 30.21
N THR B 47 23.06 -29.04 29.47
CA THR B 47 21.79 -28.45 29.74
C THR B 47 20.83 -29.55 30.17
N ALA B 48 20.12 -29.30 31.25
CA ALA B 48 19.27 -30.31 31.81
C ALA B 48 17.89 -30.07 31.20
N ASP B 49 17.13 -31.12 30.99
CA ASP B 49 15.75 -30.99 30.55
C ASP B 49 14.79 -30.29 31.53
N ASN B 50 15.10 -30.31 32.82
CA ASN B 50 14.21 -29.75 33.85
C ASN B 50 14.94 -29.90 35.16
N LEU B 51 14.36 -29.42 36.23
CA LEU B 51 15.07 -29.43 37.49
C LEU B 51 15.38 -30.81 38.08
N ASP B 52 14.43 -31.75 38.01
CA ASP B 52 14.65 -33.13 38.47
C ASP B 52 15.70 -33.86 37.63
N ASP B 53 15.66 -33.64 36.34
CA ASP B 53 16.67 -34.24 35.51
C ASP B 53 18.03 -33.69 35.87
N LEU B 54 18.12 -32.41 36.24
CA LEU B 54 19.40 -31.80 36.63
C LEU B 54 19.95 -32.45 37.89
N TYR B 55 19.10 -32.68 38.87
CA TYR B 55 19.56 -33.33 40.08
C TYR B 55 19.88 -34.80 39.83
N ALA B 56 19.10 -35.44 38.98
CA ALA B 56 19.37 -36.83 38.72
C ALA B 56 20.72 -37.00 37.97
N GLN B 57 21.08 -36.09 37.06
CA GLN B 57 22.37 -36.23 36.37
C GLN B 57 23.48 -35.95 37.37
N LEU B 58 23.38 -34.84 38.10
CA LEU B 58 24.32 -34.53 39.16
C LEU B 58 24.58 -35.71 40.11
N SER B 59 23.56 -36.47 40.50
CA SER B 59 23.67 -37.69 41.36
C SER B 59 24.35 -38.92 40.76
N ARG B 60 24.22 -39.12 39.46
CA ARG B 60 24.75 -40.34 38.81
C ARG B 60 26.28 -40.39 38.85
N GLU B 61 26.82 -41.52 39.29
CA GLU B 61 28.26 -41.75 39.22
C GLU B 61 28.58 -41.58 37.74
N GLY B 62 29.58 -40.78 37.41
CA GLY B 62 29.84 -40.43 36.03
C GLY B 62 29.16 -39.18 35.49
N GLY B 63 28.56 -38.36 36.34
CA GLY B 63 27.86 -37.22 35.81
C GLY B 63 28.70 -35.95 35.65
N PRO B 64 28.02 -34.81 35.53
CA PRO B 64 28.70 -33.54 35.60
C PRO B 64 29.30 -33.29 36.98
N ALA B 65 30.29 -32.43 37.02
CA ALA B 65 31.03 -32.22 38.24
C ALA B 65 30.32 -31.27 39.20
N LEU B 66 29.57 -30.31 38.66
CA LEU B 66 28.79 -29.39 39.47
C LEU B 66 27.61 -28.79 38.68
N ALA B 67 26.65 -28.18 39.37
CA ALA B 67 25.52 -27.56 38.73
C ALA B 67 25.57 -26.08 39.09
N ALA B 68 25.48 -25.27 38.04
CA ALA B 68 25.50 -23.81 38.11
C ALA B 68 24.26 -23.29 37.48
N ALA B 69 23.27 -22.89 38.27
CA ALA B 69 21.88 -22.88 37.77
C ALA B 69 20.88 -22.15 38.62
N GLY B 70 21.34 -21.12 39.32
CA GLY B 70 20.48 -20.39 40.22
C GLY B 70 19.83 -21.21 41.31
N LEU B 71 20.56 -22.21 41.81
CA LEU B 71 20.04 -23.16 42.77
C LEU B 71 20.02 -22.61 44.21
N THR B 72 18.92 -22.85 44.89
CA THR B 72 18.79 -22.58 46.32
C THR B 72 19.21 -23.82 47.15
N PRO B 73 20.12 -23.64 48.11
CA PRO B 73 20.48 -24.84 48.89
C PRO B 73 19.31 -25.43 49.64
N GLY B 74 19.20 -26.75 49.63
CA GLY B 74 18.19 -27.44 50.40
C GLY B 74 18.56 -27.61 51.87
N ARG B 75 18.01 -28.67 52.45
CA ARG B 75 18.07 -28.87 53.88
C ARG B 75 19.44 -29.21 54.43
N GLU B 76 19.68 -28.74 55.63
CA GLU B 76 20.87 -29.11 56.35
C GLU B 76 21.00 -30.63 56.60
N ASP B 77 19.90 -31.33 56.81
CA ASP B 77 19.98 -32.76 57.14
C ASP B 77 19.96 -33.74 55.95
N ASP B 78 20.08 -33.22 54.72
CA ASP B 78 20.32 -34.03 53.51
C ASP B 78 21.75 -33.80 53.00
N ALA B 79 22.53 -34.85 52.83
CA ALA B 79 23.88 -34.82 52.29
C ALA B 79 23.94 -35.38 50.85
N SER B 80 22.79 -35.75 50.32
CA SER B 80 22.75 -36.27 48.94
C SER B 80 23.24 -35.23 47.88
N VAL B 81 23.13 -33.94 48.12
CA VAL B 81 23.85 -33.00 47.28
C VAL B 81 24.50 -31.93 48.15
N ARG B 82 25.64 -31.42 47.70
CA ARG B 82 26.36 -30.40 48.47
C ARG B 82 26.24 -29.09 47.78
N TYR B 83 26.20 -28.04 48.57
CA TYR B 83 26.14 -26.70 48.07
C TYR B 83 27.40 -25.86 48.41
N SER B 84 27.82 -25.06 47.44
CA SER B 84 28.95 -24.19 47.62
C SER B 84 28.63 -23.05 48.56
N HIS B 85 29.63 -22.24 48.84
CA HIS B 85 29.39 -20.88 49.32
C HIS B 85 28.54 -20.14 48.32
N THR B 86 27.77 -19.18 48.81
CA THR B 86 26.77 -18.49 48.03
C THR B 86 27.35 -17.27 47.32
N TYR B 87 26.71 -16.85 46.22
CA TYR B 87 27.31 -15.91 45.28
C TYR B 87 26.34 -14.87 44.83
N LEU B 88 25.13 -14.88 45.36
CA LEU B 88 24.12 -13.91 44.94
C LEU B 88 22.92 -14.09 45.84
N ASP B 89 22.38 -12.95 46.31
CA ASP B 89 21.32 -12.94 47.30
C ASP B 89 19.99 -12.67 46.59
N VAL B 90 18.96 -13.45 46.90
CA VAL B 90 17.69 -13.20 46.28
C VAL B 90 16.57 -13.39 47.27
N THR B 91 15.40 -12.91 46.90
CA THR B 91 14.24 -13.13 47.73
C THR B 91 13.09 -13.73 46.88
N PRO B 92 12.42 -14.76 47.40
CA PRO B 92 11.33 -15.27 46.58
C PRO B 92 10.13 -14.31 46.62
N GLN B 93 9.53 -14.06 45.46
CA GLN B 93 8.46 -13.08 45.34
C GLN B 93 7.25 -13.66 44.64
N ILE B 94 6.07 -13.35 45.16
CA ILE B 94 4.81 -13.67 44.50
C ILE B 94 4.52 -12.60 43.45
N ILE B 95 4.27 -13.06 42.23
CA ILE B 95 4.06 -12.16 41.11
C ILE B 95 2.60 -12.19 40.73
N TYR B 96 2.03 -11.04 40.33
CA TYR B 96 0.64 -11.02 39.86
C TYR B 96 0.52 -10.02 38.71
N ARG B 97 -0.67 -9.96 38.15
CA ARG B 97 -0.90 -9.14 36.99
C ARG B 97 -1.59 -7.80 37.32
N ASN B 98 -0.99 -6.70 36.88
CA ASN B 98 -1.61 -5.37 37.09
C ASN B 98 -3.03 -5.30 36.49
N GLY B 99 -3.95 -4.74 37.27
CA GLY B 99 -5.35 -4.69 36.90
C GLY B 99 -6.15 -5.77 37.59
N GLN B 100 -5.45 -6.77 38.10
CA GLN B 100 -6.07 -7.80 38.93
C GLN B 100 -5.82 -7.41 40.33
N GLN B 101 -6.35 -8.21 41.24
CA GLN B 101 -6.31 -7.87 42.65
C GLN B 101 -5.07 -8.44 43.31
N ARG B 102 -4.29 -7.56 43.92
CA ARG B 102 -3.02 -7.97 44.48
C ARG B 102 -3.17 -8.63 45.84
N PRO B 103 -2.72 -9.88 45.95
CA PRO B 103 -2.64 -10.53 47.26
C PRO B 103 -1.63 -9.84 48.17
N THR B 104 -1.83 -9.94 49.48
CA THR B 104 -0.94 -9.29 50.43
C THR B 104 -0.42 -10.25 51.48
N ARG B 105 -1.20 -11.28 51.79
CA ARG B 105 -0.78 -12.31 52.72
C ARG B 105 -0.76 -13.64 52.00
N PRO B 106 0.01 -14.60 52.51
CA PRO B 106 -0.02 -16.01 52.07
C PRO B 106 -1.40 -16.65 51.89
N GLU B 107 -2.41 -16.37 52.70
CA GLU B 107 -3.68 -17.06 52.48
C GLU B 107 -4.36 -16.62 51.16
N ASP B 108 -4.01 -15.43 50.69
CA ASP B 108 -4.68 -14.84 49.52
C ASP B 108 -4.40 -15.59 48.22
N LEU B 109 -3.54 -16.61 48.29
CA LEU B 109 -3.20 -17.38 47.10
C LEU B 109 -4.15 -18.54 46.89
N VAL B 110 -5.07 -18.76 47.84
CA VAL B 110 -6.11 -19.77 47.67
C VAL B 110 -7.09 -19.28 46.64
N GLY B 111 -7.60 -20.19 45.82
CA GLY B 111 -8.49 -19.82 44.75
C GLY B 111 -7.92 -19.20 43.46
N LYS B 112 -6.60 -19.02 43.35
CA LYS B 112 -6.04 -18.48 42.10
C LYS B 112 -5.35 -19.59 41.27
N ARG B 113 -5.30 -19.46 39.94
CA ARG B 113 -4.50 -20.37 39.09
C ARG B 113 -3.02 -20.06 39.34
N ILE B 114 -2.24 -21.05 39.78
CA ILE B 114 -0.82 -20.82 40.11
C ILE B 114 0.03 -21.86 39.45
N MET B 115 1.14 -21.45 38.84
CA MET B 115 2.07 -22.41 38.23
C MET B 115 3.48 -22.01 38.67
N VAL B 116 4.29 -23.01 39.06
CA VAL B 116 5.71 -22.89 39.38
C VAL B 116 6.41 -24.02 38.66
N LEU B 117 7.73 -23.96 38.59
CA LEU B 117 8.50 -25.08 38.06
C LEU B 117 8.43 -26.30 38.93
N LYS B 118 8.22 -27.46 38.28
CA LYS B 118 8.27 -28.73 38.97
C LYS B 118 9.70 -28.99 39.43
N GLY B 119 9.79 -29.53 40.64
CA GLY B 119 11.05 -29.84 41.25
C GLY B 119 11.77 -28.64 41.79
N SER B 120 11.12 -27.47 41.84
CA SER B 120 11.83 -26.28 42.28
C SER B 120 11.68 -26.10 43.79
N SER B 121 12.54 -25.29 44.37
CA SER B 121 12.41 -24.88 45.75
C SER B 121 11.14 -24.02 45.95
N HIS B 122 10.78 -23.21 44.96
CA HIS B 122 9.51 -22.48 44.99
C HIS B 122 8.28 -23.41 45.11
N ALA B 123 8.33 -24.58 44.49
CA ALA B 123 7.21 -25.52 44.60
C ALA B 123 7.21 -26.12 46.04
N GLU B 124 8.39 -26.22 46.67
CA GLU B 124 8.46 -26.77 48.02
C GLU B 124 7.91 -25.74 49.01
N GLN B 125 8.17 -24.45 48.78
CA GLN B 125 7.55 -23.40 49.61
C GLN B 125 6.02 -23.43 49.60
N LEU B 126 5.44 -23.81 48.45
CA LEU B 126 3.98 -23.88 48.30
C LEU B 126 3.44 -25.16 48.89
N ALA B 127 4.17 -26.24 48.70
CA ALA B 127 3.85 -27.47 49.38
C ALA B 127 3.76 -27.19 50.89
N GLU B 128 4.71 -26.43 51.43
CA GLU B 128 4.69 -26.12 52.87
C GLU B 128 3.47 -25.30 53.18
N LEU B 129 3.14 -24.39 52.30
CA LEU B 129 2.01 -23.52 52.57
C LEU B 129 0.68 -24.28 52.54
N LYS B 130 0.62 -25.36 51.76
CA LYS B 130 -0.63 -26.14 51.61
C LYS B 130 -0.95 -26.98 52.86
N LYS B 131 -0.05 -27.02 53.83
CA LYS B 131 -0.33 -27.71 55.09
C LYS B 131 -1.09 -26.77 56.02
N GLN B 132 -0.65 -25.51 56.08
CA GLN B 132 -1.32 -24.43 56.82
C GLN B 132 -2.64 -23.95 56.18
N TYR B 133 -2.91 -24.38 54.95
CA TYR B 133 -4.08 -23.94 54.19
C TYR B 133 -4.39 -24.97 53.13
N PRO B 134 -5.08 -26.04 53.51
CA PRO B 134 -5.15 -27.14 52.53
C PRO B 134 -6.08 -26.92 51.31
N GLU B 135 -6.80 -25.81 51.25
CA GLU B 135 -7.55 -25.51 50.03
C GLU B 135 -6.67 -24.87 48.93
N LEU B 136 -5.40 -24.61 49.23
CA LEU B 136 -4.48 -24.06 48.22
C LEU B 136 -4.25 -25.05 47.08
N LYS B 137 -4.44 -24.59 45.84
CA LYS B 137 -4.14 -25.38 44.65
C LYS B 137 -2.99 -24.71 43.87
N TYR B 138 -2.09 -25.50 43.30
CA TYR B 138 -1.04 -24.96 42.41
C TYR B 138 -0.58 -26.06 41.44
N GLU B 139 -0.20 -25.62 40.24
CA GLU B 139 0.27 -26.50 39.19
C GLU B 139 1.79 -26.40 39.13
N GLU B 140 2.42 -27.48 38.71
CA GLU B 140 3.84 -27.49 38.54
C GLU B 140 4.13 -28.23 37.22
N SER B 141 5.13 -27.75 36.47
CA SER B 141 5.40 -28.27 35.15
C SER B 141 6.87 -28.37 34.85
N ASP B 142 7.22 -29.35 34.03
CA ASP B 142 8.53 -29.53 33.44
C ASP B 142 8.69 -28.83 32.10
N ALA B 143 7.61 -28.28 31.58
CA ALA B 143 7.59 -27.74 30.24
C ALA B 143 7.67 -26.18 30.23
N VAL B 144 8.00 -25.60 31.38
CA VAL B 144 8.14 -24.16 31.47
C VAL B 144 9.48 -23.76 32.10
N GLU B 145 10.01 -22.60 31.70
CA GLU B 145 11.09 -21.97 32.42
C GLU B 145 10.47 -20.77 33.06
N VAL B 146 11.19 -20.11 33.97
CA VAL B 146 10.71 -18.90 34.64
C VAL B 146 10.19 -17.82 33.63
N VAL B 147 10.89 -17.65 32.49
CA VAL B 147 10.41 -16.74 31.44
C VAL B 147 8.96 -17.05 31.04
N ASP B 148 8.64 -18.33 30.79
CA ASP B 148 7.25 -18.70 30.55
C ASP B 148 6.27 -18.36 31.66
N LEU B 149 6.68 -18.47 32.92
CA LEU B 149 5.77 -18.13 34.00
C LEU B 149 5.47 -16.63 34.06
N LEU B 150 6.46 -15.77 33.80
CA LEU B 150 6.20 -14.35 33.80
C LEU B 150 5.35 -13.99 32.58
N ARG B 151 5.59 -14.64 31.45
CA ARG B 151 4.71 -14.43 30.26
C ARG B 151 3.25 -14.82 30.61
N MET B 152 3.07 -16.00 31.18
CA MET B 152 1.76 -16.55 31.51
C MET B 152 1.00 -15.59 32.46
N VAL B 153 1.70 -14.93 33.38
CA VAL B 153 1.05 -13.90 34.21
C VAL B 153 0.82 -12.63 33.41
N ASP B 154 1.81 -12.27 32.61
CA ASP B 154 1.73 -11.10 31.76
C ASP B 154 0.48 -11.10 30.89
N VAL B 155 0.20 -12.19 30.15
CA VAL B 155 -0.91 -12.20 29.19
C VAL B 155 -2.21 -12.68 29.85
N GLY B 156 -2.16 -13.03 31.13
CA GLY B 156 -3.36 -13.48 31.82
C GLY B 156 -3.72 -14.98 31.72
N ASP B 157 -2.79 -15.85 31.29
CA ASP B 157 -3.05 -17.30 31.27
C ASP B 157 -3.00 -17.99 32.68
N ILE B 158 -2.29 -17.40 33.62
CA ILE B 158 -2.35 -17.79 35.02
C ILE B 158 -2.43 -16.50 35.85
N ASP B 159 -2.94 -16.60 37.05
CA ASP B 159 -3.09 -15.42 37.89
C ASP B 159 -1.78 -15.11 38.62
N LEU B 160 -1.06 -16.13 39.07
CA LEU B 160 0.12 -15.90 39.90
C LEU B 160 1.27 -16.86 39.65
N THR B 161 2.45 -16.42 40.03
CA THR B 161 3.57 -17.35 40.15
C THR B 161 4.46 -16.95 41.31
N LEU B 162 5.50 -17.74 41.57
CA LEU B 162 6.48 -17.49 42.62
C LEU B 162 7.88 -17.61 42.05
N VAL B 163 8.70 -16.53 42.09
CA VAL B 163 10.01 -16.63 41.49
C VAL B 163 11.07 -15.96 42.32
N ASP B 164 12.32 -16.26 42.06
CA ASP B 164 13.38 -15.51 42.70
C ASP B 164 13.43 -14.07 42.16
N SER B 165 13.67 -13.14 43.06
CA SER B 165 13.70 -11.73 42.72
C SER B 165 14.69 -11.41 41.59
N ASN B 166 15.78 -12.15 41.42
CA ASN B 166 16.70 -11.85 40.34
C ASN B 166 16.11 -12.17 38.96
N GLU B 167 15.22 -13.16 38.90
CA GLU B 167 14.58 -13.49 37.65
C GLU B 167 13.65 -12.34 37.24
N LEU B 168 13.03 -11.72 38.23
CA LEU B 168 12.15 -10.60 37.95
C LEU B 168 12.92 -9.30 37.62
N ALA B 169 14.09 -9.11 38.20
CA ALA B 169 14.84 -7.88 37.93
C ALA B 169 15.26 -7.92 36.47
N MET B 170 15.69 -9.11 36.04
CA MET B 170 16.20 -9.32 34.71
C MET B 170 15.09 -9.28 33.64
N ASN B 171 13.86 -9.72 33.98
CA ASN B 171 12.81 -9.93 32.98
C ASN B 171 11.67 -8.93 32.96
N GLN B 172 11.47 -8.23 34.07
CA GLN B 172 10.39 -7.26 34.24
C GLN B 172 10.13 -6.49 32.98
N VAL B 173 11.15 -5.79 32.48
CA VAL B 173 10.97 -4.87 31.38
C VAL B 173 10.35 -5.51 30.13
N TYR B 174 10.47 -6.83 30.00
CA TYR B 174 9.89 -7.51 28.87
C TYR B 174 8.44 -7.94 29.13
N PHE B 175 8.00 -7.75 30.37
CA PHE B 175 6.66 -8.11 30.82
C PHE B 175 5.97 -6.94 31.60
N PRO B 176 5.34 -6.02 30.87
CA PRO B 176 4.85 -4.76 31.43
C PRO B 176 3.69 -4.90 32.40
N ASN B 177 2.94 -6.00 32.33
CA ASN B 177 1.77 -6.13 33.18
C ASN B 177 2.12 -6.79 34.51
N VAL B 178 3.40 -7.07 34.72
CA VAL B 178 3.80 -7.88 35.85
C VAL B 178 4.20 -7.04 37.07
N ARG B 179 3.74 -7.50 38.24
CA ARG B 179 3.96 -6.82 39.52
C ARG B 179 4.25 -7.79 40.66
N VAL B 180 5.03 -7.29 41.62
CA VAL B 180 5.24 -7.96 42.89
C VAL B 180 4.11 -7.78 43.91
N ALA B 181 3.57 -8.88 44.43
CA ALA B 181 2.61 -8.82 45.52
C ALA B 181 3.34 -8.62 46.85
N PHE B 182 4.09 -9.64 47.23
CA PHE B 182 4.91 -9.56 48.44
C PHE B 182 6.09 -10.53 48.38
N ASP B 183 7.15 -10.26 49.14
CA ASP B 183 8.23 -11.19 49.31
C ASP B 183 7.73 -12.32 50.17
N PHE B 184 8.14 -13.55 49.86
CA PHE B 184 7.61 -14.75 50.48
C PHE B 184 8.76 -15.66 50.75
N GLY B 185 9.29 -15.57 51.97
CA GLY B 185 10.50 -16.27 52.37
C GLY B 185 11.48 -15.18 52.75
N GLU B 186 12.49 -15.50 53.55
CA GLU B 186 13.54 -14.51 53.87
C GLU B 186 14.63 -14.52 52.78
N ALA B 187 15.32 -13.41 52.56
CA ALA B 187 16.39 -13.41 51.54
C ALA B 187 17.36 -14.56 51.76
N ARG B 188 17.93 -15.06 50.69
CA ARG B 188 18.87 -16.17 50.79
C ARG B 188 19.81 -16.19 49.60
N GLY B 189 20.89 -16.94 49.77
CA GLY B 189 21.96 -17.03 48.81
C GLY B 189 21.86 -18.24 47.89
N LEU B 190 22.12 -17.98 46.62
CA LEU B 190 22.22 -19.01 45.64
C LEU B 190 23.62 -19.61 45.68
N ALA B 191 23.72 -20.89 45.31
CA ALA B 191 24.94 -21.66 45.39
C ALA B 191 24.96 -22.72 44.30
N TRP B 192 26.17 -23.06 43.87
CA TRP B 192 26.46 -24.19 43.07
C TRP B 192 26.33 -25.54 43.82
N ALA B 193 25.89 -26.56 43.10
CA ALA B 193 25.57 -27.83 43.73
C ALA B 193 26.58 -28.81 43.26
N LEU B 194 27.06 -29.65 44.17
CA LEU B 194 27.93 -30.75 43.80
C LEU B 194 27.35 -32.06 44.29
N PRO B 195 27.73 -33.16 43.66
CA PRO B 195 27.25 -34.47 44.15
C PRO B 195 27.73 -34.75 45.55
N GLY B 196 26.91 -35.38 46.40
CA GLY B 196 27.45 -35.84 47.69
C GLY B 196 28.50 -36.90 47.41
N GLY B 197 29.53 -37.08 48.22
CA GLY B 197 29.75 -36.28 49.36
C GLY B 197 31.09 -36.27 50.04
N ASP B 198 31.92 -37.32 50.10
CA ASP B 198 33.03 -37.22 51.11
C ASP B 198 34.40 -36.68 50.61
N ASP B 199 34.67 -36.70 49.31
CA ASP B 199 35.91 -36.10 48.84
C ASP B 199 35.71 -34.61 48.56
N ASP B 200 36.45 -33.77 49.27
CA ASP B 200 36.15 -32.35 49.27
C ASP B 200 37.12 -31.52 48.36
N SER B 201 37.90 -32.15 47.51
CA SER B 201 38.95 -31.42 46.79
C SER B 201 38.37 -30.47 45.71
N LEU B 202 37.38 -30.90 44.92
CA LEU B 202 36.72 -29.94 44.02
C LEU B 202 35.98 -28.85 44.81
N MET B 203 35.23 -29.21 45.86
CA MET B 203 34.49 -28.18 46.63
C MET B 203 35.37 -27.08 47.23
N ASN B 204 36.57 -27.44 47.68
CA ASN B 204 37.49 -26.44 48.26
C ASN B 204 37.99 -25.48 47.17
N GLU B 205 38.28 -26.02 45.99
CA GLU B 205 38.62 -25.17 44.87
C GLU B 205 37.47 -24.21 44.52
N VAL B 206 36.25 -24.74 44.47
CA VAL B 206 35.07 -23.95 44.17
C VAL B 206 34.96 -22.81 45.16
N ASN B 207 35.11 -23.10 46.43
CA ASN B 207 34.82 -22.11 47.45
C ASN B 207 35.95 -21.05 47.50
N ALA B 208 37.17 -21.47 47.23
CA ALA B 208 38.28 -20.54 47.12
C ALA B 208 37.97 -19.57 45.99
N PHE B 209 37.57 -20.15 44.86
CA PHE B 209 37.25 -19.35 43.68
C PHE B 209 36.12 -18.38 43.92
N LEU B 210 35.04 -18.80 44.59
CA LEU B 210 33.94 -17.85 44.81
C LEU B 210 34.31 -16.82 45.86
N ASP B 211 35.09 -17.23 46.85
CA ASP B 211 35.50 -16.30 47.87
C ASP B 211 36.34 -15.20 47.18
N GLN B 212 37.28 -15.61 46.33
CA GLN B 212 38.11 -14.64 45.63
C GLN B 212 37.26 -13.79 44.65
N ALA B 213 36.34 -14.42 43.93
CA ALA B 213 35.43 -13.67 43.08
C ALA B 213 34.65 -12.59 43.83
N LYS B 214 34.27 -12.87 45.08
CA LYS B 214 33.58 -11.88 45.94
C LYS B 214 34.55 -10.74 46.22
N LYS B 215 35.70 -11.07 46.79
CA LYS B 215 36.69 -10.07 47.19
C LYS B 215 37.10 -9.19 46.00
N GLU B 216 37.57 -9.79 44.89
CA GLU B 216 38.00 -9.05 43.68
C GLU B 216 36.90 -8.26 42.94
N GLY B 217 35.70 -8.15 43.51
CA GLY B 217 34.56 -7.54 42.84
C GLY B 217 34.02 -8.20 41.54
N LEU B 218 34.45 -9.42 41.20
CA LEU B 218 33.91 -10.11 40.00
C LEU B 218 32.41 -10.41 40.11
N LEU B 219 31.92 -10.72 41.31
CA LEU B 219 30.51 -11.08 41.43
C LEU B 219 29.66 -9.84 41.17
N GLN B 220 30.03 -8.71 41.77
CA GLN B 220 29.27 -7.47 41.60
C GLN B 220 29.33 -7.02 40.13
N ARG B 221 30.45 -7.26 39.46
CA ARG B 221 30.59 -6.99 38.03
C ARG B 221 29.62 -7.78 37.14
N LEU B 222 29.45 -9.06 37.47
CA LEU B 222 28.50 -9.91 36.77
C LEU B 222 27.06 -9.48 37.07
N LYS B 223 26.79 -9.22 38.36
CA LYS B 223 25.47 -8.80 38.83
C LYS B 223 25.06 -7.46 38.20
N ASP B 224 26.03 -6.61 37.85
CA ASP B 224 25.77 -5.36 37.08
C ASP B 224 25.51 -5.65 35.61
N ARG B 225 26.41 -6.42 34.97
CA ARG B 225 26.29 -6.75 33.55
C ARG B 225 24.98 -7.49 33.19
N TYR B 226 24.32 -8.13 34.16
CA TYR B 226 23.09 -8.90 33.86
C TYR B 226 21.82 -8.38 34.56
N TYR B 227 21.89 -7.31 35.38
CA TYR B 227 20.68 -6.74 36.00
C TYR B 227 20.65 -5.18 36.08
N GLY B 228 19.94 -4.52 35.15
CA GLY B 228 19.96 -3.04 35.09
C GLY B 228 18.82 -2.30 34.40
N HIS B 229 18.87 -2.14 33.07
CA HIS B 229 17.80 -1.45 32.33
C HIS B 229 17.66 -1.91 30.84
N VAL B 230 17.19 -1.01 29.96
CA VAL B 230 16.66 -1.35 28.61
C VAL B 230 17.71 -1.71 27.53
N ASP B 231 17.24 -2.30 26.42
CA ASP B 231 18.09 -2.61 25.25
C ASP B 231 17.59 -1.98 23.93
N VAL B 232 16.54 -2.55 23.35
CA VAL B 232 16.00 -2.17 22.05
C VAL B 232 14.74 -1.29 22.26
N LEU B 233 14.84 0.00 21.92
CA LEU B 233 13.85 1.05 22.28
C LEU B 233 12.40 0.78 21.84
N GLY B 234 11.44 1.23 22.66
CA GLY B 234 10.04 1.33 22.25
C GLY B 234 10.00 2.48 21.25
N TYR B 235 8.93 2.60 20.47
CA TYR B 235 8.87 3.67 19.48
C TYR B 235 8.77 5.03 20.18
N VAL B 236 9.66 5.95 19.77
CA VAL B 236 9.85 7.23 20.47
C VAL B 236 8.70 8.25 20.33
N GLY B 237 7.81 8.07 19.37
CA GLY B 237 6.74 9.04 19.21
C GLY B 237 7.09 10.16 18.24
N ALA B 238 6.09 10.60 17.50
CA ALA B 238 6.34 11.49 16.38
C ALA B 238 7.10 12.77 16.70
N TYR B 239 6.78 13.51 17.77
CA TYR B 239 7.48 14.79 17.94
C TYR B 239 8.95 14.60 18.33
N THR B 240 9.24 13.54 19.09
CA THR B 240 10.62 13.28 19.50
C THR B 240 11.50 12.92 18.31
N PHE B 241 11.07 11.93 17.55
CA PHE B 241 11.66 11.70 16.25
C PHE B 241 11.47 13.03 15.62
N THR B 242 12.43 13.55 14.86
CA THR B 242 12.34 14.91 14.24
C THR B 242 13.27 15.91 14.87
N GLN B 243 13.00 16.19 16.15
CA GLN B 243 13.94 16.91 16.96
C GLN B 243 15.27 16.28 16.62
N HIS B 244 15.33 14.95 16.77
CA HIS B 244 16.52 14.18 16.46
C HIS B 244 16.88 14.23 14.97
N LEU B 245 15.86 14.26 14.12
CA LEU B 245 16.08 14.36 12.67
C LEU B 245 16.72 15.68 12.20
N GLN B 246 16.55 16.75 12.96
CA GLN B 246 17.11 18.05 12.60
C GLN B 246 18.39 18.32 13.37
N GLN B 247 18.42 17.88 14.63
CA GLN B 247 19.57 18.07 15.50
C GLN B 247 20.70 17.14 15.13
N ARG B 248 20.36 15.86 14.97
CA ARG B 248 21.36 14.80 14.94
C ARG B 248 21.59 14.27 13.54
N LEU B 249 20.53 14.04 12.80
CA LEU B 249 20.68 13.36 11.54
C LEU B 249 21.63 14.07 10.54
N PRO B 250 21.55 15.42 10.45
CA PRO B 250 22.37 16.04 9.39
C PRO B 250 23.89 15.90 9.62
N ARG B 251 24.31 15.79 10.87
CA ARG B 251 25.70 15.39 11.19
C ARG B 251 26.16 14.12 10.46
N TYR B 252 25.27 13.15 10.28
CA TYR B 252 25.67 11.82 9.80
C TYR B 252 25.12 11.51 8.40
N GLU B 253 24.14 12.28 7.91
CA GLU B 253 23.47 11.99 6.63
C GLU B 253 24.45 11.73 5.48
N SER B 254 25.61 12.34 5.57
CA SER B 254 26.63 12.19 4.52
C SER B 254 27.22 10.80 4.55
N HIS B 255 27.66 10.37 5.74
CA HIS B 255 28.26 9.05 5.91
C HIS B 255 27.23 7.94 5.56
N PHE B 256 26.01 8.06 6.07
CA PHE B 256 24.91 7.19 5.68
C PHE B 256 24.73 7.11 4.17
N LYS B 257 24.98 8.24 3.48
CA LYS B 257 24.81 8.30 2.04
C LYS B 257 26.00 7.62 1.36
N GLN B 258 27.21 7.88 1.85
CA GLN B 258 28.38 7.24 1.26
C GLN B 258 28.32 5.71 1.47
N SER B 259 28.04 5.25 2.69
CA SER B 259 28.00 3.81 2.95
C SER B 259 26.95 3.13 2.04
N GLY B 260 25.78 3.75 1.94
CA GLY B 260 24.76 3.34 0.97
C GLY B 260 25.28 3.08 -0.44
N LYS B 261 26.04 4.04 -1.01
CA LYS B 261 26.61 3.89 -2.36
C LYS B 261 27.62 2.75 -2.44
N GLN B 262 28.60 2.74 -1.52
CA GLN B 262 29.64 1.70 -1.55
C GLN B 262 29.04 0.30 -1.50
N LYS B 263 27.85 0.17 -0.92
CA LYS B 263 27.21 -1.12 -0.57
C LYS B 263 25.99 -1.45 -1.41
N ASP B 264 25.43 -0.43 -2.08
CA ASP B 264 24.30 -0.63 -3.02
C ASP B 264 22.91 -0.75 -2.33
N THR B 265 22.65 0.06 -1.28
CA THR B 265 21.43 -0.09 -0.50
C THR B 265 20.90 1.24 0.05
N ASP B 266 19.57 1.37 0.06
CA ASP B 266 18.90 2.58 0.51
C ASP B 266 19.54 3.12 1.81
N TRP B 267 20.01 4.38 1.77
CA TRP B 267 20.73 4.99 2.91
C TRP B 267 19.77 5.13 4.06
N ARG B 268 18.48 5.20 3.76
CA ARG B 268 17.46 5.43 4.78
C ARG B 268 17.16 4.17 5.64
N LEU B 269 17.44 2.97 5.13
CA LEU B 269 17.37 1.75 5.97
C LEU B 269 18.50 1.73 6.97
N LEU B 270 19.68 2.14 6.52
CA LEU B 270 20.85 2.19 7.38
C LEU B 270 20.69 3.21 8.49
N ALA B 271 19.94 4.26 8.19
CA ALA B 271 19.82 5.35 9.12
C ALA B 271 18.77 4.96 10.14
N ALA B 272 17.79 4.20 9.64
CA ALA B 272 16.76 3.62 10.49
C ALA B 272 17.37 2.61 11.50
N ILE B 273 18.40 1.87 11.09
CA ILE B 273 19.17 1.03 12.00
C ILE B 273 19.91 1.87 13.07
N GLY B 274 20.76 2.77 12.59
CA GLY B 274 21.47 3.70 13.47
C GLY B 274 20.56 4.40 14.47
N TYR B 275 19.33 4.70 14.08
CA TYR B 275 18.45 5.37 15.01
C TYR B 275 17.91 4.41 16.08
N GLN B 276 17.55 3.20 15.67
CA GLN B 276 17.09 2.19 16.60
C GLN B 276 18.19 1.88 17.62
N GLU B 277 19.40 1.61 17.14
CA GLU B 277 20.44 1.15 18.05
C GLU B 277 20.88 2.25 19.03
N SER B 278 21.20 3.46 18.54
CA SER B 278 21.70 4.54 19.41
C SER B 278 20.94 5.87 19.37
N LEU B 279 19.86 5.95 18.59
CA LEU B 279 19.21 7.24 18.33
C LEU B 279 20.19 8.25 17.73
N TRP B 280 21.08 7.79 16.85
CA TRP B 280 22.04 8.68 16.18
C TRP B 280 22.93 9.45 17.17
N GLN B 281 23.54 8.71 18.11
CA GLN B 281 24.48 9.24 19.10
C GLN B 281 25.77 8.41 19.13
N PRO B 282 26.88 8.95 18.61
CA PRO B 282 28.09 8.13 18.39
C PRO B 282 28.89 7.90 19.64
N GLY B 283 28.36 8.40 20.75
CA GLY B 283 28.92 8.13 22.06
C GLY B 283 28.23 6.95 22.72
N ALA B 284 26.91 6.85 22.51
CA ALA B 284 26.07 5.82 23.12
C ALA B 284 26.80 4.52 23.43
N THR B 285 26.81 4.18 24.71
CA THR B 285 27.57 3.05 25.19
C THR B 285 26.56 2.11 25.83
N SER B 286 27.03 0.97 26.33
CA SER B 286 26.16 0.01 26.98
C SER B 286 26.99 -1.04 27.71
N LYS B 287 26.45 -1.47 28.85
CA LYS B 287 27.09 -2.45 29.72
C LYS B 287 27.24 -3.77 28.99
N THR B 288 26.42 -3.98 27.95
CA THR B 288 26.42 -5.23 27.20
C THR B 288 27.60 -5.32 26.25
N GLY B 289 28.49 -4.32 26.27
CA GLY B 289 29.72 -4.33 25.49
C GLY B 289 29.51 -3.83 24.09
N VAL B 290 28.36 -3.23 23.86
CA VAL B 290 28.02 -2.71 22.55
C VAL B 290 28.18 -1.17 22.59
N ARG B 291 28.77 -0.60 21.55
CA ARG B 291 29.17 0.82 21.58
C ARG B 291 29.16 1.47 20.21
N GLY B 292 28.87 2.78 20.22
CA GLY B 292 28.89 3.57 19.00
C GLY B 292 27.53 3.76 18.38
N LEU B 293 27.52 4.39 17.22
CA LEU B 293 26.26 4.80 16.63
C LEU B 293 25.50 3.60 16.09
N MET B 294 26.19 2.61 15.52
CA MET B 294 25.50 1.41 15.01
C MET B 294 25.52 0.24 16.04
N MET B 295 25.90 0.57 17.29
CA MET B 295 26.04 -0.34 18.44
C MET B 295 26.62 -1.70 18.03
N LEU B 296 27.91 -1.64 17.70
CA LEU B 296 28.70 -2.82 17.40
C LEU B 296 29.33 -3.40 18.66
N THR B 297 29.55 -4.71 18.61
CA THR B 297 30.41 -5.40 19.56
C THR B 297 31.85 -5.17 19.15
N ASN B 298 32.76 -5.41 20.07
CA ASN B 298 34.16 -5.16 19.83
C ASN B 298 34.75 -6.14 18.82
N ARG B 299 34.09 -7.28 18.65
CA ARG B 299 34.58 -8.35 17.79
C ARG B 299 34.10 -8.09 16.37
N THR B 300 32.81 -7.79 16.27
CA THR B 300 32.20 -7.38 15.03
C THR B 300 32.94 -6.13 14.48
N ALA B 301 33.25 -5.19 15.38
CA ALA B 301 34.04 -4.00 15.04
C ALA B 301 35.36 -4.36 14.36
N GLN B 302 36.19 -5.14 15.05
CA GLN B 302 37.48 -5.48 14.47
C GLN B 302 37.33 -6.22 13.16
N ALA B 303 36.29 -7.06 13.07
CA ALA B 303 36.05 -7.87 11.88
C ALA B 303 35.68 -7.02 10.68
N MET B 304 34.95 -5.95 10.92
CA MET B 304 34.57 -5.04 9.87
C MET B 304 35.64 -3.94 9.62
N GLY B 305 36.61 -3.82 10.51
CA GLY B 305 37.77 -2.95 10.30
C GLY B 305 37.63 -1.61 10.98
N VAL B 306 36.81 -1.57 12.02
CA VAL B 306 36.66 -0.40 12.85
C VAL B 306 37.78 -0.37 13.89
N SER B 307 38.54 0.73 13.88
CA SER B 307 39.64 0.96 14.83
C SER B 307 39.12 1.69 16.06
N ASN B 308 38.27 2.71 15.85
CA ASN B 308 37.51 3.32 16.94
C ASN B 308 36.02 3.21 16.68
N ARG B 309 35.35 2.56 17.63
CA ARG B 309 33.90 2.35 17.61
C ARG B 309 33.17 3.65 17.81
N LEU B 310 33.91 4.68 18.20
CA LEU B 310 33.34 5.96 18.60
C LEU B 310 33.45 7.04 17.51
N ASP B 311 34.17 6.74 16.43
CA ASP B 311 34.09 7.53 15.20
C ASP B 311 32.82 7.21 14.41
N PRO B 312 31.94 8.21 14.26
CA PRO B 312 30.69 7.96 13.54
C PRO B 312 30.88 7.56 12.07
N LYS B 313 31.93 8.03 11.42
CA LYS B 313 32.19 7.62 10.05
C LYS B 313 32.50 6.12 10.06
N GLN B 314 33.22 5.68 11.09
CA GLN B 314 33.63 4.29 11.15
C GLN B 314 32.49 3.38 11.67
N SER B 315 31.82 3.75 12.75
CA SER B 315 30.72 2.97 13.26
C SER B 315 29.66 2.77 12.19
N ILE B 316 29.32 3.87 11.50
CA ILE B 316 28.29 3.79 10.47
C ILE B 316 28.83 2.94 9.33
N GLN B 317 30.14 2.96 9.11
CA GLN B 317 30.72 2.18 8.02
C GLN B 317 30.69 0.69 8.37
N GLY B 318 31.02 0.36 9.61
CA GLY B 318 31.04 -1.01 10.09
C GLY B 318 29.65 -1.63 10.18
N GLY B 319 28.82 -1.05 11.05
CA GLY B 319 27.41 -1.40 11.16
C GLY B 319 26.74 -1.65 9.82
N SER B 320 27.08 -0.80 8.86
CA SER B 320 26.49 -0.89 7.53
C SER B 320 27.04 -2.07 6.76
N LYS B 321 28.32 -2.37 6.92
CA LYS B 321 28.88 -3.52 6.24
C LYS B 321 28.40 -4.83 6.88
N TYR B 322 28.29 -4.89 8.22
CA TYR B 322 27.78 -6.08 8.91
C TYR B 322 26.38 -6.39 8.33
N PHE B 323 25.49 -5.43 8.33
CA PHE B 323 24.14 -5.68 7.90
C PHE B 323 24.04 -6.23 6.46
N VAL B 324 24.86 -5.71 5.55
CA VAL B 324 24.77 -6.18 4.17
C VAL B 324 25.43 -7.53 4.01
N GLN B 325 26.51 -7.78 4.77
CA GLN B 325 27.12 -9.11 4.73
C GLN B 325 26.11 -10.17 5.19
N ILE B 326 25.52 -9.98 6.36
CA ILE B 326 24.46 -10.86 6.84
C ILE B 326 23.35 -11.04 5.79
N ARG B 327 22.95 -9.96 5.14
CA ARG B 327 21.89 -10.06 4.15
C ARG B 327 22.33 -10.91 2.94
N SER B 328 23.61 -10.79 2.55
CA SER B 328 24.21 -11.58 1.46
C SER B 328 24.20 -13.07 1.76
N GLU B 329 24.47 -13.43 3.02
CA GLU B 329 24.57 -14.80 3.47
C GLU B 329 23.25 -15.55 3.63
N LEU B 330 22.11 -14.86 3.60
CA LEU B 330 20.82 -15.54 3.77
C LEU B 330 20.54 -16.49 2.59
N PRO B 331 19.90 -17.63 2.87
CA PRO B 331 19.62 -18.65 1.84
C PRO B 331 19.02 -18.03 0.56
N GLU B 332 19.41 -18.50 -0.62
CA GLU B 332 18.96 -17.88 -1.87
C GLU B 332 17.43 -17.85 -2.02
N SER B 333 16.71 -18.71 -1.30
CA SER B 333 15.27 -18.80 -1.50
C SER B 333 14.55 -17.60 -0.88
N ILE B 334 15.25 -16.82 -0.05
CA ILE B 334 14.62 -15.65 0.53
C ILE B 334 14.83 -14.41 -0.35
N LYS B 335 13.73 -13.86 -0.89
CA LYS B 335 13.78 -12.77 -1.87
C LYS B 335 13.40 -11.41 -1.25
N GLU B 336 13.83 -10.29 -1.87
CA GLU B 336 13.47 -8.97 -1.39
C GLU B 336 11.98 -8.75 -1.55
N PRO B 337 11.36 -7.86 -0.71
CA PRO B 337 11.95 -7.15 0.41
C PRO B 337 12.15 -8.03 1.69
N ASP B 338 11.36 -9.10 1.87
CA ASP B 338 11.55 -10.06 2.99
C ASP B 338 13.01 -10.26 3.39
N ARG B 339 13.85 -10.49 2.41
CA ARG B 339 15.26 -10.72 2.67
C ARG B 339 15.85 -9.60 3.54
N SER B 340 15.43 -8.38 3.28
CA SER B 340 15.91 -7.29 4.11
C SER B 340 15.40 -7.40 5.55
N TRP B 341 14.15 -7.80 5.72
CA TRP B 341 13.58 -7.94 7.06
C TRP B 341 14.20 -9.16 7.83
N PHE B 342 14.41 -10.31 7.18
CA PHE B 342 15.16 -11.44 7.75
C PHE B 342 16.59 -10.99 8.18
N ALA B 343 17.15 -10.03 7.44
CA ALA B 343 18.51 -9.59 7.74
C ALA B 343 18.57 -8.72 8.99
N LEU B 344 17.61 -7.81 9.13
CA LEU B 344 17.51 -7.05 10.37
C LEU B 344 17.34 -8.08 11.55
N ALA B 345 16.49 -9.09 11.37
CA ALA B 345 16.29 -10.11 12.39
C ALA B 345 17.62 -10.73 12.82
N ALA B 346 18.36 -11.21 11.84
CA ALA B 346 19.69 -11.76 12.05
C ALA B 346 20.69 -10.79 12.66
N TYR B 347 20.64 -9.52 12.27
CA TYR B 347 21.49 -8.53 12.91
C TYR B 347 21.29 -8.58 14.45
N ASN B 348 20.06 -8.79 14.85
CA ASN B 348 19.70 -8.72 16.24
C ASN B 348 19.90 -10.04 17.02
N ILE B 349 19.47 -11.16 16.45
CA ILE B 349 19.35 -12.43 17.15
C ILE B 349 20.33 -13.46 16.65
N GLY B 350 20.93 -13.18 15.52
CA GLY B 350 21.94 -14.08 14.99
C GLY B 350 21.37 -15.04 14.03
N GLY B 351 22.21 -15.55 13.15
CA GLY B 351 21.75 -16.39 12.06
C GLY B 351 21.33 -17.78 12.51
N ALA B 352 21.91 -18.31 13.60
CA ALA B 352 21.55 -19.67 14.07
C ALA B 352 20.10 -19.72 14.58
N HIS B 353 19.73 -18.79 15.45
CA HIS B 353 18.35 -18.75 15.97
C HIS B 353 17.30 -18.43 14.90
N LEU B 354 17.72 -17.67 13.91
CA LEU B 354 16.80 -17.27 12.88
C LEU B 354 16.51 -18.50 12.06
N GLU B 355 17.53 -19.28 11.78
CA GLU B 355 17.37 -20.54 11.10
C GLU B 355 16.46 -21.55 11.86
N ASP B 356 16.56 -21.62 13.19
CA ASP B 356 15.63 -22.44 13.96
C ASP B 356 14.20 -22.00 13.80
N ALA B 357 14.01 -20.70 13.68
CA ALA B 357 12.67 -20.16 13.49
C ALA B 357 12.17 -20.42 12.06
N ARG B 358 13.09 -20.43 11.08
CA ARG B 358 12.71 -20.86 9.72
C ARG B 358 12.35 -22.36 9.72
N LYS B 359 13.20 -23.21 10.30
CA LYS B 359 12.91 -24.68 10.40
C LYS B 359 11.55 -24.89 11.05
N MET B 360 11.28 -24.10 12.09
CA MET B 360 10.02 -24.21 12.81
C MET B 360 8.84 -23.80 11.91
N ALA B 361 9.04 -22.75 11.11
CA ALA B 361 7.97 -22.27 10.26
C ALA B 361 7.57 -23.34 9.23
N GLU B 362 8.55 -23.99 8.64
CA GLU B 362 8.23 -25.04 7.70
C GLU B 362 7.46 -26.18 8.39
N LYS B 363 7.94 -26.68 9.53
CA LYS B 363 7.20 -27.77 10.19
C LYS B 363 5.77 -27.35 10.46
N GLU B 364 5.53 -26.06 10.65
CA GLU B 364 4.16 -25.61 10.91
C GLU B 364 3.35 -25.49 9.64
N GLY B 365 3.93 -25.85 8.50
CA GLY B 365 3.20 -25.76 7.25
C GLY B 365 3.16 -24.31 6.72
N LEU B 366 3.97 -23.43 7.29
CA LEU B 366 4.09 -22.08 6.80
C LEU B 366 5.23 -21.95 5.80
N ASN B 367 5.39 -20.77 5.22
CA ASN B 367 6.45 -20.47 4.26
C ASN B 367 7.69 -19.89 4.94
N PRO B 368 8.82 -20.61 4.94
CA PRO B 368 9.99 -20.11 5.67
C PRO B 368 10.79 -18.98 4.96
N ASN B 369 10.31 -18.55 3.79
CA ASN B 369 10.95 -17.51 3.01
C ASN B 369 10.13 -16.24 3.11
N LYS B 370 8.98 -16.29 3.81
CA LYS B 370 8.17 -15.08 4.10
C LYS B 370 8.31 -14.51 5.54
N TRP B 371 8.53 -13.21 5.64
CA TRP B 371 8.74 -12.55 6.93
C TRP B 371 7.45 -12.64 7.76
N LEU B 372 6.28 -12.60 7.13
CA LEU B 372 5.04 -12.63 7.88
C LEU B 372 4.85 -13.93 8.66
N ASP B 373 5.34 -15.03 8.09
CA ASP B 373 5.17 -16.32 8.72
C ASP B 373 6.29 -16.59 9.76
N VAL B 374 7.53 -16.30 9.40
CA VAL B 374 8.63 -16.60 10.31
C VAL B 374 8.60 -15.64 11.51
N LYS B 375 8.04 -14.45 11.35
CA LYS B 375 7.99 -13.51 12.46
C LYS B 375 7.05 -14.02 13.54
N LYS B 376 6.12 -14.85 13.15
CA LYS B 376 5.15 -15.44 14.06
C LYS B 376 5.83 -16.56 14.90
N MET B 377 6.87 -17.17 14.36
CA MET B 377 7.61 -18.19 15.09
C MET B 377 8.60 -17.61 16.08
N LEU B 378 9.16 -16.43 15.84
CA LEU B 378 10.28 -16.00 16.66
C LEU B 378 10.00 -15.85 18.15
N PRO B 379 8.83 -15.37 18.54
CA PRO B 379 8.53 -15.26 19.96
C PRO B 379 8.51 -16.62 20.65
N ARG B 380 8.37 -17.67 19.87
CA ARG B 380 8.32 -18.99 20.44
C ARG B 380 9.67 -19.42 20.96
N LEU B 381 10.72 -18.75 20.50
CA LEU B 381 12.03 -19.10 20.99
C LEU B 381 12.18 -18.74 22.46
N ALA B 382 11.20 -18.04 23.02
CA ALA B 382 11.20 -17.72 24.45
C ALA B 382 10.28 -18.61 25.26
N GLN B 383 9.77 -19.68 24.65
CA GLN B 383 8.88 -20.63 25.35
C GLN B 383 9.48 -22.01 25.33
N LYS B 384 9.75 -22.54 26.52
CA LYS B 384 10.48 -23.80 26.64
C LYS B 384 9.86 -24.93 25.86
N GLN B 385 8.55 -25.04 25.91
CA GLN B 385 7.88 -26.06 25.13
C GLN B 385 8.28 -26.06 23.66
N TRP B 386 8.50 -24.87 23.09
CA TRP B 386 9.01 -24.74 21.73
C TRP B 386 10.55 -24.75 21.66
N TYR B 387 11.24 -23.95 22.48
CA TYR B 387 12.67 -23.84 22.24
C TYR B 387 13.52 -25.06 22.68
N ALA B 388 13.02 -25.89 23.60
CA ALA B 388 13.71 -27.14 23.99
C ALA B 388 13.84 -28.05 22.79
N LYS B 389 12.95 -27.90 21.84
CA LYS B 389 12.99 -28.80 20.69
C LYS B 389 13.84 -28.26 19.56
N THR B 390 14.54 -27.12 19.77
CA THR B 390 15.34 -26.55 18.70
C THR B 390 16.80 -26.83 18.91
N ARG B 391 17.59 -26.72 17.86
CA ARG B 391 19.03 -26.89 17.99
C ARG B 391 19.74 -25.94 18.96
N TYR B 392 19.39 -24.66 18.91
CA TYR B 392 20.11 -23.60 19.61
C TYR B 392 19.38 -23.07 20.82
N GLY B 393 18.16 -23.56 21.03
CA GLY B 393 17.48 -23.31 22.27
C GLY B 393 16.96 -21.90 22.46
N TYR B 394 16.83 -21.51 23.72
CA TYR B 394 16.20 -20.22 24.07
C TYR B 394 16.80 -18.99 23.34
N ALA B 395 15.93 -18.02 23.08
CA ALA B 395 16.30 -16.65 22.58
C ALA B 395 15.11 -15.73 22.79
N ARG B 396 15.38 -14.46 23.03
CA ARG B 396 14.31 -13.52 23.28
C ARG B 396 13.70 -13.02 21.91
N GLY B 397 13.06 -13.90 21.16
CA GLY B 397 12.67 -13.62 19.80
C GLY B 397 11.62 -12.55 19.65
N GLY B 398 10.85 -12.31 20.69
CA GLY B 398 9.89 -11.24 20.66
C GLY B 398 10.59 -9.89 20.60
N GLU B 399 11.82 -9.81 21.10
CA GLU B 399 12.53 -8.53 21.01
C GLU B 399 13.08 -8.34 19.61
N THR B 400 13.34 -9.45 18.94
CA THR B 400 13.80 -9.40 17.58
C THR B 400 12.70 -8.91 16.67
N VAL B 401 11.48 -9.34 16.90
CA VAL B 401 10.33 -8.83 16.14
C VAL B 401 10.11 -7.31 16.45
N HIS B 402 10.27 -6.88 17.70
CA HIS B 402 10.19 -5.48 18.06
C HIS B 402 11.28 -4.72 17.30
N PHE B 403 12.45 -5.31 17.22
CA PHE B 403 13.56 -4.67 16.60
C PHE B 403 13.29 -4.42 15.12
N VAL B 404 12.83 -5.45 14.42
CA VAL B 404 12.50 -5.29 13.03
C VAL B 404 11.39 -4.27 12.81
N GLN B 405 10.32 -4.33 13.62
CA GLN B 405 9.21 -3.42 13.45
C GLN B 405 9.64 -1.98 13.58
N ASN B 406 10.51 -1.69 14.55
CA ASN B 406 10.92 -0.34 14.78
C ASN B 406 11.77 0.18 13.64
N VAL B 407 12.76 -0.59 13.23
CA VAL B 407 13.64 -0.17 12.19
C VAL B 407 12.80 0.18 10.92
N ARG B 408 11.82 -0.66 10.59
CA ARG B 408 10.94 -0.42 9.48
C ARG B 408 10.00 0.75 9.65
N ARG B 409 9.63 1.01 10.90
CA ARG B 409 8.87 2.18 11.26
C ARG B 409 9.67 3.45 10.86
N TYR B 410 10.90 3.57 11.36
CA TYR B 410 11.77 4.68 11.01
C TYR B 410 12.12 4.73 9.52
N TYR B 411 12.35 3.59 8.90
CA TYR B 411 12.71 3.57 7.50
C TYR B 411 11.59 4.20 6.64
N ASP B 412 10.38 3.68 6.82
CA ASP B 412 9.18 4.24 6.20
C ASP B 412 9.02 5.76 6.47
N ILE B 413 9.20 6.18 7.72
CA ILE B 413 9.12 7.58 8.06
C ILE B 413 10.19 8.36 7.30
N LEU B 414 11.40 7.84 7.18
CA LEU B 414 12.43 8.53 6.43
C LEU B 414 12.13 8.58 4.95
N THR B 415 11.42 7.59 4.44
CA THR B 415 11.07 7.52 3.04
C THR B 415 10.01 8.58 2.71
N TRP B 416 9.06 8.74 3.62
CA TRP B 416 7.97 9.68 3.47
C TRP B 416 8.41 11.17 3.46
N VAL B 417 9.03 11.61 4.55
CA VAL B 417 10.01 12.68 4.48
C VAL B 417 10.93 12.35 3.31
N THR B 418 11.49 13.34 2.63
CA THR B 418 12.41 13.04 1.52
C THR B 418 11.69 12.46 0.28
N GLN B 419 11.12 13.34 -0.55
CA GLN B 419 10.63 12.95 -1.88
C GLN B 419 10.18 14.18 -2.69
N GLU C 3 20.75 -3.02 -58.09
CA GLU C 3 22.14 -3.36 -58.36
C GLU C 3 22.95 -3.86 -57.15
N GLY C 4 22.46 -4.85 -56.40
CA GLY C 4 21.16 -5.49 -56.57
C GLY C 4 20.18 -5.04 -55.49
N VAL C 5 19.98 -3.72 -55.40
CA VAL C 5 19.20 -3.05 -54.34
C VAL C 5 18.13 -2.08 -54.87
N LEU C 6 16.97 -2.05 -54.23
CA LEU C 6 15.95 -1.02 -54.47
C LEU C 6 15.81 -0.09 -53.27
N ARG C 7 16.05 1.19 -53.49
CA ARG C 7 15.90 2.17 -52.43
C ARG C 7 14.57 2.87 -52.50
N VAL C 8 13.89 2.92 -51.35
CA VAL C 8 12.55 3.50 -51.23
C VAL C 8 12.56 4.53 -50.09
N ILE C 9 12.03 5.71 -50.37
CA ILE C 9 11.91 6.74 -49.35
C ILE C 9 10.46 6.78 -48.87
N THR C 10 10.25 7.04 -47.59
CA THR C 10 8.90 7.05 -47.05
C THR C 10 8.98 7.90 -45.79
N ARG C 11 7.87 7.98 -45.04
CA ARG C 11 7.86 8.62 -43.72
C ARG C 11 7.91 7.59 -42.54
N ASN C 12 8.45 7.98 -41.37
CA ASN C 12 8.29 7.19 -40.13
C ASN C 12 6.94 7.60 -39.59
N SER C 13 5.93 6.76 -39.88
CA SER C 13 4.57 6.99 -39.42
C SER C 13 3.79 5.67 -39.43
N PRO C 14 2.68 5.61 -38.66
CA PRO C 14 1.92 4.36 -38.56
C PRO C 14 1.25 3.90 -39.87
N ALA C 15 1.00 4.83 -40.81
CA ALA C 15 0.23 4.48 -42.01
C ALA C 15 1.12 4.01 -43.13
N THR C 16 2.43 4.05 -42.91
CA THR C 16 3.40 3.90 -43.98
C THR C 16 4.50 2.89 -43.65
N TYR C 17 5.26 3.16 -42.60
CA TYR C 17 6.46 2.42 -42.26
C TYR C 17 6.84 2.73 -40.83
N PHE C 18 7.05 1.65 -40.06
CA PHE C 18 7.71 1.77 -38.76
C PHE C 18 8.23 0.43 -38.17
N GLN C 19 8.81 0.52 -36.98
CA GLN C 19 9.29 -0.67 -36.28
C GLN C 19 8.39 -1.03 -35.09
N ASP C 20 8.02 -2.31 -35.00
CA ASP C 20 7.36 -2.83 -33.79
C ASP C 20 8.21 -3.94 -33.18
N ARG C 21 7.64 -4.69 -32.23
CA ARG C 21 8.39 -5.72 -31.53
C ARG C 21 8.90 -6.83 -32.47
N ASN C 22 8.31 -6.97 -33.66
CA ASN C 22 8.72 -7.99 -34.64
C ASN C 22 9.66 -7.51 -35.78
N GLY C 23 9.98 -6.21 -35.82
CA GLY C 23 10.74 -5.60 -36.90
C GLY C 23 9.99 -4.59 -37.77
N GLU C 24 10.37 -4.50 -39.04
CA GLU C 24 9.81 -3.49 -39.95
C GLU C 24 8.37 -3.86 -40.31
N THR C 25 7.50 -2.86 -40.43
CA THR C 25 6.07 -3.12 -40.71
C THR C 25 5.43 -1.83 -41.26
N GLY C 26 4.12 -1.85 -41.56
CA GLY C 26 3.41 -0.74 -42.21
C GLY C 26 2.91 -1.09 -43.64
N PHE C 27 1.77 -0.53 -44.05
CA PHE C 27 1.25 -0.71 -45.43
C PHE C 27 2.32 -0.48 -46.53
N GLU C 28 2.92 0.71 -46.60
CA GLU C 28 3.86 0.99 -47.66
C GLU C 28 5.08 0.05 -47.60
N TYR C 29 5.52 -0.30 -46.39
CA TYR C 29 6.65 -1.21 -46.22
C TYR C 29 6.39 -2.61 -46.80
N GLU C 30 5.20 -3.16 -46.56
CA GLU C 30 4.80 -4.42 -47.15
C GLU C 30 4.65 -4.34 -48.69
N LEU C 31 3.98 -3.30 -49.21
CA LEU C 31 3.79 -3.20 -50.65
C LEU C 31 5.14 -3.10 -51.35
N ALA C 32 6.06 -2.34 -50.77
CA ALA C 32 7.35 -2.16 -51.42
C ALA C 32 8.23 -3.37 -51.27
N LYS C 33 8.08 -4.12 -50.19
CA LYS C 33 8.96 -5.27 -49.95
C LYS C 33 8.61 -6.36 -50.97
N ARG C 34 7.32 -6.61 -51.18
CA ARG C 34 6.96 -7.59 -52.15
C ARG C 34 7.10 -7.05 -53.59
N PHE C 35 7.31 -5.75 -53.76
CA PHE C 35 7.68 -5.25 -55.06
C PHE C 35 9.15 -5.59 -55.30
N ALA C 36 9.99 -5.40 -54.30
CA ALA C 36 11.39 -5.77 -54.42
C ALA C 36 11.55 -7.30 -54.57
N GLU C 37 10.61 -8.04 -54.01
CA GLU C 37 10.62 -9.50 -54.17
C GLU C 37 10.27 -9.84 -55.62
N ARG C 38 9.32 -9.10 -56.20
CA ARG C 38 8.98 -9.23 -57.63
C ARG C 38 10.02 -8.63 -58.56
N LEU C 39 11.22 -8.34 -58.06
CA LEU C 39 12.32 -7.84 -58.89
C LEU C 39 13.61 -8.54 -58.48
N GLY C 40 13.55 -9.37 -57.43
CA GLY C 40 14.72 -10.07 -56.92
C GLY C 40 15.82 -9.10 -56.51
N VAL C 41 15.48 -8.25 -55.54
CA VAL C 41 16.40 -7.22 -55.05
C VAL C 41 16.13 -6.99 -53.56
N GLU C 42 17.15 -6.59 -52.83
CA GLU C 42 17.03 -6.23 -51.44
C GLU C 42 16.36 -4.85 -51.26
N LEU C 43 15.20 -4.80 -50.59
CA LEU C 43 14.57 -3.52 -50.25
C LEU C 43 15.33 -2.80 -49.16
N LYS C 44 15.74 -1.57 -49.44
CA LYS C 44 16.38 -0.69 -48.48
C LYS C 44 15.53 0.56 -48.22
N ILE C 45 15.04 0.72 -46.99
CA ILE C 45 14.18 1.84 -46.63
C ILE C 45 14.93 3.02 -46.11
N GLU C 46 14.46 4.19 -46.53
CA GLU C 46 15.02 5.46 -46.13
C GLU C 46 13.90 6.35 -45.65
N THR C 47 14.14 7.05 -44.55
CA THR C 47 13.13 7.88 -43.95
C THR C 47 13.42 9.37 -44.16
N ALA C 48 12.38 10.09 -44.52
CA ALA C 48 12.50 11.50 -44.78
C ALA C 48 12.07 12.31 -43.52
N ASP C 49 12.81 13.38 -43.20
CA ASP C 49 12.47 14.28 -42.09
C ASP C 49 11.08 14.90 -42.15
N ASN C 50 10.53 15.07 -43.33
CA ASN C 50 9.29 15.80 -43.53
C ASN C 50 8.97 15.71 -45.03
N LEU C 51 7.80 16.19 -45.42
CA LEU C 51 7.39 16.06 -46.81
C LEU C 51 8.30 16.77 -47.79
N ASP C 52 8.78 17.97 -47.47
CA ASP C 52 9.64 18.69 -48.39
C ASP C 52 10.97 17.97 -48.53
N ASP C 53 11.50 17.48 -47.42
CA ASP C 53 12.75 16.76 -47.49
C ASP C 53 12.58 15.49 -48.36
N LEU C 54 11.36 14.98 -48.47
CA LEU C 54 11.11 13.74 -49.20
C LEU C 54 11.25 14.04 -50.67
N TYR C 55 10.50 14.99 -51.17
CA TYR C 55 10.62 15.39 -52.59
C TYR C 55 12.01 15.86 -52.99
N ALA C 56 12.72 16.56 -52.11
CA ALA C 56 14.07 17.04 -52.42
C ALA C 56 15.05 15.91 -52.54
N GLN C 57 14.88 14.88 -51.74
CA GLN C 57 15.75 13.71 -51.77
C GLN C 57 15.49 12.91 -53.03
N LEU C 58 14.20 12.83 -53.38
CA LEU C 58 13.73 12.07 -54.51
C LEU C 58 14.29 12.61 -55.82
N SER C 59 13.95 13.87 -56.05
CA SER C 59 14.41 14.65 -57.19
C SER C 59 15.77 15.17 -56.87
N ARG C 60 16.75 14.28 -56.88
CA ARG C 60 18.14 14.63 -56.63
C ARG C 60 18.99 13.50 -57.17
N GLU C 61 20.13 13.85 -57.75
CA GLU C 61 21.04 12.88 -58.33
C GLU C 61 21.50 11.84 -57.30
N GLY C 62 21.46 10.58 -57.72
CA GLY C 62 21.87 9.47 -56.88
C GLY C 62 21.00 9.36 -55.65
N GLY C 63 19.70 9.42 -55.85
CA GLY C 63 18.77 9.38 -54.74
C GLY C 63 18.01 8.09 -54.65
N PRO C 64 16.92 8.13 -53.89
CA PRO C 64 16.05 6.96 -53.90
C PRO C 64 15.33 6.77 -55.24
N ALA C 65 15.06 5.49 -55.53
CA ALA C 65 14.38 5.05 -56.74
C ALA C 65 12.94 5.47 -56.76
N LEU C 66 12.28 5.46 -55.62
CA LEU C 66 10.92 5.94 -55.58
C LEU C 66 10.48 6.30 -54.16
N ALA C 67 9.29 6.88 -54.04
CA ALA C 67 8.73 7.22 -52.74
C ALA C 67 7.39 6.55 -52.57
N ALA C 68 7.24 5.86 -51.44
CA ALA C 68 6.02 5.13 -51.12
C ALA C 68 5.60 5.60 -49.78
N ALA C 69 4.54 6.39 -49.73
CA ALA C 69 4.35 7.28 -48.61
C ALA C 69 2.99 7.95 -48.53
N GLY C 70 1.97 7.28 -49.03
CA GLY C 70 0.63 7.84 -49.06
C GLY C 70 0.55 9.20 -49.73
N LEU C 71 1.33 9.38 -50.80
CA LEU C 71 1.40 10.65 -51.51
C LEU C 71 0.24 10.85 -52.48
N THR C 72 -0.30 12.06 -52.47
CA THR C 72 -1.32 12.45 -53.43
C THR C 72 -0.57 13.01 -54.65
N PRO C 73 -0.94 12.53 -55.85
CA PRO C 73 -0.25 12.97 -57.06
C PRO C 73 -0.42 14.48 -57.34
N GLY C 74 0.57 15.04 -57.99
CA GLY C 74 0.60 16.46 -58.22
C GLY C 74 -0.25 16.93 -59.38
N ARG C 75 0.21 18.01 -59.99
CA ARG C 75 -0.63 18.79 -60.87
C ARG C 75 -0.97 18.05 -62.15
N GLU C 76 -0.06 17.99 -63.11
CA GLU C 76 -0.42 17.30 -64.36
C GLU C 76 0.73 17.14 -65.37
N ASP C 77 1.25 18.12 -66.12
CA ASP C 77 1.31 19.61 -66.00
C ASP C 77 2.62 20.05 -65.32
N ASP C 78 2.91 19.51 -64.14
CA ASP C 78 4.27 19.53 -63.65
C ASP C 78 4.86 18.11 -63.77
N ALA C 79 6.11 18.05 -64.21
CA ALA C 79 6.78 16.80 -64.48
C ALA C 79 8.05 16.67 -63.62
N SER C 80 8.27 17.60 -62.71
CA SER C 80 9.41 17.52 -61.78
C SER C 80 9.35 16.15 -60.99
N VAL C 81 8.14 15.62 -60.78
CA VAL C 81 7.99 14.27 -60.24
C VAL C 81 6.82 13.51 -60.90
N ARG C 82 7.04 12.21 -61.11
CA ARG C 82 6.05 11.31 -61.73
C ARG C 82 5.35 10.37 -60.75
N TYR C 83 4.07 10.10 -60.99
CA TYR C 83 3.29 9.21 -60.14
C TYR C 83 2.82 7.96 -60.88
N SER C 84 2.83 6.85 -60.15
CA SER C 84 2.40 5.56 -60.61
C SER C 84 0.89 5.47 -60.65
N HIS C 85 0.35 4.32 -61.06
CA HIS C 85 -1.09 4.10 -60.97
C HIS C 85 -1.46 4.18 -59.51
N THR C 86 -2.74 4.36 -59.22
CA THR C 86 -3.17 4.60 -57.86
C THR C 86 -3.53 3.29 -57.16
N TYR C 87 -3.03 3.13 -55.92
CA TYR C 87 -3.13 1.85 -55.20
C TYR C 87 -4.06 1.90 -54.01
N LEU C 88 -4.74 3.03 -53.84
CA LEU C 88 -5.59 3.19 -52.67
C LEU C 88 -6.38 4.46 -52.77
N ASP C 89 -7.69 4.36 -52.55
CA ASP C 89 -8.53 5.52 -52.67
C ASP C 89 -8.90 6.06 -51.28
N VAL C 90 -8.84 7.39 -51.16
CA VAL C 90 -9.05 8.11 -49.91
C VAL C 90 -9.78 9.42 -50.16
N THR C 91 -10.24 10.06 -49.10
CA THR C 91 -10.93 11.33 -49.19
C THR C 91 -10.53 12.28 -48.04
N PRO C 92 -10.04 13.50 -48.37
CA PRO C 92 -9.68 14.43 -47.27
C PRO C 92 -10.87 14.79 -46.39
N GLN C 93 -10.65 14.86 -45.09
CA GLN C 93 -11.74 15.09 -44.14
C GLN C 93 -11.36 16.12 -43.13
N ILE C 94 -12.30 17.01 -42.81
CA ILE C 94 -12.12 17.93 -41.70
C ILE C 94 -12.47 17.28 -40.35
N ILE C 95 -11.55 17.38 -39.42
CA ILE C 95 -11.66 16.71 -38.13
C ILE C 95 -11.85 17.71 -37.04
N TYR C 96 -12.88 17.53 -36.23
CA TYR C 96 -13.11 18.40 -35.09
C TYR C 96 -13.21 17.56 -33.85
N ARG C 97 -13.30 18.24 -32.72
CA ARG C 97 -13.28 17.59 -31.42
C ARG C 97 -14.69 17.37 -30.87
N ASN C 98 -14.99 16.17 -30.37
CA ASN C 98 -16.34 15.88 -29.89
C ASN C 98 -16.73 16.82 -28.77
N GLY C 99 -17.89 17.44 -28.95
CA GLY C 99 -18.43 18.40 -28.00
C GLY C 99 -18.08 19.83 -28.39
N GLN C 100 -18.03 20.12 -29.68
CA GLN C 100 -17.62 21.46 -30.11
C GLN C 100 -18.53 21.92 -31.21
N GLN C 101 -18.28 23.14 -31.67
CA GLN C 101 -18.95 23.66 -32.86
C GLN C 101 -18.66 22.69 -33.99
N ARG C 102 -19.69 22.01 -34.48
CA ARG C 102 -19.55 21.10 -35.61
C ARG C 102 -19.68 21.85 -36.93
N PRO C 103 -18.56 22.22 -37.57
CA PRO C 103 -18.72 22.90 -38.84
C PRO C 103 -19.34 21.99 -39.91
N THR C 104 -19.99 22.57 -40.91
CA THR C 104 -20.76 21.82 -41.91
C THR C 104 -20.36 22.18 -43.34
N ARG C 105 -19.77 23.36 -43.48
CA ARG C 105 -19.41 23.91 -44.76
C ARG C 105 -18.09 24.63 -44.54
N PRO C 106 -17.22 24.70 -45.57
CA PRO C 106 -15.94 25.42 -45.47
C PRO C 106 -15.97 26.85 -44.90
N GLU C 107 -17.13 27.38 -44.50
CA GLU C 107 -17.20 28.70 -43.86
C GLU C 107 -17.12 28.57 -42.35
N ASP C 108 -17.79 27.56 -41.80
CA ASP C 108 -17.85 27.40 -40.35
C ASP C 108 -16.41 27.38 -39.85
N LEU C 109 -15.58 26.69 -40.62
CA LEU C 109 -14.15 26.75 -40.41
C LEU C 109 -13.59 28.12 -40.82
N VAL C 110 -12.81 28.72 -39.94
CA VAL C 110 -12.22 30.08 -40.03
C VAL C 110 -12.36 30.74 -38.66
N GLY C 111 -11.29 31.35 -38.18
CA GLY C 111 -11.27 31.81 -36.80
C GLY C 111 -11.18 30.65 -35.81
N LYS C 112 -10.53 29.58 -36.25
CA LYS C 112 -10.30 28.43 -35.40
C LYS C 112 -8.84 28.02 -35.61
N ARG C 113 -8.20 27.48 -34.58
CA ARG C 113 -6.80 27.09 -34.72
C ARG C 113 -6.81 25.81 -35.56
N ILE C 114 -6.08 25.78 -36.66
CA ILE C 114 -6.00 24.58 -37.48
C ILE C 114 -4.57 24.41 -37.90
N MET C 115 -4.10 23.16 -37.79
CA MET C 115 -2.74 22.82 -38.14
C MET C 115 -2.83 21.70 -39.17
N VAL C 116 -1.83 21.63 -40.04
CA VAL C 116 -1.70 20.53 -40.99
C VAL C 116 -0.22 20.35 -41.24
N LEU C 117 0.15 19.28 -41.95
CA LEU C 117 1.54 19.06 -42.30
C LEU C 117 2.02 20.14 -43.26
N LYS C 118 3.23 20.63 -43.04
CA LYS C 118 3.82 21.54 -44.00
C LYS C 118 4.17 20.74 -45.22
N GLY C 119 3.80 21.26 -46.38
CA GLY C 119 4.21 20.73 -47.67
C GLY C 119 3.29 19.61 -48.10
N SER C 120 2.05 19.66 -47.67
CA SER C 120 1.12 18.57 -47.89
C SER C 120 0.05 18.94 -48.88
N SER C 121 -0.55 17.90 -49.50
CA SER C 121 -1.73 18.07 -50.32
C SER C 121 -2.71 18.95 -49.56
N HIS C 122 -2.93 18.63 -48.29
CA HIS C 122 -3.98 19.26 -47.50
C HIS C 122 -3.72 20.74 -47.25
N ALA C 123 -2.46 21.10 -47.05
CA ALA C 123 -2.05 22.50 -46.92
C ALA C 123 -2.45 23.33 -48.14
N GLU C 124 -2.17 22.79 -49.33
CA GLU C 124 -2.50 23.46 -50.59
C GLU C 124 -4.01 23.61 -50.75
N GLN C 125 -4.74 22.54 -50.45
CA GLN C 125 -6.22 22.59 -50.39
C GLN C 125 -6.74 23.82 -49.65
N LEU C 126 -6.12 24.12 -48.51
CA LEU C 126 -6.51 25.21 -47.65
C LEU C 126 -5.98 26.53 -48.20
N ALA C 127 -4.75 26.49 -48.70
CA ALA C 127 -4.12 27.65 -49.32
C ALA C 127 -5.01 28.23 -50.41
N GLU C 128 -5.71 27.34 -51.12
CA GLU C 128 -6.64 27.73 -52.17
C GLU C 128 -7.97 28.16 -51.54
N LEU C 129 -8.31 27.62 -50.38
CA LEU C 129 -9.54 28.03 -49.70
C LEU C 129 -9.38 29.44 -49.12
N LYS C 130 -8.14 29.84 -48.87
CA LYS C 130 -7.82 31.20 -48.42
C LYS C 130 -8.23 32.23 -49.50
N LYS C 131 -7.92 31.89 -50.75
CA LYS C 131 -8.27 32.71 -51.93
C LYS C 131 -9.77 33.07 -52.02
N GLN C 132 -10.59 32.42 -51.21
CA GLN C 132 -12.03 32.65 -51.21
C GLN C 132 -12.51 33.34 -49.92
N TYR C 133 -11.90 32.97 -48.80
CA TYR C 133 -12.25 33.54 -47.49
C TYR C 133 -10.98 34.03 -46.77
N PRO C 134 -10.35 35.07 -47.33
CA PRO C 134 -8.94 35.41 -47.08
C PRO C 134 -8.63 35.76 -45.63
N GLU C 135 -9.64 35.80 -44.77
CA GLU C 135 -9.45 36.03 -43.35
C GLU C 135 -9.28 34.70 -42.59
N LEU C 136 -9.15 33.62 -43.36
CA LEU C 136 -8.85 32.30 -42.83
C LEU C 136 -7.40 32.18 -42.42
N LYS C 137 -7.16 31.57 -41.27
CA LYS C 137 -5.81 31.33 -40.77
C LYS C 137 -5.61 29.83 -40.52
N TYR C 138 -4.46 29.30 -40.93
CA TYR C 138 -4.06 27.93 -40.60
C TYR C 138 -2.56 27.87 -40.34
N GLU C 139 -2.13 27.00 -39.41
CA GLU C 139 -0.69 26.80 -39.16
C GLU C 139 -0.12 25.60 -39.93
N GLU C 140 1.20 25.59 -40.10
CA GLU C 140 1.92 24.51 -40.78
C GLU C 140 3.17 24.11 -40.02
N SER C 141 3.55 22.83 -40.09
CA SER C 141 4.68 22.38 -39.31
C SER C 141 5.40 21.17 -39.90
N ASP C 142 6.73 21.24 -39.90
CA ASP C 142 7.60 20.11 -40.21
C ASP C 142 7.75 19.11 -39.03
N ALA C 143 7.31 19.50 -37.83
CA ALA C 143 7.65 18.77 -36.59
C ALA C 143 6.46 17.95 -36.06
N VAL C 144 5.47 17.74 -36.92
CA VAL C 144 4.28 16.96 -36.59
C VAL C 144 3.94 15.97 -37.69
N GLU C 145 3.56 14.75 -37.31
CA GLU C 145 2.96 13.82 -38.27
C GLU C 145 1.45 13.83 -38.07
N VAL C 146 0.72 13.12 -38.93
CA VAL C 146 -0.73 13.06 -38.82
C VAL C 146 -1.22 12.53 -37.46
N VAL C 147 -0.49 11.58 -36.87
CA VAL C 147 -0.86 11.08 -35.56
C VAL C 147 -0.81 12.24 -34.56
N ASP C 148 0.18 13.15 -34.66
CA ASP C 148 0.22 14.34 -33.81
C ASP C 148 -0.99 15.27 -34.00
N LEU C 149 -1.39 15.50 -35.25
CA LEU C 149 -2.53 16.36 -35.51
C LEU C 149 -3.79 15.82 -34.83
N LEU C 150 -4.01 14.52 -34.93
CA LEU C 150 -5.19 13.94 -34.32
C LEU C 150 -5.14 13.94 -32.78
N ARG C 151 -3.96 13.82 -32.13
CA ARG C 151 -3.96 13.96 -30.66
C ARG C 151 -4.20 15.43 -30.29
N MET C 152 -3.60 16.36 -31.01
CA MET C 152 -3.82 17.82 -30.76
C MET C 152 -5.32 18.13 -30.75
N VAL C 153 -6.05 17.66 -31.76
CA VAL C 153 -7.49 17.79 -31.78
C VAL C 153 -8.14 17.06 -30.61
N ASP C 154 -7.59 15.90 -30.26
CA ASP C 154 -8.17 15.06 -29.20
C ASP C 154 -8.00 15.70 -27.81
N VAL C 155 -6.84 16.29 -27.53
CA VAL C 155 -6.62 16.98 -26.25
C VAL C 155 -7.20 18.43 -26.23
N GLY C 156 -7.34 19.04 -27.40
CA GLY C 156 -7.99 20.34 -27.50
C GLY C 156 -7.01 21.48 -27.63
N ASP C 157 -5.77 21.15 -27.95
CA ASP C 157 -4.75 22.11 -28.21
C ASP C 157 -4.95 22.80 -29.58
N ILE C 158 -5.72 22.13 -30.44
CA ILE C 158 -5.97 22.57 -31.79
C ILE C 158 -7.42 22.24 -32.03
N ASP C 159 -8.15 23.08 -32.77
CA ASP C 159 -9.60 22.88 -32.92
C ASP C 159 -9.99 21.91 -34.04
N LEU C 160 -9.20 21.92 -35.12
CA LEU C 160 -9.49 21.15 -36.33
C LEU C 160 -8.24 20.82 -37.10
N THR C 161 -8.28 19.75 -37.87
CA THR C 161 -7.22 19.50 -38.84
C THR C 161 -7.85 18.91 -40.08
N LEU C 162 -7.03 18.73 -41.11
CA LEU C 162 -7.43 18.20 -42.42
C LEU C 162 -6.55 16.99 -42.77
N VAL C 163 -7.15 15.82 -42.87
CA VAL C 163 -6.37 14.60 -43.08
C VAL C 163 -7.05 13.66 -44.05
N ASP C 164 -6.25 12.93 -44.81
CA ASP C 164 -6.75 11.89 -45.68
C ASP C 164 -7.53 10.87 -44.89
N SER C 165 -8.49 10.22 -45.53
CA SER C 165 -9.45 9.36 -44.79
C SER C 165 -8.86 8.06 -44.20
N ASN C 166 -7.86 7.50 -44.83
CA ASN C 166 -7.24 6.29 -44.34
C ASN C 166 -6.57 6.56 -42.97
N GLU C 167 -6.00 7.75 -42.81
CA GLU C 167 -5.27 8.08 -41.58
C GLU C 167 -6.30 8.04 -40.47
N LEU C 168 -7.48 8.57 -40.75
CA LEU C 168 -8.46 8.74 -39.70
C LEU C 168 -9.00 7.39 -39.27
N ALA C 169 -9.28 6.54 -40.25
CA ALA C 169 -9.75 5.20 -40.00
C ALA C 169 -8.80 4.38 -39.14
N MET C 170 -7.52 4.44 -39.49
CA MET C 170 -6.53 3.66 -38.77
C MET C 170 -6.35 4.12 -37.32
N ASN C 171 -6.66 5.38 -37.02
CA ASN C 171 -6.29 6.03 -35.76
C ASN C 171 -7.45 6.35 -34.80
N GLN C 172 -8.66 6.48 -35.33
CA GLN C 172 -9.83 6.89 -34.54
C GLN C 172 -9.93 6.19 -33.20
N VAL C 173 -9.59 4.91 -33.16
CA VAL C 173 -9.78 4.12 -31.94
C VAL C 173 -8.96 4.71 -30.79
N TYR C 174 -7.71 5.06 -31.07
CA TYR C 174 -6.77 5.54 -30.05
C TYR C 174 -6.94 7.03 -29.76
N PHE C 175 -7.91 7.66 -30.41
CA PHE C 175 -8.30 9.04 -30.17
C PHE C 175 -9.83 9.20 -30.01
N PRO C 176 -10.36 8.88 -28.80
CA PRO C 176 -11.81 8.82 -28.53
C PRO C 176 -12.63 10.06 -28.85
N ASN C 177 -12.04 11.25 -28.72
CA ASN C 177 -12.79 12.48 -28.93
C ASN C 177 -12.89 13.01 -30.37
N VAL C 178 -12.03 12.60 -31.30
CA VAL C 178 -12.14 13.21 -32.63
C VAL C 178 -13.36 12.69 -33.39
N ARG C 179 -13.97 13.58 -34.16
CA ARG C 179 -15.06 13.21 -35.05
C ARG C 179 -14.81 13.82 -36.41
N VAL C 180 -15.39 13.20 -37.42
CA VAL C 180 -15.27 13.68 -38.78
C VAL C 180 -16.39 14.71 -39.03
N ALA C 181 -16.01 15.91 -39.46
CA ALA C 181 -16.97 17.00 -39.70
C ALA C 181 -17.63 16.90 -41.06
N PHE C 182 -16.80 16.88 -42.11
CA PHE C 182 -17.30 16.62 -43.46
C PHE C 182 -16.12 16.33 -44.38
N ASP C 183 -16.42 15.70 -45.52
CA ASP C 183 -15.43 15.43 -46.56
C ASP C 183 -15.11 16.74 -47.28
N PHE C 184 -13.85 16.98 -47.62
CA PHE C 184 -13.48 18.26 -48.17
C PHE C 184 -12.50 18.03 -49.29
N GLY C 185 -13.06 17.96 -50.50
CA GLY C 185 -12.31 17.54 -51.68
C GLY C 185 -12.93 16.24 -52.12
N GLU C 186 -12.59 15.80 -53.31
CA GLU C 186 -13.12 14.56 -53.86
C GLU C 186 -12.30 13.33 -53.47
N ALA C 187 -12.87 12.14 -53.58
CA ALA C 187 -12.06 10.94 -53.46
C ALA C 187 -10.94 11.01 -54.50
N ARG C 188 -9.87 10.24 -54.30
CA ARG C 188 -8.63 10.42 -55.05
C ARG C 188 -7.70 9.27 -54.71
N GLY C 189 -6.76 9.01 -55.60
CA GLY C 189 -5.91 7.86 -55.47
C GLY C 189 -4.52 8.25 -55.04
N LEU C 190 -3.97 7.43 -54.14
CA LEU C 190 -2.60 7.57 -53.70
C LEU C 190 -1.70 6.76 -54.58
N ALA C 191 -0.54 7.31 -54.84
CA ALA C 191 0.38 6.72 -55.77
C ALA C 191 1.78 6.85 -55.25
N TRP C 192 2.65 5.94 -55.64
CA TRP C 192 4.07 6.18 -55.50
C TRP C 192 4.53 7.28 -56.41
N ALA C 193 5.67 7.87 -56.07
CA ALA C 193 6.24 8.95 -56.81
C ALA C 193 7.63 8.58 -57.24
N LEU C 194 7.95 8.87 -58.48
CA LEU C 194 9.29 8.65 -58.96
C LEU C 194 9.85 9.97 -59.48
N PRO C 195 11.19 10.07 -59.56
CA PRO C 195 11.87 11.26 -60.12
C PRO C 195 11.53 11.46 -61.59
N GLY C 196 11.49 12.70 -62.07
CA GLY C 196 11.32 12.95 -63.50
C GLY C 196 12.61 12.59 -64.23
N GLY C 197 12.52 12.16 -65.50
CA GLY C 197 11.26 12.06 -66.22
C GLY C 197 11.21 11.21 -67.48
N ASP C 198 12.34 11.01 -68.17
CA ASP C 198 12.26 10.41 -69.52
C ASP C 198 12.27 8.86 -69.57
N ASP C 199 13.21 8.20 -68.89
CA ASP C 199 13.26 6.72 -68.87
C ASP C 199 12.07 6.09 -68.12
N ASP C 200 11.34 5.18 -68.77
CA ASP C 200 10.15 4.59 -68.16
C ASP C 200 10.34 3.12 -67.75
N SER C 201 11.59 2.71 -67.55
CA SER C 201 11.90 1.32 -67.24
C SER C 201 11.31 0.95 -65.88
N LEU C 202 11.69 1.66 -64.82
CA LEU C 202 11.14 1.37 -63.51
C LEU C 202 9.65 1.66 -63.45
N MET C 203 9.22 2.82 -63.96
CA MET C 203 7.83 3.22 -63.83
C MET C 203 6.94 2.14 -64.43
N ASN C 204 7.38 1.54 -65.53
CA ASN C 204 6.58 0.53 -66.18
C ASN C 204 6.54 -0.80 -65.37
N GLU C 205 7.66 -1.16 -64.73
CA GLU C 205 7.69 -2.33 -63.82
C GLU C 205 6.87 -2.05 -62.54
N VAL C 206 7.00 -0.85 -61.98
CA VAL C 206 6.16 -0.40 -60.86
C VAL C 206 4.67 -0.52 -61.23
N ASN C 207 4.27 0.10 -62.33
CA ASN C 207 2.87 0.06 -62.72
C ASN C 207 2.44 -1.38 -63.01
N ALA C 208 3.33 -2.18 -63.57
CA ALA C 208 3.04 -3.59 -63.81
C ALA C 208 2.64 -4.28 -62.52
N PHE C 209 3.61 -4.45 -61.63
CA PHE C 209 3.37 -4.91 -60.25
C PHE C 209 2.13 -4.35 -59.58
N LEU C 210 1.88 -3.06 -59.76
CA LEU C 210 0.80 -2.45 -59.02
C LEU C 210 -0.56 -2.93 -59.51
N ASP C 211 -0.85 -2.93 -60.81
CA ASP C 211 -2.18 -3.39 -61.21
C ASP C 211 -2.17 -4.92 -61.34
N GLN C 212 -1.00 -5.55 -61.30
CA GLN C 212 -0.96 -6.98 -61.02
C GLN C 212 -1.52 -7.21 -59.62
N ALA C 213 -0.86 -6.61 -58.64
CA ALA C 213 -1.30 -6.64 -57.25
C ALA C 213 -2.79 -6.26 -57.06
N LYS C 214 -3.34 -5.44 -57.95
CA LYS C 214 -4.72 -4.99 -57.86
C LYS C 214 -5.70 -6.11 -58.24
N LYS C 215 -5.46 -6.73 -59.40
CA LYS C 215 -6.35 -7.78 -59.93
C LYS C 215 -6.30 -9.01 -59.04
N GLU C 216 -5.09 -9.31 -58.58
CA GLU C 216 -4.80 -10.38 -57.64
C GLU C 216 -5.39 -10.13 -56.24
N GLY C 217 -6.15 -9.04 -56.10
CA GLY C 217 -6.83 -8.69 -54.86
C GLY C 217 -5.93 -8.42 -53.64
N LEU C 218 -4.62 -8.32 -53.88
CA LEU C 218 -3.62 -8.11 -52.83
C LEU C 218 -3.65 -6.71 -52.17
N LEU C 219 -4.09 -5.70 -52.89
CA LEU C 219 -4.22 -4.36 -52.31
C LEU C 219 -5.41 -4.30 -51.37
N GLN C 220 -6.43 -5.10 -51.66
CA GLN C 220 -7.56 -5.19 -50.74
C GLN C 220 -7.15 -5.98 -49.50
N ARG C 221 -6.21 -6.90 -49.62
CA ARG C 221 -5.70 -7.62 -48.44
C ARG C 221 -4.86 -6.69 -47.53
N LEU C 222 -4.06 -5.80 -48.13
CA LEU C 222 -3.35 -4.80 -47.33
C LEU C 222 -4.33 -3.80 -46.77
N LYS C 223 -5.22 -3.30 -47.62
CA LYS C 223 -6.19 -2.29 -47.23
C LYS C 223 -7.00 -2.68 -45.99
N ASP C 224 -7.21 -3.97 -45.73
CA ASP C 224 -8.05 -4.34 -44.57
C ASP C 224 -7.22 -4.88 -43.41
N ARG C 225 -6.06 -5.44 -43.69
CA ARG C 225 -5.11 -5.75 -42.63
C ARG C 225 -4.73 -4.54 -41.79
N TYR C 226 -4.81 -3.35 -42.40
CA TYR C 226 -4.22 -2.17 -41.79
C TYR C 226 -5.23 -1.13 -41.38
N TYR C 227 -6.42 -1.13 -41.98
CA TYR C 227 -7.39 -0.07 -41.72
C TYR C 227 -8.79 -0.59 -41.25
N GLY C 228 -9.18 -0.25 -40.01
CA GLY C 228 -10.58 -0.33 -39.55
C GLY C 228 -11.07 -1.43 -38.60
N HIS C 229 -10.78 -1.26 -37.30
CA HIS C 229 -11.36 -2.09 -36.23
C HIS C 229 -11.51 -1.25 -34.95
N GLY C 234 -10.00 -2.17 -24.04
CA GLY C 234 -9.77 -1.53 -22.75
C GLY C 234 -10.09 -2.46 -21.59
N TYR C 235 -10.26 -1.92 -20.38
CA TYR C 235 -10.71 -2.71 -19.22
C TYR C 235 -12.15 -3.29 -19.40
N VAL C 236 -12.39 -4.54 -19.01
CA VAL C 236 -13.69 -5.18 -19.28
C VAL C 236 -14.82 -4.95 -18.26
N GLY C 237 -14.50 -4.70 -17.01
CA GLY C 237 -15.55 -4.48 -16.03
C GLY C 237 -15.75 -5.64 -15.08
N ALA C 238 -15.90 -5.29 -13.80
CA ALA C 238 -15.80 -6.24 -12.68
C ALA C 238 -16.69 -7.47 -12.81
N TYR C 239 -17.96 -7.30 -13.12
CA TYR C 239 -18.84 -8.46 -13.24
C TYR C 239 -18.45 -9.38 -14.39
N THR C 240 -18.06 -8.82 -15.53
CA THR C 240 -17.65 -9.65 -16.67
C THR C 240 -16.44 -10.49 -16.30
N PHE C 241 -15.45 -9.81 -15.73
CA PHE C 241 -14.36 -10.49 -15.09
C PHE C 241 -15.07 -11.27 -13.99
N ALA C 242 -14.65 -12.48 -13.68
CA ALA C 242 -15.42 -13.20 -12.59
C ALA C 242 -16.47 -14.03 -13.22
N GLN C 243 -17.31 -13.44 -14.07
CA GLN C 243 -17.96 -14.35 -15.03
C GLN C 243 -16.88 -15.14 -15.77
N HIS C 244 -15.85 -14.47 -16.28
CA HIS C 244 -14.83 -15.20 -17.04
C HIS C 244 -13.94 -16.01 -16.14
N LEU C 245 -13.70 -15.47 -14.96
CA LEU C 245 -12.97 -16.22 -13.94
C LEU C 245 -13.63 -17.57 -13.61
N GLN C 246 -14.95 -17.60 -13.48
CA GLN C 246 -15.65 -18.86 -13.18
C GLN C 246 -15.75 -19.80 -14.38
N GLN C 247 -15.98 -19.24 -15.55
CA GLN C 247 -16.19 -20.09 -16.74
C GLN C 247 -14.91 -20.61 -17.36
N ARG C 248 -13.88 -19.77 -17.41
CA ARG C 248 -12.76 -20.02 -18.29
C ARG C 248 -11.50 -20.41 -17.57
N LEU C 249 -11.17 -19.71 -16.50
CA LEU C 249 -9.87 -19.93 -15.91
C LEU C 249 -9.62 -21.37 -15.43
N PRO C 250 -10.62 -22.06 -14.84
CA PRO C 250 -10.40 -23.42 -14.33
C PRO C 250 -9.99 -24.40 -15.45
N ARG C 251 -10.41 -24.16 -16.67
CA ARG C 251 -9.81 -24.84 -17.82
C ARG C 251 -8.27 -24.74 -17.92
N TYR C 252 -7.67 -23.64 -17.44
CA TYR C 252 -6.28 -23.32 -17.76
C TYR C 252 -5.40 -23.13 -16.53
N GLU C 253 -6.01 -23.13 -15.35
CA GLU C 253 -5.28 -22.84 -14.12
C GLU C 253 -4.10 -23.78 -13.96
N SER C 254 -4.30 -25.04 -14.34
CA SER C 254 -3.25 -26.03 -14.18
C SER C 254 -2.01 -25.77 -15.08
N HIS C 255 -2.26 -25.42 -16.34
CA HIS C 255 -1.23 -25.03 -17.24
C HIS C 255 -0.44 -23.77 -16.71
N PHE C 256 -1.18 -22.75 -16.30
CA PHE C 256 -0.59 -21.55 -15.78
C PHE C 256 0.27 -21.90 -14.60
N LYS C 257 -0.19 -22.83 -13.75
CA LYS C 257 0.56 -23.11 -12.53
C LYS C 257 1.81 -23.96 -12.84
N GLN C 258 1.72 -24.83 -13.84
CA GLN C 258 2.86 -25.68 -14.19
C GLN C 258 3.93 -24.79 -14.91
N SER C 259 3.52 -23.96 -15.86
CA SER C 259 4.42 -22.96 -16.42
C SER C 259 5.04 -22.06 -15.34
N GLY C 260 4.25 -21.55 -14.42
CA GLY C 260 4.79 -20.72 -13.35
C GLY C 260 5.88 -21.41 -12.54
N LYS C 261 5.71 -22.71 -12.29
CA LYS C 261 6.69 -23.56 -11.62
C LYS C 261 7.94 -23.85 -12.49
N GLN C 262 7.72 -24.26 -13.75
CA GLN C 262 8.80 -24.57 -14.69
C GLN C 262 9.80 -23.40 -14.82
N LYS C 263 9.36 -22.22 -14.42
CA LYS C 263 10.09 -21.00 -14.73
C LYS C 263 10.04 -19.89 -13.70
N ASP C 264 9.79 -20.25 -12.43
CA ASP C 264 9.98 -19.34 -11.30
C ASP C 264 9.27 -18.02 -11.51
N THR C 265 8.01 -18.09 -11.95
CA THR C 265 7.14 -16.90 -12.06
C THR C 265 5.82 -17.16 -11.36
N ASP C 266 5.28 -16.12 -10.74
CA ASP C 266 3.91 -16.08 -10.25
C ASP C 266 2.93 -16.43 -11.37
N TRP C 267 2.25 -17.57 -11.22
CA TRP C 267 1.33 -18.09 -12.24
C TRP C 267 0.22 -17.08 -12.55
N ARG C 268 -0.05 -16.19 -11.60
CA ARG C 268 -1.11 -15.24 -11.76
C ARG C 268 -0.75 -14.08 -12.69
N LEU C 269 0.52 -13.63 -12.71
CA LEU C 269 0.95 -12.65 -13.72
C LEU C 269 0.79 -13.24 -15.10
N LEU C 270 1.15 -14.51 -15.23
CA LEU C 270 0.99 -15.19 -16.51
C LEU C 270 -0.49 -15.23 -16.90
N ALA C 271 -1.37 -15.54 -15.94
CA ALA C 271 -2.82 -15.66 -16.21
C ALA C 271 -3.35 -14.30 -16.60
N ALA C 272 -2.82 -13.26 -15.96
CA ALA C 272 -3.27 -11.91 -16.26
C ALA C 272 -2.85 -11.46 -17.65
N ILE C 273 -1.63 -11.82 -18.07
CA ILE C 273 -1.24 -11.65 -19.46
C ILE C 273 -2.23 -12.43 -20.40
N GLY C 274 -2.48 -13.68 -20.07
CA GLY C 274 -3.43 -14.44 -20.84
C GLY C 274 -4.80 -13.78 -20.97
N TYR C 275 -5.25 -13.04 -19.94
CA TYR C 275 -6.58 -12.44 -19.98
C TYR C 275 -6.59 -11.24 -20.87
N GLN C 276 -5.59 -10.37 -20.71
CA GLN C 276 -5.49 -9.19 -21.56
C GLN C 276 -5.37 -9.55 -23.03
N GLU C 277 -4.78 -10.71 -23.34
CA GLU C 277 -4.48 -11.07 -24.72
C GLU C 277 -5.69 -11.70 -25.44
N SER C 278 -6.30 -12.72 -24.83
CA SER C 278 -7.38 -13.44 -25.45
C SER C 278 -8.64 -13.62 -24.57
N LEU C 279 -8.71 -12.96 -23.41
CA LEU C 279 -9.76 -13.24 -22.42
C LEU C 279 -9.84 -14.73 -22.09
N TRP C 280 -8.71 -15.41 -22.14
CA TRP C 280 -8.64 -16.85 -21.90
C TRP C 280 -9.53 -17.62 -22.85
N GLN C 281 -9.30 -17.39 -24.13
CA GLN C 281 -9.87 -18.16 -25.24
C GLN C 281 -8.79 -18.72 -26.19
N PRO C 282 -8.54 -20.03 -26.19
CA PRO C 282 -7.48 -20.63 -26.98
C PRO C 282 -7.74 -20.53 -28.48
N GLY C 283 -8.99 -20.28 -28.88
CA GLY C 283 -9.33 -20.16 -30.29
C GLY C 283 -9.19 -18.73 -30.81
N ALA C 284 -8.70 -17.83 -29.99
CA ALA C 284 -8.67 -16.38 -30.31
C ALA C 284 -7.71 -16.07 -31.49
N THR C 285 -8.01 -15.04 -32.29
CA THR C 285 -7.26 -14.75 -33.54
C THR C 285 -7.35 -13.28 -33.88
N SER C 286 -6.42 -12.80 -34.71
CA SER C 286 -6.40 -11.38 -35.08
C SER C 286 -5.97 -11.23 -36.53
N LYS C 287 -6.42 -10.16 -37.19
CA LYS C 287 -5.97 -9.88 -38.55
C LYS C 287 -4.47 -9.49 -38.58
N THR C 288 -3.87 -9.32 -37.40
CA THR C 288 -2.48 -8.88 -37.26
C THR C 288 -1.49 -10.05 -37.27
N GLY C 289 -2.02 -11.27 -37.21
CA GLY C 289 -1.19 -12.46 -37.25
C GLY C 289 -0.94 -13.16 -35.92
N VAL C 290 -1.67 -12.82 -34.88
CA VAL C 290 -1.47 -13.46 -33.59
C VAL C 290 -2.60 -14.44 -33.39
N ARG C 291 -2.29 -15.50 -32.68
CA ARG C 291 -3.22 -16.57 -32.39
C ARG C 291 -3.02 -17.19 -31.04
N GLY C 292 -4.14 -17.53 -30.42
CA GLY C 292 -4.15 -18.44 -29.29
C GLY C 292 -4.30 -17.72 -27.98
N LEU C 293 -4.30 -18.50 -26.91
CA LEU C 293 -4.53 -17.99 -25.57
C LEU C 293 -3.56 -16.84 -25.23
N MET C 294 -2.28 -16.99 -25.58
CA MET C 294 -1.31 -15.95 -25.29
C MET C 294 -1.01 -15.08 -26.51
N MET C 295 -1.81 -15.26 -27.58
CA MET C 295 -1.76 -14.45 -28.81
C MET C 295 -0.32 -14.24 -29.34
N LEU C 296 0.32 -15.35 -29.67
CA LEU C 296 1.64 -15.37 -30.22
C LEU C 296 1.66 -15.24 -31.75
N THR C 297 2.70 -14.59 -32.28
CA THR C 297 3.02 -14.66 -33.72
C THR C 297 3.54 -16.05 -34.06
N ASN C 298 3.46 -16.41 -35.34
CA ASN C 298 4.07 -17.65 -35.84
C ASN C 298 5.57 -17.78 -35.57
N ARG C 299 6.31 -16.73 -35.88
CA ARG C 299 7.73 -16.71 -35.61
C ARG C 299 8.11 -16.84 -34.13
N THR C 300 7.39 -16.18 -33.24
CA THR C 300 7.74 -16.29 -31.82
C THR C 300 7.30 -17.66 -31.27
N ALA C 301 6.22 -18.18 -31.82
CA ALA C 301 5.78 -19.54 -31.46
C ALA C 301 6.86 -20.55 -31.76
N GLN C 302 7.33 -20.52 -33.00
CA GLN C 302 8.34 -21.48 -33.44
C GLN C 302 9.60 -21.32 -32.59
N ALA C 303 9.97 -20.09 -32.24
CA ALA C 303 11.15 -19.92 -31.43
C ALA C 303 10.97 -20.42 -30.01
N MET C 304 9.81 -20.22 -29.43
CA MET C 304 9.59 -20.61 -28.04
C MET C 304 9.30 -22.15 -27.96
N GLY C 305 9.15 -22.81 -29.11
CA GLY C 305 9.00 -24.24 -29.16
C GLY C 305 7.54 -24.71 -29.26
N VAL C 306 6.72 -23.89 -29.88
CA VAL C 306 5.30 -24.16 -30.00
C VAL C 306 4.99 -24.72 -31.37
N SER C 307 4.56 -25.98 -31.38
CA SER C 307 4.07 -26.64 -32.58
C SER C 307 2.66 -26.23 -32.96
N ASN C 308 1.76 -26.00 -31.98
CA ASN C 308 0.38 -25.57 -32.31
C ASN C 308 -0.12 -24.46 -31.42
N ARG C 309 -0.42 -23.33 -32.04
CA ARG C 309 -0.73 -22.10 -31.35
C ARG C 309 -2.10 -22.22 -30.66
N LEU C 310 -2.86 -23.18 -31.12
CA LEU C 310 -4.23 -23.37 -30.64
C LEU C 310 -4.31 -24.42 -29.53
N ASP C 311 -3.19 -25.07 -29.21
CA ASP C 311 -3.14 -25.89 -27.98
C ASP C 311 -2.86 -24.95 -26.79
N PRO C 312 -3.78 -24.89 -25.84
CA PRO C 312 -3.59 -23.90 -24.77
C PRO C 312 -2.45 -24.21 -23.82
N LYS C 313 -2.12 -25.48 -23.64
CA LYS C 313 -0.98 -25.82 -22.81
C LYS C 313 0.29 -25.22 -23.45
N GLN C 314 0.34 -25.26 -24.77
CA GLN C 314 1.50 -24.89 -25.55
C GLN C 314 1.66 -23.37 -25.68
N SER C 315 0.55 -22.71 -26.02
CA SER C 315 0.42 -21.28 -26.07
C SER C 315 0.80 -20.66 -24.71
N ILE C 316 0.28 -21.22 -23.64
CA ILE C 316 0.56 -20.68 -22.32
C ILE C 316 2.03 -20.81 -22.00
N GLN C 317 2.56 -21.99 -22.21
CA GLN C 317 3.94 -22.28 -21.93
C GLN C 317 4.86 -21.43 -22.84
N GLY C 318 4.47 -21.24 -24.10
CA GLY C 318 5.30 -20.54 -25.06
C GLY C 318 5.43 -19.04 -24.78
N GLY C 319 4.28 -18.41 -24.57
CA GLY C 319 4.21 -17.01 -24.24
C GLY C 319 4.70 -16.74 -22.83
N SER C 320 4.49 -17.67 -21.93
CA SER C 320 5.11 -17.51 -20.59
C SER C 320 6.64 -17.57 -20.76
N LYS C 321 7.13 -18.45 -21.60
CA LYS C 321 8.59 -18.55 -21.81
C LYS C 321 9.08 -17.24 -22.48
N TYR C 322 8.30 -16.69 -23.40
CA TYR C 322 8.61 -15.44 -24.03
C TYR C 322 8.78 -14.27 -23.04
N PHE C 323 7.76 -14.05 -22.24
CA PHE C 323 7.75 -13.02 -21.22
C PHE C 323 8.98 -13.13 -20.27
N VAL C 324 9.32 -14.33 -19.83
CA VAL C 324 10.36 -14.50 -18.83
C VAL C 324 11.70 -14.34 -19.48
N GLN C 325 11.78 -14.76 -20.75
CA GLN C 325 12.97 -14.50 -21.57
C GLN C 325 13.17 -12.97 -21.58
N ILE C 326 12.22 -12.22 -22.19
CA ILE C 326 12.26 -10.77 -22.21
C ILE C 326 12.63 -10.16 -20.83
N ARG C 327 12.06 -10.70 -19.76
CA ARG C 327 12.31 -10.12 -18.46
C ARG C 327 13.76 -10.35 -18.05
N SER C 328 14.32 -11.47 -18.54
CA SER C 328 15.70 -11.81 -18.26
C SER C 328 16.65 -10.99 -19.21
N GLU C 329 16.19 -10.57 -20.37
CA GLU C 329 17.02 -9.79 -21.29
C GLU C 329 17.23 -8.32 -20.84
N LEU C 330 16.51 -7.88 -19.82
CA LEU C 330 16.49 -6.45 -19.47
C LEU C 330 17.81 -6.03 -18.82
N PRO C 331 18.18 -4.74 -18.93
CA PRO C 331 19.40 -4.30 -18.23
C PRO C 331 19.35 -4.64 -16.77
N GLU C 332 20.48 -5.11 -16.27
CA GLU C 332 20.65 -5.52 -14.90
C GLU C 332 20.32 -4.44 -13.89
N SER C 333 20.44 -3.18 -14.29
CA SER C 333 20.15 -2.07 -13.37
C SER C 333 18.64 -2.00 -13.03
N ILE C 334 17.79 -2.76 -13.76
CA ILE C 334 16.35 -2.71 -13.47
C ILE C 334 16.00 -3.82 -12.49
N LYS C 335 15.47 -3.45 -11.32
CA LYS C 335 15.16 -4.39 -10.25
C LYS C 335 13.66 -4.63 -10.05
N GLU C 336 13.32 -5.83 -9.58
CA GLU C 336 11.92 -6.14 -9.25
C GLU C 336 11.48 -5.10 -8.23
N PRO C 337 10.18 -4.80 -8.13
CA PRO C 337 9.08 -5.30 -8.99
C PRO C 337 9.03 -4.52 -10.33
N ASP C 338 9.77 -3.44 -10.43
CA ASP C 338 9.80 -2.65 -11.65
C ASP C 338 10.22 -3.52 -12.84
N ARG C 339 11.07 -4.49 -12.61
CA ARG C 339 11.57 -5.28 -13.72
C ARG C 339 10.41 -5.99 -14.45
N SER C 340 9.44 -6.46 -13.69
CA SER C 340 8.35 -7.22 -14.21
C SER C 340 7.50 -6.32 -15.03
N TRP C 341 7.33 -5.09 -14.58
CA TRP C 341 6.56 -4.13 -15.36
C TRP C 341 7.25 -3.73 -16.66
N PHE C 342 8.53 -3.36 -16.59
CA PHE C 342 9.30 -3.16 -17.83
C PHE C 342 9.17 -4.36 -18.76
N ALA C 343 9.22 -5.56 -18.21
CA ALA C 343 9.17 -6.71 -19.07
C ALA C 343 7.82 -6.74 -19.80
N LEU C 344 6.73 -6.48 -19.07
CA LEU C 344 5.41 -6.36 -19.72
C LEU C 344 5.42 -5.32 -20.85
N ALA C 345 6.07 -4.17 -20.66
CA ALA C 345 6.16 -3.16 -21.70
C ALA C 345 6.91 -3.66 -22.94
N ALA C 346 8.06 -4.27 -22.73
CA ALA C 346 8.84 -4.83 -23.81
C ALA C 346 8.10 -5.97 -24.51
N TYR C 347 7.26 -6.68 -23.77
CA TYR C 347 6.40 -7.71 -24.36
C TYR C 347 5.43 -7.11 -25.42
N ASN C 348 4.97 -5.90 -25.17
CA ASN C 348 4.10 -5.23 -26.09
C ASN C 348 4.82 -4.41 -27.19
N ILE C 349 5.76 -3.58 -26.76
CA ILE C 349 6.47 -2.64 -27.67
C ILE C 349 7.84 -3.14 -28.20
N GLY C 350 8.50 -4.11 -27.54
CA GLY C 350 9.83 -4.57 -27.94
C GLY C 350 10.94 -3.89 -27.19
N GLY C 351 12.05 -4.63 -27.01
CA GLY C 351 13.17 -4.15 -26.22
C GLY C 351 13.74 -2.81 -26.72
N ALA C 352 13.74 -2.65 -28.04
CA ALA C 352 14.35 -1.51 -28.73
C ALA C 352 13.59 -0.20 -28.40
N HIS C 353 12.28 -0.13 -28.68
CA HIS C 353 11.52 1.08 -28.32
C HIS C 353 11.57 1.39 -26.85
N LEU C 354 11.67 0.36 -26.06
CA LEU C 354 11.70 0.56 -24.63
C LEU C 354 13.05 1.15 -24.21
N GLU C 355 14.15 0.69 -24.78
CA GLU C 355 15.46 1.27 -24.57
C GLU C 355 15.43 2.76 -24.92
N ASP C 356 14.91 3.11 -26.11
CA ASP C 356 14.78 4.52 -26.47
C ASP C 356 14.07 5.32 -25.40
N ALA C 357 12.95 4.80 -24.90
CA ALA C 357 12.25 5.46 -23.79
C ALA C 357 13.13 5.57 -22.56
N ARG C 358 13.93 4.54 -22.29
CA ARG C 358 14.75 4.62 -21.11
C ARG C 358 15.77 5.77 -21.26
N LYS C 359 16.41 5.86 -22.45
CA LYS C 359 17.37 6.92 -22.75
C LYS C 359 16.72 8.29 -22.59
N MET C 360 15.52 8.43 -23.16
CA MET C 360 14.75 9.68 -23.04
C MET C 360 14.61 10.04 -21.57
N ALA C 361 14.24 9.06 -20.75
CA ALA C 361 14.04 9.24 -19.33
C ALA C 361 15.31 9.74 -18.64
N GLU C 362 16.44 9.11 -18.95
CA GLU C 362 17.75 9.60 -18.55
C GLU C 362 17.99 11.09 -18.95
N LYS C 363 17.92 11.43 -20.24
CA LYS C 363 18.17 12.83 -20.69
C LYS C 363 17.30 13.86 -19.98
N GLU C 364 16.11 13.43 -19.56
CA GLU C 364 15.12 14.28 -18.89
C GLU C 364 15.36 14.38 -17.43
N GLY C 365 16.42 13.74 -16.99
CA GLY C 365 16.81 13.73 -15.59
C GLY C 365 15.99 12.82 -14.70
N LEU C 366 15.23 11.92 -15.31
CA LEU C 366 14.51 10.87 -14.57
C LEU C 366 15.34 9.59 -14.35
N ASN C 367 14.83 8.70 -13.53
CA ASN C 367 15.41 7.38 -13.35
C ASN C 367 14.96 6.29 -14.36
N PRO C 368 15.84 5.84 -15.29
CA PRO C 368 15.50 4.83 -16.32
C PRO C 368 15.30 3.39 -15.79
N ASN C 369 15.43 3.23 -14.47
CA ASN C 369 15.31 1.95 -13.82
C ASN C 369 14.03 1.86 -13.02
N LYS C 370 13.26 2.96 -13.03
CA LYS C 370 11.94 3.01 -12.36
C LYS C 370 10.78 3.10 -13.37
N TRP C 371 9.77 2.27 -13.18
CA TRP C 371 8.71 2.15 -14.15
C TRP C 371 7.92 3.42 -14.21
N LEU C 372 7.82 4.05 -13.06
CA LEU C 372 6.93 5.18 -12.86
C LEU C 372 7.39 6.35 -13.65
N ASP C 373 8.70 6.41 -13.85
CA ASP C 373 9.30 7.46 -14.67
C ASP C 373 9.26 7.08 -16.14
N VAL C 374 9.61 5.84 -16.47
CA VAL C 374 9.81 5.54 -17.86
C VAL C 374 8.48 5.45 -18.55
N LYS C 375 7.42 5.21 -17.77
CA LYS C 375 6.11 5.02 -18.38
C LYS C 375 5.63 6.37 -18.88
N LYS C 376 6.16 7.43 -18.29
CA LYS C 376 5.80 8.80 -18.65
C LYS C 376 6.39 9.21 -19.98
N MET C 377 7.55 8.68 -20.33
CA MET C 377 8.16 8.87 -21.65
C MET C 377 7.48 8.13 -22.79
N LEU C 378 6.92 6.94 -22.54
CA LEU C 378 6.48 6.08 -23.62
C LEU C 378 5.45 6.71 -24.57
N PRO C 379 4.55 7.55 -24.08
CA PRO C 379 3.61 8.24 -24.96
C PRO C 379 4.25 9.22 -25.94
N ARG C 380 5.46 9.69 -25.64
CA ARG C 380 6.16 10.55 -26.58
C ARG C 380 6.65 9.83 -27.79
N LEU C 381 6.69 8.50 -27.77
CA LEU C 381 7.19 7.81 -28.95
C LEU C 381 6.16 7.93 -30.06
N ALA C 382 4.96 8.37 -29.73
CA ALA C 382 3.96 8.61 -30.79
C ALA C 382 3.95 10.08 -31.24
N GLN C 383 4.83 10.90 -30.69
CA GLN C 383 4.94 12.35 -31.05
C GLN C 383 6.25 12.64 -31.79
N LYS C 384 6.14 13.00 -33.07
CA LYS C 384 7.30 13.25 -33.92
C LYS C 384 8.36 14.22 -33.39
N GLN C 385 7.96 15.31 -32.77
CA GLN C 385 8.94 16.21 -32.20
C GLN C 385 9.94 15.40 -31.35
N TRP C 386 9.42 14.38 -30.67
CA TRP C 386 10.22 13.50 -29.81
C TRP C 386 10.77 12.22 -30.46
N TYR C 387 9.96 11.48 -31.22
CA TYR C 387 10.42 10.20 -31.73
C TYR C 387 11.37 10.34 -32.90
N ALA C 388 11.42 11.51 -33.50
CA ALA C 388 12.40 11.78 -34.55
C ALA C 388 13.82 11.79 -33.99
N LYS C 389 13.98 12.23 -32.75
CA LYS C 389 15.29 12.23 -32.06
C LYS C 389 15.75 10.83 -31.51
N THR C 390 14.93 9.78 -31.69
CA THR C 390 15.29 8.45 -31.19
C THR C 390 15.80 7.50 -32.25
N ARG C 391 16.52 6.46 -31.82
CA ARG C 391 17.10 5.55 -32.79
C ARG C 391 16.06 4.79 -33.61
N TYR C 392 14.94 4.39 -33.01
CA TYR C 392 14.06 3.41 -33.65
C TYR C 392 12.72 4.06 -34.01
N GLY C 393 12.56 5.32 -33.63
CA GLY C 393 11.50 6.15 -34.18
C GLY C 393 10.14 5.92 -33.55
N TYR C 394 9.09 6.12 -34.33
CA TYR C 394 7.73 6.08 -33.84
C TYR C 394 7.26 4.72 -33.21
N ALA C 395 6.38 4.82 -32.19
CA ALA C 395 5.66 3.70 -31.61
C ALA C 395 4.42 4.20 -30.96
N ARG C 396 3.43 3.35 -30.81
CA ARG C 396 2.23 3.74 -30.10
C ARG C 396 2.40 3.50 -28.59
N GLY C 397 3.27 4.26 -27.95
CA GLY C 397 3.65 3.94 -26.59
C GLY C 397 2.54 4.19 -25.62
N GLY C 398 1.61 5.06 -26.00
CA GLY C 398 0.36 5.21 -25.27
C GLY C 398 -0.32 3.87 -25.01
N GLU C 399 -0.46 3.04 -26.02
CA GLU C 399 -1.06 1.72 -25.82
C GLU C 399 -0.18 0.75 -25.00
N THR C 400 1.13 0.96 -25.01
CA THR C 400 1.99 0.13 -24.22
C THR C 400 1.71 0.38 -22.76
N VAL C 401 1.50 1.66 -22.42
CA VAL C 401 1.20 2.00 -21.03
C VAL C 401 -0.16 1.38 -20.64
N HIS C 402 -1.16 1.47 -21.52
CA HIS C 402 -2.47 0.88 -21.28
C HIS C 402 -2.35 -0.65 -21.09
N PHE C 403 -1.47 -1.27 -21.88
CA PHE C 403 -1.35 -2.70 -21.87
C PHE C 403 -0.89 -3.17 -20.48
N VAL C 404 0.17 -2.50 -20.00
CA VAL C 404 0.74 -2.79 -18.72
C VAL C 404 -0.22 -2.50 -17.57
N GLN C 405 -0.87 -1.33 -17.59
CA GLN C 405 -1.94 -1.00 -16.68
C GLN C 405 -2.93 -2.16 -16.56
N ASN C 406 -3.53 -2.57 -17.66
CA ASN C 406 -4.56 -3.58 -17.60
C ASN C 406 -4.07 -4.91 -17.04
N VAL C 407 -2.86 -5.28 -17.40
CA VAL C 407 -2.38 -6.56 -16.97
C VAL C 407 -2.17 -6.51 -15.47
N ARG C 408 -1.68 -5.40 -14.95
CA ARG C 408 -1.49 -5.27 -13.52
C ARG C 408 -2.83 -5.21 -12.81
N ARG C 409 -3.81 -4.51 -13.41
CA ARG C 409 -5.18 -4.51 -12.89
C ARG C 409 -5.62 -5.98 -12.75
N TYR C 410 -5.54 -6.77 -13.80
CA TYR C 410 -6.01 -8.16 -13.72
C TYR C 410 -5.19 -8.99 -12.74
N TYR C 411 -3.92 -8.66 -12.66
CA TYR C 411 -3.04 -9.34 -11.74
C TYR C 411 -3.36 -9.02 -10.26
N ASP C 412 -3.67 -7.77 -9.97
CA ASP C 412 -4.04 -7.44 -8.60
C ASP C 412 -5.33 -8.21 -8.23
N ILE C 413 -6.33 -8.13 -9.10
CA ILE C 413 -7.59 -8.83 -8.91
C ILE C 413 -7.34 -10.31 -8.65
N LEU C 414 -6.44 -10.97 -9.39
CA LEU C 414 -6.30 -12.44 -9.22
C LEU C 414 -5.67 -12.77 -7.86
N THR C 415 -4.76 -11.91 -7.45
CA THR C 415 -4.02 -12.06 -6.22
C THR C 415 -4.98 -11.95 -5.04
N TRP C 416 -5.88 -11.00 -5.15
CA TRP C 416 -6.90 -10.73 -4.15
C TRP C 416 -7.93 -11.88 -4.01
N VAL C 417 -8.29 -12.56 -5.08
CA VAL C 417 -9.15 -13.74 -4.95
C VAL C 417 -8.36 -15.06 -4.73
N THR C 418 -7.16 -15.01 -4.14
CA THR C 418 -6.37 -16.26 -3.93
C THR C 418 -5.77 -16.38 -2.52
N GLN C 419 -5.31 -15.26 -1.95
CA GLN C 419 -4.98 -15.13 -0.51
C GLN C 419 -4.74 -16.42 0.31
N GLU D 3 -13.55 62.81 -23.43
CA GLU D 3 -14.85 62.15 -23.32
C GLU D 3 -15.56 62.42 -22.00
N GLY D 4 -14.97 62.01 -20.86
CA GLY D 4 -13.61 61.48 -20.76
C GLY D 4 -13.48 60.04 -20.27
N VAL D 5 -13.37 59.13 -21.22
CA VAL D 5 -13.11 57.71 -20.93
C VAL D 5 -12.04 57.26 -21.90
N LEU D 6 -10.89 56.90 -21.35
CA LEU D 6 -9.73 56.53 -22.15
C LEU D 6 -9.74 55.02 -22.48
N ARG D 7 -9.82 54.70 -23.77
CA ARG D 7 -9.76 53.31 -24.21
C ARG D 7 -8.29 52.90 -24.44
N VAL D 8 -7.92 51.71 -23.98
CA VAL D 8 -6.55 51.20 -24.14
C VAL D 8 -6.54 49.70 -24.49
N ILE D 9 -6.03 49.38 -25.67
CA ILE D 9 -6.00 48.01 -26.11
C ILE D 9 -4.68 47.40 -25.61
N THR D 10 -4.72 46.12 -25.27
CA THR D 10 -3.51 45.41 -24.86
C THR D 10 -3.69 43.91 -25.07
N ARG D 11 -2.66 43.14 -24.75
CA ARG D 11 -2.76 41.69 -24.72
C ARG D 11 -2.97 41.17 -23.28
N ASN D 12 -3.71 40.08 -23.16
CA ASN D 12 -3.85 39.34 -21.91
C ASN D 12 -2.56 38.54 -21.75
N SER D 13 -1.68 38.98 -20.86
CA SER D 13 -0.36 38.38 -20.72
C SER D 13 0.17 38.77 -19.33
N PRO D 14 1.03 37.95 -18.71
CA PRO D 14 1.59 38.39 -17.43
C PRO D 14 2.44 39.64 -17.48
N ALA D 15 3.02 39.97 -18.64
CA ALA D 15 3.90 41.14 -18.76
C ALA D 15 3.16 42.44 -19.06
N THR D 16 1.84 42.33 -19.25
CA THR D 16 1.05 43.45 -19.77
C THR D 16 -0.19 43.73 -18.94
N TYR D 17 -1.23 42.92 -19.12
CA TYR D 17 -2.45 43.03 -18.33
C TYR D 17 -3.06 41.65 -18.00
N PHE D 18 -3.61 41.54 -16.79
CA PHE D 18 -4.36 40.34 -16.38
C PHE D 18 -5.08 40.54 -15.06
N GLN D 19 -5.90 39.58 -14.69
CA GLN D 19 -6.61 39.62 -13.43
C GLN D 19 -6.00 38.61 -12.45
N ASP D 20 -5.80 39.06 -11.20
CA ASP D 20 -5.38 38.21 -10.10
C ASP D 20 -6.50 38.19 -9.09
N ARG D 21 -6.22 37.73 -7.86
CA ARG D 21 -7.27 37.60 -6.84
C ARG D 21 -7.77 38.96 -6.37
N ASN D 22 -6.92 39.98 -6.50
CA ASN D 22 -7.23 41.35 -6.06
C ASN D 22 -7.76 42.25 -7.16
N GLY D 23 -7.73 41.76 -8.41
CA GLY D 23 -8.28 42.49 -9.55
C GLY D 23 -7.32 42.71 -10.69
N GLU D 24 -7.57 43.75 -11.47
CA GLU D 24 -6.73 44.05 -12.62
C GLU D 24 -5.30 44.38 -12.19
N THR D 25 -4.32 44.05 -13.03
CA THR D 25 -2.95 44.34 -12.71
C THR D 25 -2.06 44.08 -13.90
N GLY D 26 -0.75 44.23 -13.68
CA GLY D 26 0.26 44.10 -14.71
C GLY D 26 1.02 45.39 -14.92
N PHE D 27 2.23 45.32 -15.46
CA PHE D 27 3.06 46.49 -15.75
C PHE D 27 2.34 47.55 -16.58
N GLU D 28 1.94 47.16 -17.78
CA GLU D 28 1.33 48.06 -18.73
C GLU D 28 0.07 48.64 -18.15
N TYR D 29 -0.60 47.88 -17.31
CA TYR D 29 -1.90 48.30 -16.80
C TYR D 29 -1.76 49.41 -15.78
N GLU D 30 -0.73 49.33 -14.93
CA GLU D 30 -0.52 50.35 -13.91
C GLU D 30 -0.06 51.67 -14.57
N LEU D 31 1.00 51.59 -15.38
CA LEU D 31 1.44 52.72 -16.19
C LEU D 31 0.28 53.43 -16.91
N ALA D 32 -0.69 52.67 -17.40
CA ALA D 32 -1.83 53.26 -18.09
C ALA D 32 -2.93 53.75 -17.15
N LYS D 33 -2.88 53.36 -15.88
CA LYS D 33 -3.88 53.82 -14.91
C LYS D 33 -3.44 55.17 -14.34
N ARG D 34 -2.15 55.28 -14.01
CA ARG D 34 -1.65 56.51 -13.42
C ARG D 34 -1.39 57.54 -14.52
N PHE D 35 -1.87 57.25 -15.73
CA PHE D 35 -1.93 58.22 -16.81
C PHE D 35 -3.31 58.85 -16.84
N ALA D 36 -4.32 58.02 -16.95
CA ALA D 36 -5.70 58.45 -16.81
C ALA D 36 -5.95 59.11 -15.44
N GLU D 37 -5.07 58.82 -14.48
CA GLU D 37 -5.08 59.47 -13.16
C GLU D 37 -4.52 60.90 -13.31
N ARG D 38 -3.42 61.02 -14.05
CA ARG D 38 -2.79 62.29 -14.40
C ARG D 38 -3.41 62.82 -15.67
N LEU D 39 -4.73 62.74 -15.73
CA LEU D 39 -5.50 63.25 -16.84
C LEU D 39 -6.96 63.40 -16.46
N GLY D 40 -7.34 62.85 -15.30
CA GLY D 40 -8.68 63.03 -14.79
C GLY D 40 -9.67 62.56 -15.82
N VAL D 41 -9.41 61.37 -16.35
CA VAL D 41 -10.37 60.60 -17.11
C VAL D 41 -10.33 59.17 -16.56
N GLU D 42 -11.31 58.35 -16.91
CA GLU D 42 -11.39 56.98 -16.41
C GLU D 42 -10.82 55.98 -17.42
N LEU D 43 -10.14 54.94 -16.92
CA LEU D 43 -9.45 53.96 -17.77
C LEU D 43 -10.24 52.68 -18.09
N LYS D 44 -10.34 52.33 -19.37
CA LYS D 44 -11.05 51.14 -19.82
C LYS D 44 -10.19 50.27 -20.75
N ILE D 45 -9.86 49.05 -20.31
CA ILE D 45 -8.99 48.13 -21.05
C ILE D 45 -9.76 47.31 -22.09
N GLU D 46 -9.11 47.03 -23.21
CA GLU D 46 -9.66 46.11 -24.22
C GLU D 46 -8.57 45.14 -24.66
N THR D 47 -8.94 43.88 -24.90
CA THR D 47 -7.95 42.84 -25.19
C THR D 47 -8.06 42.25 -26.59
N ALA D 48 -6.96 42.37 -27.32
CA ALA D 48 -6.86 41.84 -28.67
C ALA D 48 -6.60 40.33 -28.63
N ASP D 49 -7.13 39.56 -29.58
CA ASP D 49 -6.95 38.11 -29.53
C ASP D 49 -5.57 37.70 -30.05
N ASN D 50 -4.87 38.62 -30.70
CA ASN D 50 -3.51 38.37 -31.16
C ASN D 50 -2.90 39.67 -31.67
N LEU D 51 -1.67 39.64 -32.13
CA LEU D 51 -0.96 40.89 -32.38
C LEU D 51 -1.49 41.61 -33.59
N ASP D 52 -1.96 40.89 -34.60
CA ASP D 52 -2.49 41.54 -35.80
C ASP D 52 -3.80 42.25 -35.48
N ASP D 53 -4.63 41.62 -34.65
CA ASP D 53 -5.92 42.21 -34.27
C ASP D 53 -5.67 43.54 -33.55
N LEU D 54 -4.58 43.59 -32.79
CA LEU D 54 -4.28 44.74 -31.98
C LEU D 54 -4.08 45.95 -32.89
N TYR D 55 -3.24 45.78 -33.88
CA TYR D 55 -2.89 46.85 -34.79
C TYR D 55 -4.06 47.21 -35.71
N ALA D 56 -4.89 46.24 -36.04
CA ALA D 56 -6.06 46.49 -36.87
C ALA D 56 -6.95 47.48 -36.18
N GLN D 57 -7.43 47.08 -35.00
CA GLN D 57 -8.35 47.90 -34.22
C GLN D 57 -7.76 49.22 -33.77
N LEU D 58 -6.43 49.33 -33.75
CA LEU D 58 -5.78 50.58 -33.41
C LEU D 58 -6.02 51.63 -34.49
N SER D 59 -5.63 51.29 -35.72
CA SER D 59 -5.90 52.14 -36.89
C SER D 59 -7.34 51.95 -37.38
N ARG D 60 -8.30 52.21 -36.50
CA ARG D 60 -9.71 52.31 -36.89
C ARG D 60 -10.23 53.72 -36.51
N GLU D 61 -11.37 54.08 -37.09
CA GLU D 61 -12.05 55.38 -36.86
C GLU D 61 -12.22 55.69 -35.36
N GLY D 62 -13.08 54.91 -34.69
CA GLY D 62 -13.36 55.06 -33.28
C GLY D 62 -12.91 53.86 -32.48
N GLY D 63 -11.89 53.16 -32.98
CA GLY D 63 -11.18 52.21 -32.15
C GLY D 63 -10.45 52.97 -31.05
N PRO D 64 -9.77 52.25 -30.16
CA PRO D 64 -9.14 52.87 -28.97
C PRO D 64 -8.11 53.94 -29.30
N ALA D 65 -7.60 54.56 -28.25
CA ALA D 65 -6.78 55.75 -28.35
C ALA D 65 -5.28 55.42 -28.43
N LEU D 66 -4.89 54.36 -27.75
CA LEU D 66 -3.51 53.89 -27.80
C LEU D 66 -3.44 52.43 -27.40
N ALA D 67 -2.30 51.81 -27.67
CA ALA D 67 -2.08 50.44 -27.29
C ALA D 67 -0.84 50.35 -26.42
N ALA D 68 -1.04 49.85 -25.20
CA ALA D 68 0.07 49.59 -24.29
C ALA D 68 0.25 48.08 -24.20
N ALA D 69 1.37 47.58 -24.68
CA ALA D 69 1.46 46.14 -24.90
C ALA D 69 2.85 45.66 -25.28
N GLY D 70 3.89 46.28 -24.73
CA GLY D 70 5.21 45.75 -24.93
C GLY D 70 5.68 45.83 -26.36
N LEU D 71 5.14 46.77 -27.12
CA LEU D 71 5.39 46.83 -28.54
C LEU D 71 6.75 47.41 -28.86
N THR D 72 7.43 46.81 -29.82
CA THR D 72 8.66 47.37 -30.34
C THR D 72 8.25 48.39 -31.39
N PRO D 73 8.78 49.63 -31.31
CA PRO D 73 8.38 50.63 -32.31
C PRO D 73 8.60 50.13 -33.75
N GLY D 74 7.91 50.78 -34.69
CA GLY D 74 7.69 50.27 -36.04
C GLY D 74 8.85 49.60 -36.77
N ARG D 75 9.32 50.11 -37.92
CA ARG D 75 8.66 51.08 -38.82
C ARG D 75 8.66 52.53 -38.32
N GLU D 76 8.72 53.43 -39.31
CA GLU D 76 8.55 54.87 -39.17
C GLU D 76 7.89 55.31 -40.47
N ASP D 77 7.66 56.61 -40.66
CA ASP D 77 7.03 57.10 -41.90
C ASP D 77 5.69 56.42 -42.18
N ASP D 78 5.32 55.44 -41.35
CA ASP D 78 4.16 54.60 -41.64
C ASP D 78 2.95 55.25 -41.00
N ALA D 79 3.22 56.43 -40.44
CA ALA D 79 2.23 57.42 -39.97
C ALA D 79 0.91 56.86 -39.44
N SER D 80 0.36 55.81 -40.07
CA SER D 80 -0.72 55.05 -39.46
C SER D 80 -0.33 54.56 -38.07
N VAL D 81 0.96 54.32 -37.84
CA VAL D 81 1.42 53.93 -36.51
C VAL D 81 2.44 54.92 -35.96
N ARG D 82 2.03 55.67 -34.94
CA ARG D 82 2.89 56.65 -34.27
C ARG D 82 3.36 56.12 -32.92
N TYR D 83 4.66 55.88 -32.78
CA TYR D 83 5.20 55.37 -31.53
C TYR D 83 5.75 56.45 -30.57
N SER D 84 5.21 56.47 -29.35
CA SER D 84 5.65 57.33 -28.25
C SER D 84 7.13 57.21 -27.95
N HIS D 85 7.54 57.85 -26.86
CA HIS D 85 8.91 57.68 -26.36
C HIS D 85 9.03 56.31 -25.69
N THR D 86 10.27 55.82 -25.58
CA THR D 86 10.59 54.66 -24.76
C THR D 86 9.95 54.70 -23.37
N TYR D 87 9.89 53.55 -22.71
CA TYR D 87 9.71 53.48 -21.27
C TYR D 87 10.45 52.29 -20.66
N LEU D 88 11.05 51.46 -21.52
CA LEU D 88 11.75 50.24 -21.09
C LEU D 88 12.68 49.72 -22.17
N ASP D 89 13.91 49.41 -21.79
CA ASP D 89 14.88 48.86 -22.72
C ASP D 89 14.94 47.33 -22.59
N VAL D 90 14.85 46.66 -23.74
CA VAL D 90 14.90 45.21 -23.82
C VAL D 90 15.82 44.74 -24.93
N THR D 91 16.30 43.51 -24.82
CA THR D 91 17.06 42.89 -25.89
C THR D 91 16.43 41.54 -26.30
N PRO D 92 16.24 41.35 -27.61
CA PRO D 92 15.71 40.04 -28.01
C PRO D 92 16.77 38.98 -27.73
N GLN D 93 16.35 37.88 -27.11
CA GLN D 93 17.23 36.75 -26.83
C GLN D 93 16.59 35.47 -27.38
N ILE D 94 17.44 34.58 -27.85
CA ILE D 94 16.94 33.29 -28.23
C ILE D 94 17.14 32.34 -27.06
N ILE D 95 16.11 31.54 -26.84
CA ILE D 95 15.94 30.72 -25.66
C ILE D 95 16.02 29.26 -26.07
N TYR D 96 16.81 28.46 -25.34
CA TYR D 96 16.93 27.06 -25.65
C TYR D 96 16.74 26.27 -24.38
N ARG D 97 16.89 24.95 -24.48
CA ARG D 97 16.61 24.04 -23.40
C ARG D 97 17.89 23.54 -22.78
N ASN D 98 18.00 23.62 -21.47
CA ASN D 98 19.10 22.98 -20.75
C ASN D 98 19.25 21.50 -21.16
N GLY D 99 20.48 21.06 -21.44
CA GLY D 99 20.74 19.68 -21.81
C GLY D 99 20.60 19.39 -23.30
N GLN D 100 19.82 20.18 -24.02
CA GLN D 100 19.93 20.20 -25.48
C GLN D 100 21.00 21.24 -25.76
N GLN D 101 21.30 21.52 -27.02
CA GLN D 101 22.51 22.28 -27.25
C GLN D 101 22.31 23.76 -27.56
N ARG D 102 23.14 24.56 -26.92
CA ARG D 102 23.09 26.02 -27.01
C ARG D 102 23.59 26.53 -28.36
N PRO D 103 22.72 27.16 -29.17
CA PRO D 103 23.22 27.83 -30.37
C PRO D 103 24.26 28.91 -30.01
N THR D 104 25.12 29.30 -30.94
CA THR D 104 26.07 30.42 -30.69
C THR D 104 25.72 31.67 -31.54
N ARG D 105 25.48 31.49 -32.84
CA ARG D 105 25.06 32.58 -33.73
C ARG D 105 23.80 32.14 -34.48
N PRO D 106 23.06 33.09 -35.08
CA PRO D 106 22.01 32.85 -36.07
C PRO D 106 22.21 31.62 -36.95
N GLU D 107 23.45 31.22 -37.19
CA GLU D 107 23.73 30.06 -38.04
C GLU D 107 23.19 28.75 -37.46
N ASP D 108 23.14 28.63 -36.14
CA ASP D 108 22.83 27.36 -35.51
C ASP D 108 21.33 27.03 -35.44
N LEU D 109 20.50 27.91 -35.98
CA LEU D 109 19.04 27.79 -35.85
C LEU D 109 18.41 26.98 -36.99
N VAL D 110 19.26 26.57 -37.92
CA VAL D 110 18.81 25.97 -39.17
C VAL D 110 17.85 24.78 -38.97
N GLY D 111 18.26 23.82 -38.17
CA GLY D 111 17.56 22.56 -38.07
C GLY D 111 16.85 22.35 -36.77
N LYS D 112 16.07 23.34 -36.34
CA LYS D 112 15.36 23.23 -35.09
C LYS D 112 13.91 23.63 -35.30
N ARG D 113 13.01 23.09 -34.46
CA ARG D 113 11.63 23.55 -34.41
C ARG D 113 11.68 24.84 -33.62
N ILE D 114 11.34 25.95 -34.28
CA ILE D 114 11.36 27.28 -33.70
C ILE D 114 9.95 27.84 -33.77
N MET D 115 9.39 28.33 -32.66
CA MET D 115 8.07 28.98 -32.74
C MET D 115 8.19 30.40 -32.17
N VAL D 116 7.53 31.36 -32.82
CA VAL D 116 7.40 32.73 -32.30
C VAL D 116 5.99 33.22 -32.50
N LEU D 117 5.67 34.36 -31.91
CA LEU D 117 4.32 34.90 -32.02
C LEU D 117 4.16 35.47 -33.42
N LYS D 118 3.04 35.13 -34.05
CA LYS D 118 2.67 35.67 -35.34
C LYS D 118 2.51 37.18 -35.32
N GLY D 119 3.12 37.86 -36.30
CA GLY D 119 2.99 39.30 -36.46
C GLY D 119 3.73 40.03 -35.35
N SER D 120 4.99 39.70 -35.17
CA SER D 120 5.73 40.20 -34.02
C SER D 120 7.06 40.70 -34.53
N SER D 121 7.68 41.57 -33.75
CA SER D 121 8.98 42.13 -34.08
C SER D 121 9.90 40.95 -34.34
N HIS D 122 9.69 39.92 -33.52
CA HIS D 122 10.54 38.74 -33.53
C HIS D 122 10.27 37.84 -34.74
N ALA D 123 9.02 37.67 -35.17
CA ALA D 123 8.72 37.11 -36.50
C ALA D 123 9.49 37.84 -37.59
N GLU D 124 9.39 39.17 -37.62
CA GLU D 124 10.11 39.97 -38.61
C GLU D 124 11.60 39.71 -38.54
N GLN D 125 12.20 39.72 -37.33
CA GLN D 125 13.65 39.57 -37.23
C GLN D 125 14.09 38.32 -37.97
N LEU D 126 13.21 37.31 -37.94
CA LEU D 126 13.49 35.99 -38.51
C LEU D 126 13.19 35.91 -40.00
N ALA D 127 12.10 36.53 -40.42
CA ALA D 127 11.84 36.73 -41.84
C ALA D 127 13.11 37.29 -42.50
N GLU D 128 13.75 38.22 -41.81
CA GLU D 128 14.96 38.84 -42.34
C GLU D 128 16.17 37.92 -42.23
N LEU D 129 16.34 37.24 -41.09
CA LEU D 129 17.48 36.35 -40.94
C LEU D 129 17.43 35.23 -41.97
N LYS D 130 16.24 34.88 -42.44
CA LYS D 130 16.10 33.82 -43.44
C LYS D 130 16.67 34.27 -44.79
N LYS D 131 16.37 35.51 -45.19
CA LYS D 131 17.15 36.18 -46.23
C LYS D 131 18.60 36.31 -45.70
N GLN D 132 19.44 35.30 -45.94
CA GLN D 132 20.84 35.24 -45.51
C GLN D 132 21.25 33.79 -45.40
N TYR D 133 20.55 33.02 -44.56
CA TYR D 133 20.56 31.56 -44.64
C TYR D 133 19.12 31.12 -44.88
N PRO D 134 18.78 30.70 -46.12
CA PRO D 134 17.38 30.42 -46.50
C PRO D 134 16.72 29.18 -45.87
N GLU D 135 17.33 28.59 -44.86
CA GLU D 135 16.71 27.51 -44.09
C GLU D 135 17.39 27.32 -42.72
N LEU D 136 16.95 27.95 -41.61
CA LEU D 136 15.77 28.84 -41.45
C LEU D 136 14.42 28.21 -41.71
N LYS D 137 14.02 27.31 -40.82
CA LYS D 137 12.63 26.94 -40.71
C LYS D 137 12.17 27.52 -39.38
N TYR D 138 10.95 28.04 -39.35
CA TYR D 138 10.37 28.61 -38.14
C TYR D 138 8.85 28.68 -38.29
N GLU D 139 8.15 28.49 -37.16
CA GLU D 139 6.66 28.53 -37.13
C GLU D 139 6.17 29.81 -36.47
N GLU D 140 4.95 30.20 -36.83
CA GLU D 140 4.30 31.39 -36.33
C GLU D 140 2.91 31.03 -35.84
N SER D 141 2.47 31.57 -34.70
CA SER D 141 1.11 31.29 -34.23
C SER D 141 0.41 32.47 -33.55
N ASP D 142 -0.90 32.57 -33.70
CA ASP D 142 -1.75 33.52 -32.96
C ASP D 142 -2.23 33.00 -31.62
N ALA D 143 -2.53 31.70 -31.58
CA ALA D 143 -3.09 31.10 -30.39
C ALA D 143 -1.96 30.62 -29.47
N VAL D 144 -0.90 31.42 -29.33
CA VAL D 144 0.02 31.29 -28.20
C VAL D 144 0.48 32.69 -27.71
N GLU D 145 0.79 32.81 -26.42
CA GLU D 145 1.44 34.01 -25.89
C GLU D 145 2.89 33.66 -25.57
N VAL D 146 3.67 34.63 -25.14
CA VAL D 146 5.08 34.41 -24.93
C VAL D 146 5.27 33.35 -23.84
N VAL D 147 4.33 33.30 -22.93
CA VAL D 147 4.36 32.38 -21.82
C VAL D 147 4.20 30.90 -22.34
N ASP D 148 3.34 30.70 -23.33
CA ASP D 148 3.22 29.42 -24.06
C ASP D 148 4.53 28.96 -24.70
N LEU D 149 5.20 29.87 -25.40
CA LEU D 149 6.44 29.53 -26.06
C LEU D 149 7.48 29.09 -25.08
N LEU D 150 7.54 29.72 -23.91
CA LEU D 150 8.62 29.40 -22.96
C LEU D 150 8.32 28.03 -22.34
N ARG D 151 7.04 27.79 -22.09
CA ARG D 151 6.51 26.50 -21.66
C ARG D 151 6.94 25.42 -22.65
N MET D 152 6.70 25.67 -23.94
CA MET D 152 7.07 24.74 -24.99
C MET D 152 8.56 24.43 -25.00
N VAL D 153 9.42 25.42 -24.86
CA VAL D 153 10.87 25.17 -24.79
C VAL D 153 11.24 24.35 -23.55
N ASP D 154 10.61 24.67 -22.41
CA ASP D 154 10.85 24.05 -21.09
C ASP D 154 10.57 22.56 -21.09
N VAL D 155 9.45 22.17 -21.71
CA VAL D 155 9.04 20.79 -21.76
C VAL D 155 9.65 20.03 -22.91
N GLY D 156 10.23 20.75 -23.88
CA GLY D 156 10.88 20.11 -25.01
C GLY D 156 10.04 19.93 -26.27
N ASP D 157 8.81 20.43 -26.27
CA ASP D 157 7.97 20.51 -27.51
C ASP D 157 8.42 21.40 -28.72
N ILE D 158 9.30 22.36 -28.48
CA ILE D 158 9.99 23.13 -29.52
C ILE D 158 11.40 23.28 -29.01
N ASP D 159 12.36 23.45 -29.90
CA ASP D 159 13.75 23.54 -29.49
C ASP D 159 14.15 24.97 -29.07
N LEU D 160 13.63 25.97 -29.78
CA LEU D 160 14.05 27.36 -29.53
C LEU D 160 12.92 28.36 -29.67
N THR D 161 13.05 29.48 -29.00
CA THR D 161 12.22 30.62 -29.36
C THR D 161 13.01 31.89 -29.24
N LEU D 162 12.34 32.99 -29.57
CA LEU D 162 12.92 34.33 -29.56
C LEU D 162 11.94 35.28 -28.87
N VAL D 163 12.33 35.85 -27.73
CA VAL D 163 11.48 36.83 -27.04
C VAL D 163 12.29 38.01 -26.43
N ASP D 164 11.59 39.06 -25.98
CA ASP D 164 12.27 40.20 -25.35
C ASP D 164 12.75 39.83 -23.94
N SER D 165 13.96 40.27 -23.58
CA SER D 165 14.56 39.92 -22.28
C SER D 165 13.65 40.21 -21.08
N ASN D 166 12.76 41.17 -21.20
CA ASN D 166 11.83 41.45 -20.11
C ASN D 166 10.80 40.33 -19.86
N GLU D 167 10.39 39.62 -20.91
CA GLU D 167 9.44 38.51 -20.73
C GLU D 167 10.16 37.39 -20.01
N LEU D 168 11.40 37.14 -20.45
CA LEU D 168 12.28 36.17 -19.81
C LEU D 168 12.45 36.47 -18.33
N ALA D 169 12.97 37.65 -18.00
CA ALA D 169 13.13 38.06 -16.62
C ALA D 169 11.89 37.77 -15.74
N MET D 170 10.71 38.03 -16.27
CA MET D 170 9.51 37.89 -15.49
C MET D 170 9.06 36.44 -15.36
N ASN D 171 9.53 35.59 -16.27
CA ASN D 171 9.09 34.17 -16.31
C ASN D 171 10.13 33.08 -16.08
N GLN D 172 11.42 33.40 -16.09
CA GLN D 172 12.43 32.35 -16.04
C GLN D 172 12.22 31.46 -14.82
N VAL D 173 11.76 32.06 -13.72
CA VAL D 173 11.62 31.36 -12.45
C VAL D 173 10.53 30.24 -12.49
N TYR D 174 9.61 30.40 -13.42
CA TYR D 174 8.51 29.48 -13.60
C TYR D 174 8.80 28.43 -14.69
N PHE D 175 9.99 28.51 -15.26
CA PHE D 175 10.41 27.63 -16.33
C PHE D 175 11.86 27.29 -16.08
N PRO D 176 12.12 26.31 -15.21
CA PRO D 176 13.48 25.95 -14.76
C PRO D 176 14.47 25.51 -15.86
N ASN D 177 14.00 24.95 -16.96
CA ASN D 177 14.92 24.44 -17.98
C ASN D 177 15.29 25.46 -19.09
N VAL D 178 14.65 26.62 -19.13
CA VAL D 178 14.99 27.58 -20.18
C VAL D 178 16.27 28.37 -19.88
N ARG D 179 17.05 28.60 -20.92
CA ARG D 179 18.34 29.27 -20.83
C ARG D 179 18.47 30.32 -21.92
N VAL D 180 19.04 31.45 -21.55
CA VAL D 180 19.46 32.42 -22.56
C VAL D 180 20.63 31.83 -23.33
N ALA D 181 20.44 31.68 -24.63
CA ALA D 181 21.55 31.28 -25.48
C ALA D 181 22.39 32.50 -25.84
N PHE D 182 21.78 33.44 -26.57
CA PHE D 182 22.46 34.65 -26.94
C PHE D 182 21.50 35.75 -27.39
N ASP D 183 21.94 37.00 -27.17
CA ASP D 183 21.25 38.18 -27.67
C ASP D 183 21.35 38.27 -29.22
N PHE D 184 20.21 38.62 -29.82
CA PHE D 184 20.06 38.59 -31.26
C PHE D 184 19.35 39.86 -31.66
N GLY D 185 20.15 40.84 -32.09
CA GLY D 185 19.71 42.19 -32.28
C GLY D 185 20.22 43.09 -31.17
N GLU D 186 20.23 44.40 -31.45
CA GLU D 186 20.68 45.40 -30.50
C GLU D 186 19.55 45.69 -29.54
N ALA D 187 19.85 46.19 -28.35
CA ALA D 187 18.79 46.61 -27.44
C ALA D 187 18.00 47.75 -28.06
N ARG D 188 16.68 47.67 -27.96
CA ARG D 188 15.74 48.66 -28.45
C ARG D 188 14.97 49.10 -27.22
N GLY D 189 13.94 49.92 -27.41
CA GLY D 189 13.10 50.34 -26.30
C GLY D 189 11.67 50.20 -26.75
N LEU D 190 10.79 49.99 -25.79
CA LEU D 190 9.41 49.68 -26.11
C LEU D 190 8.55 50.93 -25.99
N ALA D 191 7.44 50.96 -26.71
CA ALA D 191 6.63 52.17 -26.77
C ALA D 191 5.17 51.86 -26.91
N TRP D 192 4.35 52.81 -26.52
CA TRP D 192 2.92 52.80 -26.83
C TRP D 192 2.73 53.19 -28.29
N ALA D 193 1.59 52.78 -28.85
CA ALA D 193 1.29 53.02 -30.25
C ALA D 193 -0.06 53.71 -30.39
N LEU D 194 -0.07 54.77 -31.20
CA LEU D 194 -1.26 55.57 -31.41
C LEU D 194 -1.54 55.58 -32.89
N PRO D 195 -2.83 55.64 -33.26
CA PRO D 195 -3.13 55.64 -34.69
C PRO D 195 -2.71 56.96 -35.34
N GLY D 196 -2.76 57.02 -36.66
CA GLY D 196 -2.38 58.22 -37.39
C GLY D 196 -3.59 59.00 -37.90
N GLY D 197 -3.49 60.33 -37.96
CA GLY D 197 -2.30 61.06 -37.54
C GLY D 197 -2.38 62.58 -37.52
N ASP D 198 -3.49 63.16 -38.01
CA ASP D 198 -3.59 64.63 -38.10
C ASP D 198 -3.44 65.31 -36.74
N ASP D 199 -4.26 64.93 -35.76
CA ASP D 199 -4.21 65.50 -34.40
C ASP D 199 -2.85 65.24 -33.80
N ASP D 200 -2.50 66.01 -32.77
CA ASP D 200 -1.28 65.76 -32.02
C ASP D 200 -1.51 65.76 -30.50
N SER D 201 -2.70 66.20 -30.09
CA SER D 201 -3.04 66.35 -28.67
C SER D 201 -2.56 65.17 -27.81
N LEU D 202 -2.97 63.98 -28.21
CA LEU D 202 -2.76 62.81 -27.40
C LEU D 202 -1.30 62.43 -27.33
N MET D 203 -0.69 62.23 -28.50
CA MET D 203 0.72 61.83 -28.53
C MET D 203 1.57 62.76 -27.65
N ASN D 204 1.12 64.00 -27.47
CA ASN D 204 1.89 64.98 -26.72
C ASN D 204 1.69 64.85 -25.21
N GLU D 205 0.45 64.57 -24.82
CA GLU D 205 0.12 64.45 -23.39
C GLU D 205 0.72 63.14 -22.90
N VAL D 206 0.57 62.09 -23.72
CA VAL D 206 1.21 60.80 -23.48
C VAL D 206 2.73 60.93 -23.34
N ASN D 207 3.38 61.53 -24.34
CA ASN D 207 4.83 61.62 -24.36
C ASN D 207 5.32 62.48 -23.22
N ALA D 208 4.42 63.17 -22.55
CA ALA D 208 4.78 64.03 -21.42
C ALA D 208 4.73 63.24 -20.12
N PHE D 209 3.64 62.51 -19.96
CA PHE D 209 3.48 61.63 -18.81
C PHE D 209 4.71 60.73 -18.64
N LEU D 210 5.12 60.13 -19.75
CA LEU D 210 6.20 59.17 -19.75
C LEU D 210 7.52 59.77 -19.27
N ASP D 211 7.71 61.07 -19.52
CA ASP D 211 8.99 61.71 -19.24
C ASP D 211 9.11 62.13 -17.76
N GLN D 212 8.02 62.67 -17.19
CA GLN D 212 7.98 62.95 -15.75
C GLN D 212 8.13 61.62 -14.99
N ALA D 213 7.42 60.60 -15.46
CA ALA D 213 7.44 59.29 -14.82
C ALA D 213 8.81 58.67 -14.89
N LYS D 214 9.65 59.20 -15.76
CA LYS D 214 11.03 58.74 -15.85
C LYS D 214 11.86 59.26 -14.66
N LYS D 215 11.96 60.58 -14.52
CA LYS D 215 12.64 61.20 -13.35
C LYS D 215 11.97 60.76 -12.04
N GLU D 216 10.66 60.99 -11.97
CA GLU D 216 9.84 60.73 -10.79
C GLU D 216 10.08 59.34 -10.14
N GLY D 217 10.86 58.50 -10.82
CA GLY D 217 11.20 57.17 -10.32
C GLY D 217 10.22 56.10 -10.77
N LEU D 218 9.04 56.54 -11.21
CA LEU D 218 7.85 55.71 -11.39
C LEU D 218 8.05 54.49 -12.28
N LEU D 219 9.02 54.53 -13.18
CA LEU D 219 9.23 53.41 -14.09
C LEU D 219 10.09 52.32 -13.49
N GLN D 220 11.36 52.60 -13.21
CA GLN D 220 12.23 51.61 -12.58
C GLN D 220 11.56 51.15 -11.28
N ARG D 221 10.70 51.98 -10.72
CA ARG D 221 9.85 51.57 -9.60
C ARG D 221 8.98 50.37 -10.04
N LEU D 222 8.30 50.49 -11.17
CA LEU D 222 7.48 49.40 -11.69
C LEU D 222 8.30 48.18 -12.09
N LYS D 223 9.36 48.40 -12.87
CA LYS D 223 10.26 47.33 -13.29
C LYS D 223 10.60 46.43 -12.11
N ASP D 224 11.02 47.02 -11.00
CA ASP D 224 11.38 46.23 -9.82
C ASP D 224 10.17 45.44 -9.30
N ARG D 225 9.00 46.05 -9.35
CA ARG D 225 7.79 45.43 -8.83
C ARG D 225 7.43 44.09 -9.50
N TYR D 226 8.04 43.79 -10.65
CA TYR D 226 7.62 42.65 -11.48
C TYR D 226 8.73 41.66 -11.83
N TYR D 227 9.96 42.15 -11.93
CA TYR D 227 11.02 41.35 -12.57
C TYR D 227 11.78 40.51 -11.54
N GLY D 228 11.76 39.19 -11.75
CA GLY D 228 12.37 38.25 -10.83
C GLY D 228 11.68 38.29 -9.49
N HIS D 229 10.62 37.51 -9.36
CA HIS D 229 9.96 37.38 -8.07
C HIS D 229 9.34 35.99 -7.95
N VAL D 230 9.41 35.41 -6.76
CA VAL D 230 9.06 34.00 -6.56
C VAL D 230 7.53 33.81 -6.50
N ASP D 231 6.79 34.70 -5.84
CA ASP D 231 5.32 34.67 -5.86
C ASP D 231 4.69 33.61 -4.93
N VAL D 232 4.83 32.32 -5.29
CA VAL D 232 4.55 31.17 -4.41
C VAL D 232 5.87 30.48 -4.02
N LEU D 233 6.35 30.72 -2.79
CA LEU D 233 7.64 30.18 -2.36
C LEU D 233 7.66 28.61 -2.38
N GLY D 234 8.80 28.04 -2.80
CA GLY D 234 8.97 26.60 -2.93
C GLY D 234 9.07 25.78 -1.62
N TYR D 235 8.92 24.46 -1.76
CA TYR D 235 8.89 23.54 -0.61
C TYR D 235 10.27 23.50 0.04
N VAL D 236 10.30 23.71 1.35
CA VAL D 236 11.60 23.85 2.06
C VAL D 236 12.29 22.56 2.43
N GLY D 237 11.58 21.44 2.31
CA GLY D 237 12.14 20.15 2.66
C GLY D 237 12.09 19.78 4.12
N ALA D 238 12.19 18.48 4.34
CA ALA D 238 12.41 17.87 5.64
C ALA D 238 13.11 18.78 6.67
N TYR D 239 14.38 19.09 6.44
CA TYR D 239 15.22 19.61 7.52
C TYR D 239 14.87 21.02 8.00
N THR D 240 14.44 21.90 7.11
CA THR D 240 14.18 23.29 7.48
C THR D 240 12.82 23.45 8.15
N PHE D 241 11.79 22.81 7.60
CA PHE D 241 10.60 22.63 8.41
C PHE D 241 11.19 21.82 9.54
N THR D 242 10.69 21.92 10.76
CA THR D 242 11.25 21.19 11.91
C THR D 242 12.16 22.08 12.69
N GLN D 243 13.23 22.52 12.02
CA GLN D 243 14.02 23.62 12.50
C GLN D 243 13.04 24.70 12.94
N HIS D 244 12.00 24.94 12.13
CA HIS D 244 11.08 26.01 12.42
C HIS D 244 9.95 25.57 13.33
N LEU D 245 9.60 24.28 13.32
CA LEU D 245 8.70 23.75 14.36
C LEU D 245 9.27 23.99 15.73
N GLN D 246 10.60 23.94 15.84
CA GLN D 246 11.30 24.16 17.09
C GLN D 246 11.53 25.67 17.36
N GLN D 247 12.27 26.36 16.48
CA GLN D 247 12.53 27.79 16.67
C GLN D 247 11.26 28.69 16.57
N ARG D 248 10.36 28.45 15.61
CA ARG D 248 9.33 29.46 15.30
C ARG D 248 7.95 29.14 15.81
N LEU D 249 7.44 27.95 15.56
CA LEU D 249 6.04 27.69 15.83
C LEU D 249 5.57 27.96 17.26
N PRO D 250 6.44 27.78 18.26
CA PRO D 250 5.90 27.93 19.63
C PRO D 250 5.36 29.34 19.95
N ARG D 251 6.01 30.36 19.40
CA ARG D 251 5.52 31.76 19.53
C ARG D 251 4.09 31.94 19.05
N TYR D 252 3.71 31.23 17.99
CA TYR D 252 2.46 31.55 17.31
C TYR D 252 1.39 30.47 17.47
N GLU D 253 1.77 29.31 17.98
CA GLU D 253 0.86 28.18 18.15
C GLU D 253 -0.41 28.51 18.92
N SER D 254 -0.27 29.15 20.06
CA SER D 254 -1.41 29.63 20.84
C SER D 254 -2.42 30.40 19.98
N HIS D 255 -1.90 31.20 19.06
CA HIS D 255 -2.77 32.07 18.26
C HIS D 255 -3.56 31.27 17.23
N PHE D 256 -2.90 30.37 16.50
CA PHE D 256 -3.62 29.47 15.56
C PHE D 256 -4.71 28.70 16.28
N LYS D 257 -4.34 28.17 17.44
CA LYS D 257 -5.28 27.42 18.24
C LYS D 257 -6.47 28.26 18.66
N GLN D 258 -6.27 29.54 18.92
CA GLN D 258 -7.38 30.42 19.29
C GLN D 258 -8.25 30.70 18.07
N SER D 259 -7.62 31.00 16.93
CA SER D 259 -8.38 31.27 15.71
C SER D 259 -9.08 30.01 15.22
N GLY D 260 -8.53 28.84 15.53
CA GLY D 260 -9.14 27.58 15.11
C GLY D 260 -10.41 27.28 15.89
N LYS D 261 -10.38 27.61 17.18
CA LYS D 261 -11.57 27.57 18.01
C LYS D 261 -12.55 28.68 17.62
N GLN D 262 -12.05 29.90 17.53
CA GLN D 262 -12.85 31.04 17.11
C GLN D 262 -13.69 30.73 15.84
N LYS D 263 -13.13 30.02 14.85
CA LYS D 263 -13.85 29.77 13.60
C LYS D 263 -14.13 28.32 13.31
N ASP D 264 -13.97 27.48 14.33
CA ASP D 264 -14.26 26.05 14.21
C ASP D 264 -13.64 25.39 12.96
N THR D 265 -12.34 25.16 13.02
CA THR D 265 -11.64 24.51 11.93
C THR D 265 -10.29 24.09 12.48
N ASP D 266 -9.69 23.11 11.83
CA ASP D 266 -8.43 22.51 12.24
C ASP D 266 -7.28 23.54 12.20
N TRP D 267 -6.78 23.91 13.39
CA TRP D 267 -5.70 24.87 13.54
C TRP D 267 -4.42 24.49 12.82
N ARG D 268 -4.29 23.22 12.42
CA ARG D 268 -3.06 22.80 11.79
C ARG D 268 -3.04 23.25 10.34
N LEU D 269 -4.24 23.40 9.78
CA LEU D 269 -4.36 23.82 8.40
C LEU D 269 -4.02 25.31 8.38
N LEU D 270 -4.56 26.05 9.34
CA LEU D 270 -4.26 27.46 9.44
C LEU D 270 -2.77 27.70 9.63
N ALA D 271 -2.11 26.83 10.40
CA ALA D 271 -0.67 26.99 10.65
C ALA D 271 0.14 26.66 9.41
N ALA D 272 -0.40 25.84 8.52
CA ALA D 272 0.34 25.48 7.32
C ALA D 272 0.21 26.57 6.26
N ILE D 273 -0.96 27.20 6.17
CA ILE D 273 -1.13 28.34 5.31
C ILE D 273 -0.07 29.37 5.73
N GLY D 274 -0.05 29.63 7.04
CA GLY D 274 0.87 30.58 7.63
C GLY D 274 2.32 30.23 7.33
N TYR D 275 2.65 28.94 7.23
CA TYR D 275 4.03 28.59 6.99
C TYR D 275 4.36 28.85 5.51
N GLN D 276 3.45 28.43 4.62
CA GLN D 276 3.64 28.60 3.17
C GLN D 276 3.76 30.08 2.80
N GLU D 277 2.95 30.90 3.45
CA GLU D 277 2.93 32.31 3.14
C GLU D 277 4.19 33.04 3.63
N SER D 278 4.57 32.87 4.90
CA SER D 278 5.66 33.66 5.51
C SER D 278 6.73 32.89 6.31
N LEU D 279 6.56 31.59 6.44
CA LEU D 279 7.44 30.69 7.21
C LEU D 279 7.35 31.01 8.69
N TRP D 280 6.24 31.61 9.10
CA TRP D 280 6.00 31.98 10.50
C TRP D 280 6.94 33.14 10.94
N GLN D 281 7.19 34.05 9.99
CA GLN D 281 7.89 35.32 10.25
C GLN D 281 6.87 36.44 10.16
N PRO D 282 6.42 36.98 11.30
CA PRO D 282 5.32 37.97 11.27
C PRO D 282 5.70 39.33 10.62
N GLY D 283 6.99 39.57 10.39
CA GLY D 283 7.46 40.80 9.78
C GLY D 283 7.84 40.68 8.32
N ALA D 284 7.27 39.69 7.62
CA ALA D 284 7.65 39.43 6.23
C ALA D 284 6.83 40.26 5.26
N THR D 285 7.40 40.68 4.14
CA THR D 285 6.64 41.42 3.13
C THR D 285 7.13 41.18 1.73
N SER D 286 6.33 41.68 0.79
CA SER D 286 6.62 41.54 -0.61
C SER D 286 6.49 42.88 -1.35
N LYS D 287 7.28 43.04 -2.39
CA LYS D 287 7.10 44.14 -3.34
C LYS D 287 5.67 44.12 -3.92
N THR D 288 4.97 43.01 -3.78
CA THR D 288 3.62 42.87 -4.32
C THR D 288 2.51 43.33 -3.38
N GLY D 289 2.86 43.81 -2.20
CA GLY D 289 1.91 44.47 -1.33
C GLY D 289 1.39 43.72 -0.12
N VAL D 290 1.60 42.40 -0.06
CA VAL D 290 1.17 41.65 1.10
C VAL D 290 2.20 41.72 2.24
N ARG D 291 1.69 41.58 3.47
CA ARG D 291 2.48 41.77 4.68
C ARG D 291 1.90 41.07 5.91
N GLY D 292 2.81 40.60 6.77
CA GLY D 292 2.42 39.91 7.99
C GLY D 292 2.58 38.39 7.90
N LEU D 293 2.08 37.71 8.92
CA LEU D 293 2.26 36.27 9.03
C LEU D 293 1.40 35.50 7.98
N MET D 294 0.16 35.92 7.76
CA MET D 294 -0.66 35.37 6.68
C MET D 294 -0.53 36.14 5.35
N MET D 295 0.44 37.06 5.28
CA MET D 295 0.66 37.89 4.08
C MET D 295 -0.67 38.43 3.47
N LEU D 296 -1.38 39.21 4.26
CA LEU D 296 -2.59 39.89 3.82
C LEU D 296 -2.33 41.20 3.07
N THR D 297 -3.29 41.56 2.22
CA THR D 297 -3.25 42.83 1.52
C THR D 297 -3.74 43.88 2.48
N ASN D 298 -3.46 45.14 2.18
CA ASN D 298 -4.02 46.21 2.99
C ASN D 298 -5.52 46.29 2.84
N ARG D 299 -6.04 45.94 1.68
CA ARG D 299 -7.48 45.87 1.49
C ARG D 299 -8.10 44.76 2.34
N THR D 300 -7.52 43.56 2.26
CA THR D 300 -8.09 42.40 2.93
C THR D 300 -7.95 42.49 4.44
N ALA D 301 -6.82 43.01 4.90
CA ALA D 301 -6.59 43.22 6.33
C ALA D 301 -7.73 44.04 6.91
N GLN D 302 -8.06 45.11 6.20
CA GLN D 302 -9.12 45.98 6.65
C GLN D 302 -10.49 45.32 6.62
N ALA D 303 -10.76 44.55 5.58
CA ALA D 303 -11.97 43.75 5.53
C ALA D 303 -12.11 42.85 6.75
N MET D 304 -11.00 42.29 7.18
CA MET D 304 -11.08 41.24 8.19
C MET D 304 -11.03 41.79 9.62
N GLY D 305 -10.71 43.09 9.74
CA GLY D 305 -10.71 43.76 11.03
C GLY D 305 -9.33 43.80 11.66
N VAL D 306 -8.34 44.08 10.81
CA VAL D 306 -6.94 43.98 11.18
C VAL D 306 -6.29 45.34 11.00
N SER D 307 -5.97 45.99 12.11
CA SER D 307 -5.40 47.33 12.11
C SER D 307 -3.88 47.30 12.05
N ASN D 308 -3.30 46.25 12.60
CA ASN D 308 -1.87 46.10 12.67
C ASN D 308 -1.43 44.82 11.95
N ARG D 309 -1.07 44.93 10.68
CA ARG D 309 -0.78 43.74 9.87
C ARG D 309 0.43 43.00 10.42
N LEU D 310 1.24 43.73 11.18
CA LEU D 310 2.50 43.18 11.66
C LEU D 310 2.34 42.49 13.00
N ASP D 311 1.15 42.53 13.57
CA ASP D 311 0.89 41.74 14.76
C ASP D 311 0.52 40.30 14.37
N PRO D 312 1.28 39.33 14.90
CA PRO D 312 0.94 37.94 14.59
C PRO D 312 -0.49 37.56 14.96
N LYS D 313 -0.89 37.80 16.21
CA LYS D 313 -2.19 37.33 16.67
C LYS D 313 -3.26 37.86 15.74
N GLN D 314 -3.19 39.14 15.46
CA GLN D 314 -4.20 39.81 14.65
C GLN D 314 -4.16 39.27 13.23
N SER D 315 -2.96 39.07 12.73
CA SER D 315 -2.76 38.64 11.35
C SER D 315 -3.30 37.23 11.12
N ILE D 316 -2.91 36.32 12.01
CA ILE D 316 -3.43 34.97 11.99
C ILE D 316 -4.97 34.92 12.02
N GLN D 317 -5.60 35.75 12.84
CA GLN D 317 -7.06 35.79 12.87
C GLN D 317 -7.66 36.32 11.53
N GLY D 318 -6.97 37.25 10.86
CA GLY D 318 -7.49 37.83 9.63
C GLY D 318 -7.46 36.89 8.44
N GLY D 319 -6.26 36.38 8.15
CA GLY D 319 -6.09 35.36 7.13
C GLY D 319 -6.94 34.12 7.38
N SER D 320 -7.15 33.78 8.65
CA SER D 320 -7.93 32.62 8.97
C SER D 320 -9.42 32.88 8.76
N LYS D 321 -9.91 34.05 9.14
CA LYS D 321 -11.31 34.43 8.86
C LYS D 321 -11.49 34.54 7.34
N TYR D 322 -10.47 35.06 6.67
CA TYR D 322 -10.49 35.17 5.22
C TYR D 322 -10.54 33.82 4.56
N PHE D 323 -9.81 32.87 5.14
CA PHE D 323 -9.75 31.53 4.58
C PHE D 323 -11.09 30.83 4.78
N VAL D 324 -11.62 30.87 5.99
CA VAL D 324 -12.80 30.06 6.28
C VAL D 324 -13.99 30.72 5.63
N GLN D 325 -13.91 32.02 5.47
CA GLN D 325 -15.02 32.74 4.85
C GLN D 325 -15.03 32.31 3.37
N ILE D 326 -13.86 32.35 2.75
CA ILE D 326 -13.70 31.97 1.36
C ILE D 326 -14.23 30.56 1.12
N ARG D 327 -13.91 29.67 2.04
CA ARG D 327 -14.40 28.30 2.01
C ARG D 327 -15.91 28.16 2.23
N SER D 328 -16.53 29.02 3.02
CA SER D 328 -17.98 28.97 3.23
C SER D 328 -18.71 29.41 1.95
N GLU D 329 -18.11 30.36 1.25
CA GLU D 329 -18.71 30.96 0.07
C GLU D 329 -18.60 30.05 -1.17
N LEU D 330 -17.91 28.94 -1.05
CA LEU D 330 -17.86 27.91 -2.10
C LEU D 330 -19.24 27.25 -2.36
N PRO D 331 -19.49 26.78 -3.60
CA PRO D 331 -20.80 26.18 -3.91
C PRO D 331 -21.03 24.84 -3.22
N GLU D 332 -22.24 24.62 -2.71
CA GLU D 332 -22.49 23.47 -1.82
C GLU D 332 -22.12 22.12 -2.42
N SER D 333 -22.02 22.05 -3.73
CA SER D 333 -21.74 20.78 -4.41
C SER D 333 -20.36 20.18 -4.01
N ILE D 334 -19.43 21.05 -3.60
CA ILE D 334 -18.08 20.68 -3.20
C ILE D 334 -18.11 20.32 -1.73
N LYS D 335 -17.93 19.03 -1.42
CA LYS D 335 -17.95 18.61 -0.05
C LYS D 335 -16.49 18.43 0.41
N GLU D 336 -16.28 18.37 1.72
CA GLU D 336 -14.95 18.09 2.27
C GLU D 336 -14.54 16.67 1.91
N PRO D 337 -13.24 16.36 1.96
CA PRO D 337 -12.12 17.26 2.27
C PRO D 337 -11.81 18.17 1.09
N ASP D 338 -12.34 17.84 -0.09
CA ASP D 338 -12.09 18.56 -1.33
C ASP D 338 -12.39 20.04 -1.19
N ARG D 339 -13.35 20.38 -0.35
CA ARG D 339 -13.78 21.76 -0.17
C ARG D 339 -12.62 22.62 0.34
N SER D 340 -11.87 22.09 1.30
CA SER D 340 -10.75 22.80 1.88
C SER D 340 -9.66 23.02 0.87
N TRP D 341 -9.49 22.08 -0.05
CA TRP D 341 -8.43 22.23 -1.05
C TRP D 341 -8.81 23.35 -2.06
N PHE D 342 -10.05 23.34 -2.51
CA PHE D 342 -10.53 24.37 -3.39
C PHE D 342 -10.42 25.71 -2.68
N ALA D 343 -10.76 25.74 -1.39
CA ALA D 343 -10.62 26.99 -0.62
C ALA D 343 -9.16 27.45 -0.65
N LEU D 344 -8.22 26.55 -0.46
CA LEU D 344 -6.80 26.95 -0.54
C LEU D 344 -6.51 27.54 -1.94
N ALA D 345 -7.05 26.91 -2.97
CA ALA D 345 -6.85 27.34 -4.32
C ALA D 345 -7.39 28.75 -4.53
N ALA D 346 -8.58 29.03 -4.02
CA ALA D 346 -9.19 30.35 -4.18
C ALA D 346 -8.39 31.41 -3.44
N TYR D 347 -8.02 31.12 -2.18
CA TYR D 347 -7.11 31.98 -1.37
C TYR D 347 -5.93 32.48 -2.22
N ASN D 348 -5.35 31.59 -3.02
CA ASN D 348 -4.24 31.95 -3.90
C ASN D 348 -4.62 32.67 -5.17
N ILE D 349 -5.58 32.10 -5.90
CA ILE D 349 -5.83 32.51 -7.27
C ILE D 349 -7.08 33.36 -7.46
N GLY D 350 -7.96 33.41 -6.46
CA GLY D 350 -9.21 34.14 -6.57
C GLY D 350 -10.37 33.24 -6.99
N GLY D 351 -11.55 33.50 -6.43
CA GLY D 351 -12.73 32.73 -6.77
C GLY D 351 -13.02 32.66 -8.26
N ALA D 352 -12.80 33.76 -8.99
CA ALA D 352 -13.27 33.86 -10.39
C ALA D 352 -12.48 32.95 -11.31
N HIS D 353 -11.15 33.04 -11.27
CA HIS D 353 -10.31 32.10 -12.03
C HIS D 353 -10.64 30.65 -11.66
N LEU D 354 -10.98 30.41 -10.40
CA LEU D 354 -11.29 29.08 -9.94
C LEU D 354 -12.64 28.62 -10.49
N GLU D 355 -13.58 29.55 -10.66
CA GLU D 355 -14.84 29.17 -11.27
C GLU D 355 -14.59 28.81 -12.74
N ASP D 356 -13.75 29.59 -13.42
CA ASP D 356 -13.41 29.26 -14.80
C ASP D 356 -12.85 27.86 -14.90
N ALA D 357 -12.06 27.43 -13.93
CA ALA D 357 -11.42 26.13 -14.02
C ALA D 357 -12.41 25.01 -13.73
N ARG D 358 -13.49 25.33 -13.01
CA ARG D 358 -14.53 24.34 -12.76
C ARG D 358 -15.33 24.15 -14.05
N LYS D 359 -15.75 25.28 -14.62
CA LYS D 359 -16.50 25.35 -15.87
C LYS D 359 -15.73 24.69 -17.03
N MET D 360 -14.40 24.75 -16.99
CA MET D 360 -13.58 24.12 -18.03
C MET D 360 -13.63 22.62 -17.81
N ALA D 361 -13.61 22.22 -16.54
CA ALA D 361 -13.57 20.82 -16.18
C ALA D 361 -14.92 20.15 -16.46
N GLU D 362 -16.01 20.92 -16.35
CA GLU D 362 -17.33 20.48 -16.81
C GLU D 362 -17.26 20.11 -18.32
N LYS D 363 -16.80 21.04 -19.15
CA LYS D 363 -16.73 20.84 -20.61
C LYS D 363 -15.89 19.60 -21.01
N GLU D 364 -14.90 19.26 -20.22
CA GLU D 364 -14.00 18.15 -20.53
C GLU D 364 -14.54 16.83 -20.02
N GLY D 365 -15.73 16.85 -19.46
CA GLY D 365 -16.33 15.66 -18.88
C GLY D 365 -15.59 15.19 -17.65
N LEU D 366 -15.25 16.12 -16.78
CA LEU D 366 -14.69 15.78 -15.48
C LEU D 366 -15.65 16.28 -14.40
N ASN D 367 -15.25 16.06 -13.17
CA ASN D 367 -16.04 16.45 -12.01
C ASN D 367 -15.65 17.82 -11.41
N PRO D 368 -16.51 18.85 -11.55
CA PRO D 368 -16.15 20.21 -11.06
C PRO D 368 -16.22 20.37 -9.54
N ASN D 369 -16.40 19.24 -8.82
CA ASN D 369 -16.39 19.19 -7.35
C ASN D 369 -15.28 18.32 -6.79
N LYS D 370 -14.43 17.77 -7.66
CA LYS D 370 -13.34 16.90 -7.21
C LYS D 370 -12.00 17.57 -7.40
N TRP D 371 -11.25 17.73 -6.30
CA TRP D 371 -9.96 18.41 -6.38
C TRP D 371 -9.08 17.75 -7.43
N LEU D 372 -9.07 16.41 -7.47
CA LEU D 372 -8.07 15.74 -8.31
C LEU D 372 -8.39 15.93 -9.80
N ASP D 373 -9.59 16.37 -10.11
CA ASP D 373 -9.97 16.66 -11.50
C ASP D 373 -9.73 18.14 -11.88
N VAL D 374 -10.08 19.05 -10.98
CA VAL D 374 -9.96 20.48 -11.25
C VAL D 374 -8.51 20.99 -11.12
N LYS D 375 -7.76 20.34 -10.24
CA LYS D 375 -6.31 20.43 -10.15
C LYS D 375 -5.64 20.38 -11.54
N LYS D 376 -6.25 19.63 -12.46
CA LYS D 376 -5.65 19.39 -13.76
C LYS D 376 -6.00 20.46 -14.78
N MET D 377 -7.13 21.12 -14.61
CA MET D 377 -7.51 22.22 -15.46
C MET D 377 -6.72 23.50 -15.12
N LEU D 378 -6.32 23.68 -13.86
CA LEU D 378 -5.78 24.96 -13.41
C LEU D 378 -4.53 25.42 -14.22
N PRO D 379 -3.56 24.53 -14.50
CA PRO D 379 -2.39 24.98 -15.27
C PRO D 379 -2.66 25.37 -16.73
N ARG D 380 -3.85 25.06 -17.22
CA ARG D 380 -4.21 25.42 -18.59
C ARG D 380 -4.54 26.90 -18.70
N LEU D 381 -4.76 27.50 -17.54
CA LEU D 381 -5.17 28.87 -17.47
C LEU D 381 -4.01 29.74 -17.85
N ALA D 382 -2.82 29.17 -17.98
CA ALA D 382 -1.66 29.91 -18.46
C ALA D 382 -1.35 29.64 -19.93
N GLN D 383 -2.28 28.99 -20.63
CA GLN D 383 -2.11 28.61 -22.03
C GLN D 383 -3.15 29.30 -22.87
N LYS D 384 -2.69 30.06 -23.87
CA LYS D 384 -3.62 30.94 -24.55
C LYS D 384 -4.74 30.19 -25.22
N GLN D 385 -4.40 29.13 -25.95
CA GLN D 385 -5.39 28.32 -26.61
C GLN D 385 -6.52 27.95 -25.62
N TRP D 386 -6.18 27.91 -24.34
CA TRP D 386 -7.17 27.55 -23.33
C TRP D 386 -7.78 28.72 -22.59
N TYR D 387 -6.98 29.71 -22.19
CA TYR D 387 -7.55 30.79 -21.37
C TYR D 387 -8.28 31.87 -22.18
N ALA D 388 -8.07 31.95 -23.50
CA ALA D 388 -8.78 32.96 -24.30
C ALA D 388 -10.24 32.64 -24.37
N LYS D 389 -10.60 31.41 -24.03
CA LYS D 389 -11.99 30.92 -24.07
C LYS D 389 -12.67 30.98 -22.70
N THR D 390 -11.99 31.54 -21.71
CA THR D 390 -12.60 31.67 -20.38
C THR D 390 -13.05 33.09 -20.10
N ARG D 391 -13.85 33.25 -19.07
CA ARG D 391 -14.36 34.56 -18.71
C ARG D 391 -13.26 35.55 -18.31
N TYR D 392 -12.33 35.13 -17.44
CA TYR D 392 -11.32 36.06 -16.89
C TYR D 392 -9.92 35.86 -17.44
N GLY D 393 -9.77 34.97 -18.40
CA GLY D 393 -8.52 34.82 -19.10
C GLY D 393 -7.35 34.32 -18.26
N TYR D 394 -6.14 34.78 -18.61
CA TYR D 394 -4.90 34.26 -18.06
C TYR D 394 -4.75 34.23 -16.51
N ALA D 395 -4.12 33.18 -15.98
CA ALA D 395 -3.72 33.07 -14.56
C ALA D 395 -2.54 32.14 -14.53
N ARG D 396 -1.64 32.31 -13.57
CA ARG D 396 -0.53 31.39 -13.50
C ARG D 396 -0.98 30.17 -12.64
N GLY D 397 -1.97 29.44 -13.15
CA GLY D 397 -2.66 28.38 -12.41
C GLY D 397 -1.79 27.25 -11.91
N GLY D 398 -0.65 27.05 -12.54
CA GLY D 398 0.25 26.00 -12.12
C GLY D 398 0.85 26.32 -10.77
N GLU D 399 1.01 27.62 -10.47
CA GLU D 399 1.54 28.02 -9.18
C GLU D 399 0.49 27.91 -8.10
N THR D 400 -0.76 27.92 -8.52
CA THR D 400 -1.84 27.69 -7.61
C THR D 400 -1.78 26.25 -7.10
N VAL D 401 -1.57 25.31 -8.02
CA VAL D 401 -1.40 23.91 -7.66
C VAL D 401 -0.25 23.73 -6.67
N HIS D 402 0.94 24.26 -6.98
CA HIS D 402 2.08 24.22 -6.06
C HIS D 402 1.76 24.76 -4.68
N PHE D 403 0.98 25.85 -4.61
CA PHE D 403 0.53 26.39 -3.32
C PHE D 403 -0.27 25.33 -2.53
N VAL D 404 -1.28 24.77 -3.15
CA VAL D 404 -2.14 23.81 -2.48
C VAL D 404 -1.35 22.61 -2.03
N GLN D 405 -0.44 22.12 -2.86
CA GLN D 405 0.31 20.92 -2.51
C GLN D 405 1.26 21.25 -1.35
N ASN D 406 2.04 22.32 -1.45
CA ASN D 406 2.91 22.65 -0.34
C ASN D 406 2.18 22.83 0.98
N VAL D 407 0.97 23.37 0.93
CA VAL D 407 0.24 23.66 2.15
C VAL D 407 -0.25 22.33 2.69
N ARG D 408 -0.67 21.41 1.81
CA ARG D 408 -1.09 20.09 2.27
C ARG D 408 0.07 19.27 2.83
N ARG D 409 1.23 19.39 2.18
CA ARG D 409 2.40 18.72 2.63
C ARG D 409 2.73 19.18 4.07
N TYR D 410 2.64 20.48 4.35
CA TYR D 410 2.97 20.98 5.68
C TYR D 410 1.93 20.59 6.70
N TYR D 411 0.68 20.54 6.25
CA TYR D 411 -0.43 20.18 7.07
C TYR D 411 -0.40 18.67 7.42
N ASP D 412 0.20 17.83 6.56
CA ASP D 412 0.28 16.37 6.83
C ASP D 412 1.34 16.14 7.94
N ILE D 413 2.48 16.79 7.77
CA ILE D 413 3.56 16.75 8.74
C ILE D 413 3.12 17.28 10.08
N LEU D 414 2.33 18.35 10.10
CA LEU D 414 1.85 18.91 11.37
C LEU D 414 0.83 18.04 12.08
N THR D 415 -0.02 17.38 11.30
CA THR D 415 -0.97 16.40 11.81
C THR D 415 -0.17 15.27 12.44
N TRP D 416 0.85 14.83 11.72
CA TRP D 416 1.63 13.69 12.15
C TRP D 416 2.32 13.89 13.53
N VAL D 417 2.72 15.11 13.85
CA VAL D 417 3.46 15.33 15.10
C VAL D 417 2.56 15.63 16.29
N THR D 418 1.32 16.03 16.01
CA THR D 418 0.28 16.12 17.01
C THR D 418 -0.53 14.78 17.02
N GLN D 419 0.24 13.68 16.99
CA GLN D 419 -0.25 12.30 16.98
C GLN D 419 -1.61 12.11 16.28
C18 6X4 E . -21.51 -34.97 23.43
C19 6X4 E . -22.62 -35.66 22.70
C2 6X4 E . -22.72 -35.09 21.32
O6 6X4 E . -20.73 -34.43 22.68
O7 6X4 E . -22.34 -36.83 22.63
N6 6X4 E . -21.32 -34.90 24.87
C16 6X4 E . -22.09 -35.40 25.98
C15 6X4 E . -21.26 -35.69 27.26
O5 6X4 E . -21.95 -36.11 28.17
C17 6X4 E . -22.84 -36.65 25.62
N5 6X4 E . -19.77 -35.45 27.33
C14 6X4 E . -18.69 -35.60 28.33
C20 6X4 E . -17.91 -36.94 28.38
O2 6X4 E . -17.28 -37.08 29.45
C11 6X4 E . -17.58 -34.67 27.87
C10 6X4 E . -16.21 -34.37 28.57
C9 6X4 E . -15.33 -35.25 29.45
O4 6X4 E . -14.44 -35.87 28.90
O8 6X4 E . -17.99 -37.59 27.31
N4 6X4 E . -15.51 -35.21 30.89
C4 6X4 E . -14.67 -35.96 31.75
C3 6X4 E . -14.97 -37.43 32.06
O3 6X4 E . -14.98 -38.20 31.11
C5 6X4 E . -13.56 -35.12 32.30
C6 6X4 E . -12.54 -34.91 31.18
C7 6X4 E . -11.21 -35.55 31.47
C8 6X4 E . -10.30 -35.48 30.23
N2 6X4 E . -8.95 -35.12 30.53
N1 6X4 E . -15.30 -38.14 33.26
C1 6X4 E . -15.39 -37.64 34.58
C13 6X4 E . -14.04 -37.17 34.97
C12 6X4 E . -15.69 -38.76 35.54
O1 6X4 E . -16.15 -38.53 36.62
N3 6X4 E . -15.41 -40.10 35.24
H32 6X4 E . -23.46 -35.51 23.18
H4 6X4 E . -21.94 -35.33 20.80
H3 6X4 E . -22.78 -34.11 21.37
H5 6X4 E . -23.52 -35.43 20.89
H35 6X4 E . -20.59 -34.42 25.11
H28 6X4 E . -22.75 -34.71 26.21
H30 6X4 E . -22.28 -37.21 25.04
H29 6X4 E . -23.66 -36.41 25.14
H31 6X4 E . -23.07 -37.14 26.44
H34 6X4 E . -19.46 -35.14 26.54
H27 6X4 E . -19.00 -35.35 29.22
H18 6X4 E . -17.35 -34.96 26.96
H17 6X4 E . -18.01 -33.79 27.77
H15 6X4 E . -16.37 -33.58 29.10
H16 6X4 E . -15.62 -34.11 27.84
H33 6X4 E . -16.17 -34.70 31.25
H6 6X4 E . -15.23 -35.73 32.52
H7 6X4 E . -13.91 -34.25 32.58
H8 6X4 E . -13.14 -35.57 33.06
H9 6X4 E . -12.41 -33.96 31.05
H10 6X4 E . -12.90 -35.30 30.36
H11 6X4 E . -11.34 -36.48 31.73
H12 6X4 E . -10.77 -35.07 32.22
H13 6X4 E . -10.31 -36.34 29.77
HAO1 6X4 E . -8.58 -35.74 31.11
H19 6X4 E . -8.93 -34.29 30.93
H20 6X4 E . -8.45 -35.10 29.75
H1 6X4 E . -15.44 -39.04 33.16
H2 6X4 E . -16.05 -36.92 34.65
H25 6X4 E . -13.38 -37.51 34.33
H26 6X4 E . -13.83 -37.49 35.87
H24 6X4 E . -14.03 -36.18 34.96
H22 6X4 E . -15.05 -40.32 34.43
#